data_9R5I
#
_entry.id   9R5I
#
_cell.length_a   196.606
_cell.length_b   196.606
_cell.length_c   192.072
_cell.angle_alpha   90.00
_cell.angle_beta   90.00
_cell.angle_gamma   120.00
#
_symmetry.space_group_name_H-M   'P 31 2 1'
#
loop_
_entity.id
_entity.type
_entity.pdbx_description
1 polymer 'F420-reducing [NiFe]-hydrogenase from Methanothermococcus thermolithotrophicus subunit alpha'
2 polymer 'F420-reducing [NiFe]-hydrogenase from Methanothermococcus thermolithotrophicus subunit beta'
3 polymer 'F420-reducing [NiFe]-hydrogenase from Methanothermococcus thermolithotrophicus subunit gamma'
4 non-polymer GLYCEROL
5 non-polymer '2-(N-MORPHOLINO)-ETHANESULFONIC ACID'
6 non-polymer formyl[bis(hydrocyanato-1kappaC)]ironnickel(Fe-Ni)
7 non-polymer 'FE (III) ION'
8 non-polymer 'SULFATE ION'
9 non-polymer 1,2-ETHANEDIOL
10 non-polymer 'FLAVIN-ADENINE DINUCLEOTIDE'
11 non-polymer 'IRON/SULFUR CLUSTER'
12 non-polymer 2-{2-[2-(2-{2-[2-(2-ETHOXY-ETHOXY)-ETHOXY]-ETHOXY}-ETHOXY)-ETHOXY]-ETHOXY}-ETHANOL
13 non-polymer 'FE2/S2 (INORGANIC) CLUSTER'
#
loop_
_entity_poly.entity_id
_entity_poly.type
_entity_poly.pdbx_seq_one_letter_code
_entity_poly.pdbx_strand_id
1 'polypeptide(L)'
;MGKIVEIHPTTRHEGHTKLVLKVDDEGIVEKGAYLSVTPVRGFEKFLVGKPAEFAPIAVSRFCGICPVAHATSAVEAIED
ACDITPPKDGLLLRELCGIGNKMHSHPLHQFLISPDYVPKDDSNEFIKRVQAMRRIGQYIVDAVGGEAIHSPNIKVGGMA
KQITESTKAKMYYKCKEYEKLAKEQLEYLIPIFESRTLNDGTELPEKLGYHDFGYIATHPTYGDRTKIDQDKVVEYTPFD
VYDKDVAIQSSTTVPTYNGRLMEVGPRARFSKFFDFKEKGAMALHIARAYEISVLVKRAMEILDELNVNGKTMSDEPIVG
DGEKLGLGVHEAARGHNTHQAVIDKDGNIVYYNAIVATTWNIPVISKAVEGTHYKFAEHIVRAYDPCISCATHMIIKDYD
DKIIGEKILK
;
A,D
2 'polypeptide(L)'
;MDPFGKYKTVVSARAADKTILKKCQDGGIVSAAYIYGLENGLLDGVIVADKDDKLQTTPKVATTVDEVLEAAGTKYTVCP
TISVIKSAVREYGCEKLGVVGTPCQIIATRKLMKYPIGFRHVPDKLALIVGIFCMENFPYNGMKTIIEEHCGIKMEDVAK
TDIGKGKFWVYSKWGDVKSIKLKETHPYEQQSCHVCMDYTAELADISTGSVGSPDGWSTVFIRTAQGEEFFNKMVEAGAL
EVKPIEEVKPGLGLVEKLSLTKKEKNAKEIEHRKEIGLPVPY
;
B,F
3 'polypeptide(L)'
;MVKIAHIHLCGCTGCLISLADTYEQLLDILNSVELVYALTLVDEKTEIRETDDKILIEREIPDDIDIALVEGSVCLEDEH
SMKDVFDARRKSKIVVALGACAATGGITRFCRGGQMSKPVHSSFVPIGDLIKVDLALPGCPPSPEALVNLITAALNGDTE
YLEIYAELAKKTEACGCDLLVNVINKSLCMGCGSCAASCPTRAIEMIDGKPNVLKELCIKCGACSLQCPRIRFPKLIEEI
E
;
C,E
#
# COMPACT_ATOMS: atom_id res chain seq x y z
N GLY A 2 -31.75 22.26 -42.88
CA GLY A 2 -31.85 22.90 -41.59
C GLY A 2 -32.30 21.97 -40.48
N LYS A 3 -31.42 21.05 -40.06
CA LYS A 3 -31.74 20.12 -38.99
C LYS A 3 -30.46 19.61 -38.34
N ILE A 4 -30.56 19.25 -37.07
CA ILE A 4 -29.46 18.68 -36.30
C ILE A 4 -29.63 17.16 -36.24
N VAL A 5 -28.55 16.42 -36.48
CA VAL A 5 -28.55 14.98 -36.37
C VAL A 5 -27.57 14.62 -35.25
N GLU A 6 -28.05 13.89 -34.25
CA GLU A 6 -27.23 13.44 -33.14
C GLU A 6 -27.31 11.92 -33.09
N ILE A 7 -26.16 11.26 -33.22
CA ILE A 7 -26.03 9.82 -33.06
C ILE A 7 -25.31 9.60 -31.74
N HIS A 8 -25.90 8.81 -30.85
CA HIS A 8 -25.32 8.65 -29.53
C HIS A 8 -25.81 7.42 -28.80
N PRO A 9 -24.92 6.48 -28.41
CA PRO A 9 -23.48 6.44 -28.72
C PRO A 9 -23.21 5.89 -30.12
N THR A 10 -22.06 6.21 -30.68
CA THR A 10 -21.58 5.53 -31.87
C THR A 10 -21.03 4.16 -31.49
N THR A 11 -21.07 3.23 -32.44
CA THR A 11 -20.88 1.82 -32.15
C THR A 11 -19.73 1.22 -32.95
N ARG A 12 -19.36 0.01 -32.53
CA ARG A 12 -18.30 -0.76 -33.18
C ARG A 12 -17.02 0.05 -33.30
N HIS A 13 -16.73 0.79 -32.23
CA HIS A 13 -15.40 1.24 -31.86
C HIS A 13 -15.33 1.16 -30.34
N GLU A 14 -14.15 1.38 -29.78
CA GLU A 14 -13.99 1.31 -28.34
C GLU A 14 -14.50 2.60 -27.70
N GLY A 15 -15.29 2.47 -26.65
CA GLY A 15 -15.62 3.59 -25.81
C GLY A 15 -16.92 4.28 -26.18
N HIS A 16 -17.05 5.50 -25.65
CA HIS A 16 -18.31 6.24 -25.56
C HIS A 16 -18.14 7.58 -26.23
N THR A 17 -18.78 7.74 -27.39
CA THR A 17 -18.69 9.02 -28.08
C THR A 17 -20.06 9.52 -28.47
N LYS A 18 -20.08 10.61 -29.23
CA LYS A 18 -21.28 11.27 -29.70
C LYS A 18 -21.00 11.89 -31.05
N LEU A 19 -21.92 11.72 -31.99
CA LEU A 19 -21.88 12.49 -33.23
C LEU A 19 -22.95 13.57 -33.17
N VAL A 20 -22.56 14.81 -33.42
CA VAL A 20 -23.47 15.95 -33.42
C VAL A 20 -23.26 16.65 -34.75
N LEU A 21 -24.18 16.43 -35.68
CA LEU A 21 -24.04 16.90 -37.05
C LEU A 21 -25.09 17.95 -37.38
N LYS A 22 -24.66 19.02 -38.04
CA LYS A 22 -25.54 19.98 -38.68
C LYS A 22 -25.63 19.60 -40.16
N VAL A 23 -26.84 19.31 -40.62
CA VAL A 23 -27.06 18.81 -41.98
C VAL A 23 -28.10 19.70 -42.67
N ASP A 24 -27.91 19.91 -43.98
CA ASP A 24 -28.85 20.68 -44.77
C ASP A 24 -30.08 19.83 -45.08
N ASP A 25 -30.99 20.35 -45.92
CA ASP A 25 -32.25 19.68 -46.17
C ASP A 25 -32.10 18.40 -46.97
N GLU A 26 -30.93 18.13 -47.55
CA GLU A 26 -30.66 16.89 -48.26
C GLU A 26 -29.83 15.92 -47.43
N GLY A 27 -29.61 16.22 -46.15
CA GLY A 27 -28.89 15.34 -45.26
C GLY A 27 -27.39 15.49 -45.29
N ILE A 28 -26.85 16.38 -46.13
CA ILE A 28 -25.41 16.53 -46.23
C ILE A 28 -24.90 17.27 -44.99
N VAL A 29 -23.86 16.72 -44.36
CA VAL A 29 -23.29 17.33 -43.17
C VAL A 29 -22.64 18.66 -43.54
N GLU A 30 -23.05 19.73 -42.85
CA GLU A 30 -22.46 21.05 -43.02
C GLU A 30 -21.43 21.37 -41.95
N LYS A 31 -21.69 21.00 -40.69
CA LYS A 31 -20.72 21.15 -39.62
C LYS A 31 -20.70 19.87 -38.78
N GLY A 32 -19.51 19.30 -38.62
CA GLY A 32 -19.36 18.04 -37.93
C GLY A 32 -18.81 18.20 -36.53
N ALA A 33 -19.20 17.27 -35.66
CA ALA A 33 -18.71 17.24 -34.29
C ALA A 33 -18.66 15.79 -33.84
N TYR A 34 -17.45 15.25 -33.72
CA TYR A 34 -17.21 13.96 -33.07
C TYR A 34 -16.48 14.24 -31.76
N LEU A 35 -17.01 13.73 -30.65
CA LEU A 35 -16.45 14.09 -29.36
C LEU A 35 -16.61 12.94 -28.38
N SER A 36 -15.64 12.83 -27.48
CA SER A 36 -15.72 11.85 -26.41
C SER A 36 -16.58 12.39 -25.29
N VAL A 37 -17.47 11.54 -24.77
CA VAL A 37 -18.20 11.82 -23.55
C VAL A 37 -17.85 10.83 -22.45
N THR A 38 -16.82 10.02 -22.67
CA THR A 38 -16.38 9.09 -21.65
C THR A 38 -15.90 9.85 -20.42
N PRO A 39 -16.29 9.45 -19.21
CA PRO A 39 -15.73 10.10 -18.02
C PRO A 39 -14.21 10.07 -18.03
N VAL A 40 -13.61 11.06 -17.37
CA VAL A 40 -12.17 11.25 -17.34
C VAL A 40 -11.65 10.60 -16.06
N ARG A 41 -11.05 9.42 -16.19
CA ARG A 41 -10.46 8.78 -15.02
C ARG A 41 -9.29 9.59 -14.46
N GLY A 42 -8.53 10.25 -15.33
CA GLY A 42 -7.57 11.24 -14.89
C GLY A 42 -6.20 10.71 -14.54
N PHE A 43 -5.64 9.83 -15.38
CA PHE A 43 -4.37 9.21 -15.06
C PHE A 43 -3.26 10.24 -14.89
N GLU A 44 -3.22 11.26 -15.74
CA GLU A 44 -2.07 12.22 -15.67
C GLU A 44 -2.05 12.95 -14.33
N LYS A 45 -3.16 12.95 -13.61
CA LYS A 45 -3.21 13.72 -12.37
C LYS A 45 -3.00 12.87 -11.12
N PHE A 46 -3.42 11.61 -11.10
CA PHE A 46 -3.15 10.80 -9.92
C PHE A 46 -1.81 10.08 -10.00
N LEU A 47 -1.11 10.18 -11.15
CA LEU A 47 0.24 9.63 -11.23
C LEU A 47 1.26 10.53 -10.56
N VAL A 48 0.95 11.83 -10.52
CA VAL A 48 1.83 12.80 -9.80
C VAL A 48 1.83 12.37 -8.34
N GLY A 49 3.00 12.26 -7.73
CA GLY A 49 3.07 11.79 -6.36
C GLY A 49 3.37 10.32 -6.22
N LYS A 50 3.44 9.59 -7.33
CA LYS A 50 3.59 8.15 -7.33
C LYS A 50 4.91 7.75 -7.99
N PRO A 51 5.42 6.56 -7.69
CA PRO A 51 6.74 6.18 -8.20
C PRO A 51 6.70 5.89 -9.68
N ALA A 52 7.88 5.98 -10.31
CA ALA A 52 7.96 5.90 -11.77
C ALA A 52 7.55 4.51 -12.27
N GLU A 53 8.00 3.45 -11.59
CA GLU A 53 7.68 2.10 -12.04
C GLU A 53 6.19 1.80 -11.99
N PHE A 54 5.39 2.66 -11.36
CA PHE A 54 3.94 2.52 -11.38
C PHE A 54 3.32 3.09 -12.65
N ALA A 55 4.05 3.90 -13.40
CA ALA A 55 3.48 4.50 -14.61
C ALA A 55 3.12 3.46 -15.66
N PRO A 56 4.06 2.64 -16.15
CA PRO A 56 3.68 1.65 -17.18
C PRO A 56 2.62 0.68 -16.71
N ILE A 57 2.52 0.45 -15.40
CA ILE A 57 1.45 -0.40 -14.90
C ILE A 57 0.12 0.34 -14.96
N ALA A 58 0.11 1.60 -14.53
CA ALA A 58 -1.13 2.36 -14.49
C ALA A 58 -1.60 2.73 -15.89
N VAL A 59 -0.75 3.39 -16.67
CA VAL A 59 -1.17 3.88 -17.98
C VAL A 59 -1.48 2.74 -18.93
N SER A 60 -1.05 1.52 -18.61
CA SER A 60 -1.48 0.37 -19.39
C SER A 60 -2.99 0.21 -19.33
N ARG A 61 -3.62 0.71 -18.27
CA ARG A 61 -5.06 0.59 -18.10
C ARG A 61 -5.83 1.69 -18.83
N PHE A 62 -5.18 2.55 -19.61
CA PHE A 62 -5.92 3.42 -20.50
C PHE A 62 -6.94 2.61 -21.29
N CYS A 63 -6.54 1.43 -21.74
CA CYS A 63 -7.30 0.65 -22.71
C CYS A 63 -6.76 -0.77 -22.74
N GLY A 64 -7.65 -1.74 -22.89
CA GLY A 64 -7.26 -3.12 -23.00
C GLY A 64 -6.98 -3.60 -24.41
N ILE A 65 -7.19 -2.76 -25.43
CA ILE A 65 -6.90 -3.15 -26.80
C ILE A 65 -5.46 -2.85 -27.17
N CYS A 66 -4.90 -1.77 -26.65
CA CYS A 66 -3.56 -1.34 -27.03
C CYS A 66 -2.66 -1.08 -25.83
N PRO A 67 -2.89 -1.74 -24.69
CA PRO A 67 -2.17 -1.33 -23.47
C PRO A 67 -0.66 -1.25 -23.67
N VAL A 68 -0.10 -2.08 -24.55
CA VAL A 68 1.34 -2.08 -24.77
C VAL A 68 1.83 -0.73 -25.25
N ALA A 69 0.98 0.02 -25.96
CA ALA A 69 1.42 1.28 -26.53
C ALA A 69 1.61 2.35 -25.46
N HIS A 70 0.80 2.31 -24.40
CA HIS A 70 0.94 3.29 -23.33
C HIS A 70 2.05 2.89 -22.36
N ALA A 71 2.25 1.60 -22.12
CA ALA A 71 3.40 1.17 -21.33
C ALA A 71 4.70 1.54 -22.03
N THR A 72 4.76 1.36 -23.35
CA THR A 72 5.97 1.69 -24.10
C THR A 72 6.25 3.18 -24.07
N SER A 73 5.22 4.01 -24.34
CA SER A 73 5.43 5.46 -24.36
C SER A 73 5.83 5.96 -22.98
N ALA A 74 5.27 5.37 -21.93
CA ALA A 74 5.59 5.81 -20.58
C ALA A 74 7.07 5.56 -20.26
N VAL A 75 7.52 4.31 -20.43
CA VAL A 75 8.90 3.99 -20.06
C VAL A 75 9.88 4.73 -20.95
N GLU A 76 9.52 4.97 -22.22
CA GLU A 76 10.39 5.77 -23.08
C GLU A 76 10.48 7.20 -22.57
N ALA A 77 9.38 7.74 -22.06
CA ALA A 77 9.40 9.10 -21.55
C ALA A 77 10.18 9.21 -20.25
N ILE A 78 10.07 8.19 -19.40
CA ILE A 78 10.83 8.21 -18.14
C ILE A 78 12.30 7.92 -18.40
N GLU A 79 12.59 7.00 -19.31
CA GLU A 79 13.99 6.78 -19.71
C GLU A 79 14.59 8.05 -20.28
N ASP A 80 13.82 8.81 -21.06
CA ASP A 80 14.33 10.06 -21.61
C ASP A 80 14.55 11.09 -20.51
N ALA A 81 13.70 11.09 -19.49
CA ALA A 81 13.81 12.08 -18.42
C ALA A 81 14.99 11.82 -17.51
N CYS A 82 15.47 10.57 -17.44
CA CYS A 82 16.57 10.20 -16.56
C CYS A 82 17.82 9.77 -17.33
N ASP A 83 17.81 9.85 -18.65
CA ASP A 83 18.96 9.46 -19.47
C ASP A 83 19.35 8.01 -19.21
N ILE A 84 18.34 7.14 -19.15
CA ILE A 84 18.54 5.69 -19.11
C ILE A 84 18.53 5.17 -20.53
N THR A 85 19.44 4.23 -20.81
CA THR A 85 19.52 3.60 -22.13
C THR A 85 19.20 2.12 -21.99
N PRO A 86 18.09 1.63 -22.53
CA PRO A 86 17.79 0.20 -22.44
C PRO A 86 18.77 -0.60 -23.29
N PRO A 87 19.15 -1.80 -22.84
CA PRO A 87 20.10 -2.60 -23.63
C PRO A 87 19.49 -3.05 -24.95
N LYS A 88 20.37 -3.33 -25.91
CA LYS A 88 19.95 -3.61 -27.28
C LYS A 88 18.80 -4.61 -27.33
N ASP A 89 18.95 -5.75 -26.64
CA ASP A 89 17.99 -6.83 -26.77
C ASP A 89 16.69 -6.57 -26.01
N GLY A 90 16.72 -5.73 -24.98
CA GLY A 90 15.48 -5.32 -24.36
C GLY A 90 14.66 -4.42 -25.27
N LEU A 91 15.32 -3.52 -25.99
CA LEU A 91 14.60 -2.66 -26.93
C LEU A 91 13.97 -3.47 -28.05
N LEU A 92 14.65 -4.54 -28.50
CA LEU A 92 14.08 -5.40 -29.53
C LEU A 92 12.82 -6.10 -29.02
N LEU A 93 12.88 -6.65 -27.80
CA LEU A 93 11.71 -7.30 -27.23
C LEU A 93 10.57 -6.31 -27.03
N ARG A 94 10.90 -5.09 -26.62
CA ARG A 94 9.88 -4.06 -26.43
C ARG A 94 9.18 -3.76 -27.74
N GLU A 95 9.95 -3.52 -28.80
CA GLU A 95 9.35 -3.29 -30.11
C GLU A 95 8.55 -4.50 -30.56
N LEU A 96 9.08 -5.70 -30.36
CA LEU A 96 8.33 -6.92 -30.67
C LEU A 96 7.02 -6.97 -29.91
N CYS A 97 7.04 -6.59 -28.63
CA CYS A 97 5.81 -6.60 -27.84
C CYS A 97 4.81 -5.60 -28.39
N GLY A 98 5.29 -4.43 -28.80
CA GLY A 98 4.40 -3.46 -29.43
C GLY A 98 3.89 -3.94 -30.78
N ILE A 99 4.71 -4.66 -31.53
CA ILE A 99 4.29 -5.15 -32.83
C ILE A 99 3.29 -6.28 -32.67
N GLY A 100 3.48 -7.15 -31.68
CA GLY A 100 2.50 -8.18 -31.41
C GLY A 100 1.16 -7.59 -31.01
N ASN A 101 1.19 -6.43 -30.34
CA ASN A 101 -0.06 -5.79 -29.94
C ASN A 101 -0.77 -5.17 -31.13
N LYS A 102 -0.03 -4.53 -32.04
CA LYS A 102 -0.65 -4.07 -33.26
C LYS A 102 -1.09 -5.23 -34.14
N MET A 103 -0.58 -6.43 -33.87
CA MET A 103 -0.92 -7.62 -34.70
C MET A 103 -2.28 -8.18 -34.24
N HIS A 104 -2.78 -7.73 -33.09
CA HIS A 104 -4.12 -8.15 -32.62
C HIS A 104 -5.13 -7.02 -32.87
N SER A 105 -4.67 -5.78 -32.86
CA SER A 105 -5.59 -4.65 -32.98
C SER A 105 -6.17 -4.57 -34.40
N HIS A 106 -5.30 -4.54 -35.41
CA HIS A 106 -5.79 -4.39 -36.77
C HIS A 106 -6.77 -5.48 -37.16
N PRO A 107 -6.48 -6.77 -36.99
CA PRO A 107 -7.52 -7.77 -37.26
C PRO A 107 -8.78 -7.52 -36.45
N LEU A 108 -8.63 -7.19 -35.16
CA LEU A 108 -9.79 -6.90 -34.34
C LEU A 108 -10.65 -5.83 -34.98
N HIS A 109 -10.02 -4.74 -35.45
CA HIS A 109 -10.79 -3.66 -36.07
C HIS A 109 -11.46 -4.13 -37.35
N GLN A 110 -10.77 -4.94 -38.15
CA GLN A 110 -11.40 -5.50 -39.34
C GLN A 110 -12.60 -6.36 -38.97
N PHE A 111 -12.58 -6.96 -37.78
CA PHE A 111 -13.72 -7.71 -37.29
C PHE A 111 -14.85 -6.77 -36.85
N LEU A 112 -14.49 -5.64 -36.24
CA LEU A 112 -15.51 -4.67 -35.82
C LEU A 112 -16.28 -4.13 -37.02
N ILE A 113 -15.58 -3.78 -38.10
CA ILE A 113 -16.23 -3.20 -39.27
C ILE A 113 -16.80 -4.25 -40.22
N SER A 114 -16.63 -5.54 -39.90
CA SER A 114 -17.09 -6.57 -40.82
C SER A 114 -18.60 -6.52 -41.08
N PRO A 115 -19.47 -6.15 -40.14
CA PRO A 115 -20.90 -6.09 -40.45
C PRO A 115 -21.24 -5.12 -41.57
N ASP A 116 -20.40 -4.13 -41.84
CA ASP A 116 -20.64 -3.19 -42.92
C ASP A 116 -20.06 -3.65 -44.25
N TYR A 117 -18.94 -4.37 -44.22
CA TYR A 117 -18.16 -4.62 -45.44
C TYR A 117 -18.09 -6.08 -45.85
N VAL A 118 -18.28 -7.02 -44.94
CA VAL A 118 -18.12 -8.44 -45.22
C VAL A 118 -19.50 -9.05 -45.45
N PRO A 119 -19.72 -9.76 -46.56
CA PRO A 119 -21.02 -10.41 -46.77
C PRO A 119 -21.37 -11.37 -45.64
N LYS A 120 -22.67 -11.45 -45.36
CA LYS A 120 -23.13 -12.25 -44.22
C LYS A 120 -22.77 -13.71 -44.35
N ASP A 121 -22.59 -14.21 -45.58
CA ASP A 121 -22.23 -15.61 -45.77
C ASP A 121 -20.75 -15.86 -45.46
N ASP A 122 -19.89 -14.88 -45.69
CA ASP A 122 -18.48 -15.02 -45.38
C ASP A 122 -18.14 -14.68 -43.94
N SER A 123 -19.13 -14.28 -43.14
CA SER A 123 -18.86 -13.77 -41.80
C SER A 123 -18.08 -14.77 -40.97
N ASN A 124 -18.59 -16.01 -40.86
CA ASN A 124 -18.00 -16.96 -39.94
C ASN A 124 -16.55 -17.25 -40.30
N GLU A 125 -16.26 -17.47 -41.58
CA GLU A 125 -14.89 -17.75 -41.98
C GLU A 125 -14.00 -16.51 -41.86
N PHE A 126 -14.56 -15.33 -42.11
CA PHE A 126 -13.81 -14.09 -41.91
C PHE A 126 -13.41 -13.91 -40.45
N ILE A 127 -14.37 -14.14 -39.54
CA ILE A 127 -14.09 -13.99 -38.12
C ILE A 127 -13.07 -15.04 -37.66
N LYS A 128 -13.21 -16.28 -38.12
CA LYS A 128 -12.26 -17.31 -37.74
C LYS A 128 -10.84 -16.91 -38.13
N ARG A 129 -10.68 -16.25 -39.28
CA ARG A 129 -9.34 -15.84 -39.70
C ARG A 129 -8.83 -14.67 -38.87
N VAL A 130 -9.73 -13.78 -38.44
CA VAL A 130 -9.30 -12.69 -37.58
C VAL A 130 -8.84 -13.23 -36.23
N GLN A 131 -9.60 -14.16 -35.65
CA GLN A 131 -9.26 -14.66 -34.32
C GLN A 131 -8.00 -15.52 -34.36
N ALA A 132 -7.78 -16.26 -35.44
CA ALA A 132 -6.54 -17.02 -35.58
C ALA A 132 -5.33 -16.08 -35.63
N MET A 133 -5.48 -14.93 -36.29
CA MET A 133 -4.40 -13.95 -36.30
C MET A 133 -4.24 -13.32 -34.92
N ARG A 134 -5.35 -12.93 -34.29
CA ARG A 134 -5.27 -12.26 -32.99
C ARG A 134 -4.61 -13.15 -31.96
N ARG A 135 -4.94 -14.44 -31.98
CA ARG A 135 -4.32 -15.39 -31.03
C ARG A 135 -2.80 -15.29 -31.14
N ILE A 136 -2.29 -15.23 -32.36
CA ILE A 136 -0.84 -15.16 -32.57
C ILE A 136 -0.28 -13.85 -32.02
N GLY A 137 -0.94 -12.73 -32.34
CA GLY A 137 -0.50 -11.46 -31.81
C GLY A 137 -0.52 -11.43 -30.29
N GLN A 138 -1.58 -11.98 -29.68
CA GLN A 138 -1.68 -11.97 -28.24
C GLN A 138 -0.71 -12.96 -27.59
N TYR A 139 -0.35 -14.04 -28.30
CA TYR A 139 0.66 -14.95 -27.78
C TYR A 139 2.02 -14.26 -27.69
N ILE A 140 2.36 -13.46 -28.70
CA ILE A 140 3.62 -12.71 -28.65
C ILE A 140 3.63 -11.77 -27.45
N VAL A 141 2.49 -11.15 -27.15
CA VAL A 141 2.42 -10.20 -26.04
C VAL A 141 2.44 -10.95 -24.71
N ASP A 142 1.82 -12.13 -24.65
CA ASP A 142 1.90 -12.93 -23.42
C ASP A 142 3.35 -13.33 -23.13
N ALA A 143 4.03 -13.88 -24.14
CA ALA A 143 5.37 -14.42 -23.93
C ALA A 143 6.37 -13.31 -23.57
N VAL A 144 6.38 -12.23 -24.34
CA VAL A 144 7.35 -11.17 -24.14
C VAL A 144 6.92 -10.24 -23.01
N GLY A 145 5.65 -9.81 -23.03
CA GLY A 145 5.19 -8.80 -22.10
C GLY A 145 4.77 -9.34 -20.74
N GLY A 146 4.55 -10.65 -20.63
CA GLY A 146 4.08 -11.23 -19.39
C GLY A 146 2.60 -11.50 -19.38
N GLU A 147 1.82 -10.56 -19.92
CA GLU A 147 0.39 -10.72 -20.11
C GLU A 147 -0.01 -10.03 -21.41
N ALA A 148 -0.98 -10.62 -22.11
CA ALA A 148 -1.42 -10.02 -23.36
C ALA A 148 -2.14 -8.69 -23.12
N ILE A 149 -2.97 -8.63 -22.07
CA ILE A 149 -3.71 -7.43 -21.71
C ILE A 149 -3.03 -6.81 -20.50
N HIS A 150 -2.27 -5.73 -20.73
CA HIS A 150 -1.49 -5.05 -19.70
C HIS A 150 -0.21 -5.81 -19.38
N SER A 151 0.86 -5.51 -20.12
CA SER A 151 2.10 -6.25 -20.00
C SER A 151 2.93 -5.66 -18.87
N PRO A 152 3.18 -6.40 -17.78
CA PRO A 152 4.03 -5.87 -16.71
C PRO A 152 5.52 -5.94 -16.97
N ASN A 153 5.96 -6.69 -17.99
CA ASN A 153 7.39 -6.73 -18.29
C ASN A 153 7.89 -5.41 -18.86
N ILE A 154 7.01 -4.64 -19.50
CA ILE A 154 7.41 -3.34 -20.03
C ILE A 154 7.73 -2.43 -18.84
N LYS A 155 9.02 -2.18 -18.62
CA LYS A 155 9.48 -1.46 -17.44
C LYS A 155 10.45 -0.36 -17.87
N VAL A 156 10.72 0.55 -16.93
CA VAL A 156 11.74 1.56 -17.13
C VAL A 156 13.10 0.88 -17.14
N GLY A 157 13.82 1.01 -18.25
CA GLY A 157 15.11 0.36 -18.42
C GLY A 157 15.12 -0.75 -19.45
N GLY A 158 13.96 -1.17 -19.94
CA GLY A 158 13.89 -2.18 -20.98
C GLY A 158 12.72 -3.12 -20.80
N MET A 159 12.98 -4.41 -20.88
CA MET A 159 11.97 -5.44 -20.66
C MET A 159 12.40 -6.32 -19.49
N ALA A 160 11.43 -6.73 -18.69
CA ALA A 160 11.74 -7.39 -17.43
C ALA A 160 12.32 -8.79 -17.64
N LYS A 161 11.77 -9.55 -18.60
CA LYS A 161 12.13 -10.95 -18.76
C LYS A 161 12.74 -11.20 -20.13
N GLN A 162 13.69 -12.14 -20.15
CA GLN A 162 14.22 -12.70 -21.38
C GLN A 162 13.42 -13.94 -21.74
N ILE A 163 13.18 -14.14 -23.04
CA ILE A 163 12.51 -15.36 -23.49
C ILE A 163 13.57 -16.45 -23.64
N THR A 164 13.16 -17.62 -24.10
CA THR A 164 14.06 -18.72 -24.38
C THR A 164 14.18 -18.92 -25.88
N GLU A 165 15.23 -19.64 -26.29
CA GLU A 165 15.36 -19.99 -27.70
C GLU A 165 14.20 -20.86 -28.16
N SER A 166 13.63 -21.65 -27.24
CA SER A 166 12.39 -22.34 -27.54
C SER A 166 11.28 -21.36 -27.85
N THR A 167 11.04 -20.41 -26.94
CA THR A 167 9.97 -19.43 -27.16
C THR A 167 10.22 -18.63 -28.43
N LYS A 168 11.47 -18.22 -28.66
CA LYS A 168 11.79 -17.46 -29.86
C LYS A 168 11.39 -18.22 -31.12
N ALA A 169 11.77 -19.51 -31.19
CA ALA A 169 11.46 -20.30 -32.37
C ALA A 169 9.96 -20.52 -32.53
N LYS A 170 9.23 -20.67 -31.41
CA LYS A 170 7.78 -20.80 -31.50
C LYS A 170 7.16 -19.57 -32.11
N MET A 171 7.62 -18.38 -31.70
CA MET A 171 7.08 -17.14 -32.25
C MET A 171 7.41 -16.99 -33.72
N TYR A 172 8.65 -17.34 -34.10
CA TYR A 172 9.03 -17.22 -35.51
C TYR A 172 8.16 -18.13 -36.38
N TYR A 173 7.82 -19.31 -35.89
CA TYR A 173 6.97 -20.20 -36.67
C TYR A 173 5.54 -19.69 -36.70
N LYS A 174 5.04 -19.17 -35.58
CA LYS A 174 3.70 -18.59 -35.58
C LYS A 174 3.62 -17.34 -36.44
N CYS A 175 4.72 -16.57 -36.53
CA CYS A 175 4.74 -15.41 -37.41
C CYS A 175 4.67 -15.81 -38.88
N LYS A 176 5.30 -16.94 -39.25
CA LYS A 176 5.19 -17.42 -40.62
C LYS A 176 3.77 -17.84 -40.95
N GLU A 177 3.04 -18.38 -39.97
CA GLU A 177 1.64 -18.73 -40.18
C GLU A 177 0.76 -17.50 -40.20
N TYR A 178 1.04 -16.54 -39.31
CA TYR A 178 0.31 -15.26 -39.33
C TYR A 178 0.46 -14.56 -40.67
N GLU A 179 1.67 -14.57 -41.22
CA GLU A 179 1.89 -13.96 -42.53
C GLU A 179 1.04 -14.63 -43.60
N LYS A 180 0.90 -15.96 -43.53
CA LYS A 180 0.03 -16.67 -44.45
C LYS A 180 -1.42 -16.21 -44.30
N LEU A 181 -1.88 -16.08 -43.06
CA LEU A 181 -3.23 -15.57 -42.82
C LEU A 181 -3.36 -14.13 -43.28
N ALA A 182 -2.32 -13.32 -43.09
CA ALA A 182 -2.39 -11.92 -43.50
C ALA A 182 -2.60 -11.80 -45.01
N LYS A 183 -1.94 -12.66 -45.79
CA LYS A 183 -2.15 -12.61 -47.23
C LYS A 183 -3.57 -13.01 -47.60
N GLU A 184 -4.11 -14.05 -46.96
CA GLU A 184 -5.50 -14.43 -47.19
C GLU A 184 -6.44 -13.29 -46.83
N GLN A 185 -6.27 -12.71 -45.64
CA GLN A 185 -7.09 -11.58 -45.24
C GLN A 185 -6.95 -10.42 -46.21
N LEU A 186 -5.70 -10.02 -46.47
CA LEU A 186 -5.47 -8.83 -47.29
C LEU A 186 -6.03 -9.00 -48.70
N GLU A 187 -5.82 -10.16 -49.31
CA GLU A 187 -6.34 -10.40 -50.66
C GLU A 187 -7.86 -10.42 -50.69
N TYR A 188 -8.51 -10.61 -49.53
CA TYR A 188 -9.96 -10.62 -49.46
C TYR A 188 -10.55 -9.23 -49.20
N LEU A 189 -9.85 -8.40 -48.42
CA LEU A 189 -10.43 -7.13 -47.99
C LEU A 189 -10.09 -5.98 -48.92
N ILE A 190 -8.89 -5.96 -49.50
CA ILE A 190 -8.49 -4.83 -50.34
C ILE A 190 -9.45 -4.66 -51.52
N PRO A 191 -9.87 -5.71 -52.22
CA PRO A 191 -10.88 -5.49 -53.28
C PRO A 191 -12.19 -4.90 -52.75
N ILE A 192 -12.62 -5.31 -51.56
CA ILE A 192 -13.84 -4.75 -50.99
C ILE A 192 -13.65 -3.26 -50.72
N PHE A 193 -12.58 -2.90 -50.01
CA PHE A 193 -12.32 -1.49 -49.71
C PHE A 193 -12.17 -0.67 -50.99
N GLU A 194 -11.60 -1.26 -52.04
CA GLU A 194 -11.43 -0.53 -53.29
C GLU A 194 -12.73 -0.32 -54.03
N SER A 195 -13.75 -1.14 -53.75
CA SER A 195 -15.04 -1.02 -54.43
C SER A 195 -15.86 0.14 -53.90
N ARG A 196 -15.57 0.63 -52.70
CA ARG A 196 -16.32 1.71 -52.06
C ARG A 196 -17.80 1.40 -51.92
N THR A 197 -18.19 0.12 -51.93
CA THR A 197 -19.58 -0.28 -51.71
C THR A 197 -19.67 -1.17 -50.49
N LEU A 198 -20.63 -0.87 -49.61
CA LEU A 198 -20.87 -1.69 -48.44
C LEU A 198 -21.41 -3.06 -48.84
N ASN A 199 -21.65 -3.91 -47.84
CA ASN A 199 -22.13 -5.26 -48.11
C ASN A 199 -23.62 -5.31 -48.46
N ASP A 200 -24.35 -4.21 -48.30
CA ASP A 200 -25.74 -4.13 -48.71
C ASP A 200 -25.92 -3.43 -50.05
N GLY A 201 -24.83 -3.18 -50.78
CA GLY A 201 -24.91 -2.57 -52.09
C GLY A 201 -24.79 -1.07 -52.12
N THR A 202 -24.81 -0.40 -50.96
CA THR A 202 -24.72 1.05 -50.94
C THR A 202 -23.34 1.50 -51.43
N GLU A 203 -23.32 2.35 -52.45
CA GLU A 203 -22.07 2.91 -52.92
C GLU A 203 -21.69 4.09 -52.03
N LEU A 204 -20.42 4.15 -51.65
CA LEU A 204 -20.00 5.27 -50.82
C LEU A 204 -19.45 6.40 -51.71
N PRO A 205 -19.67 7.65 -51.33
CA PRO A 205 -19.14 8.76 -52.13
C PRO A 205 -17.63 8.64 -52.32
N GLU A 206 -17.15 9.09 -53.48
CA GLU A 206 -15.73 8.98 -53.78
C GLU A 206 -14.90 9.87 -52.86
N LYS A 207 -15.44 11.01 -52.45
CA LYS A 207 -14.74 11.93 -51.57
C LYS A 207 -15.07 11.72 -50.09
N LEU A 208 -15.54 10.52 -49.73
CA LEU A 208 -15.93 10.25 -48.35
C LEU A 208 -14.76 10.44 -47.40
N GLY A 209 -14.97 11.28 -46.39
CA GLY A 209 -13.97 11.44 -45.35
C GLY A 209 -12.74 12.22 -45.73
N TYR A 210 -12.80 12.99 -46.81
CA TYR A 210 -11.68 13.85 -47.18
C TYR A 210 -11.48 14.93 -46.11
N HIS A 211 -10.25 15.42 -46.01
CA HIS A 211 -9.93 16.53 -45.13
C HIS A 211 -8.63 17.17 -45.62
N ASP A 212 -8.23 18.26 -44.96
CA ASP A 212 -7.14 19.10 -45.43
C ASP A 212 -5.91 19.07 -44.53
N PHE A 213 -5.89 18.20 -43.53
CA PHE A 213 -4.87 18.24 -42.50
C PHE A 213 -3.68 17.36 -42.86
N GLY A 214 -2.55 17.65 -42.22
CA GLY A 214 -1.35 16.86 -42.38
C GLY A 214 -1.36 15.61 -41.52
N TYR A 215 -0.20 14.96 -41.47
CA TYR A 215 -0.04 13.70 -40.76
C TYR A 215 1.10 13.81 -39.75
N ILE A 216 1.07 12.94 -38.75
CA ILE A 216 2.18 12.76 -37.81
C ILE A 216 2.50 11.28 -37.73
N ALA A 217 3.74 10.93 -38.05
CA ALA A 217 4.23 9.56 -37.92
C ALA A 217 5.73 9.64 -37.73
N THR A 218 6.23 8.96 -36.69
CA THR A 218 7.64 9.03 -36.32
C THR A 218 8.42 7.80 -36.73
N HIS A 219 7.74 6.68 -36.99
CA HIS A 219 8.44 5.40 -37.33
C HIS A 219 7.42 4.49 -38.03
N PRO A 220 7.82 3.46 -38.82
CA PRO A 220 6.84 2.55 -39.38
C PRO A 220 6.37 1.45 -38.44
N THR A 221 7.13 1.13 -37.38
CA THR A 221 6.75 -0.02 -36.53
C THR A 221 6.95 0.27 -35.04
N TYR A 222 7.70 1.30 -34.68
CA TYR A 222 8.00 1.50 -33.26
C TYR A 222 7.83 2.97 -32.88
N GLY A 223 8.93 3.71 -32.83
CA GLY A 223 8.85 5.11 -32.44
C GLY A 223 10.21 5.80 -32.45
N ASP A 224 10.20 7.11 -32.68
CA ASP A 224 11.44 7.87 -32.75
C ASP A 224 11.15 9.28 -32.28
N ARG A 225 11.57 9.61 -31.05
CA ARG A 225 11.29 10.91 -30.47
C ARG A 225 11.99 12.04 -31.22
N THR A 226 12.99 11.74 -32.03
CA THR A 226 13.72 12.79 -32.74
C THR A 226 12.93 13.34 -33.92
N LYS A 227 11.96 12.60 -34.44
CA LYS A 227 11.25 12.97 -35.66
C LYS A 227 10.07 13.89 -35.41
N ILE A 228 9.94 14.43 -34.20
CA ILE A 228 8.88 15.40 -33.89
C ILE A 228 9.46 16.45 -32.96
N ASP A 229 9.05 17.70 -33.19
CA ASP A 229 9.45 18.83 -32.36
C ASP A 229 8.31 19.07 -31.37
N GLN A 230 8.40 18.44 -30.20
CA GLN A 230 7.31 18.48 -29.24
C GLN A 230 6.96 19.89 -28.81
N ASP A 231 7.90 20.84 -28.95
CA ASP A 231 7.60 22.23 -28.59
C ASP A 231 6.48 22.78 -29.47
N LYS A 232 6.37 22.32 -30.71
CA LYS A 232 5.33 22.78 -31.62
C LYS A 232 3.98 22.09 -31.37
N VAL A 233 3.93 21.12 -30.46
CA VAL A 233 2.69 20.43 -30.13
C VAL A 233 2.03 21.18 -28.98
N VAL A 234 0.84 21.73 -29.24
CA VAL A 234 0.08 22.47 -28.24
C VAL A 234 -1.30 21.85 -28.11
N GLU A 235 -1.73 21.63 -26.87
CA GLU A 235 -3.06 21.12 -26.60
C GLU A 235 -4.00 22.29 -26.36
N TYR A 236 -5.10 22.32 -27.10
CA TYR A 236 -6.12 23.36 -26.93
C TYR A 236 -7.41 22.74 -26.39
N THR A 237 -8.33 23.61 -25.98
CA THR A 237 -9.55 23.15 -25.31
C THR A 237 -10.68 22.96 -26.28
N PRO A 238 -11.65 22.08 -26.00
CA PRO A 238 -12.74 21.80 -26.96
C PRO A 238 -13.54 23.02 -27.36
N PHE A 239 -13.52 24.10 -26.57
CA PHE A 239 -14.14 25.35 -26.99
C PHE A 239 -13.53 25.90 -28.28
N ASP A 240 -12.29 25.49 -28.62
CA ASP A 240 -11.59 26.00 -29.78
C ASP A 240 -11.89 25.23 -31.05
N VAL A 241 -12.86 24.31 -31.03
CA VAL A 241 -13.11 23.47 -32.20
C VAL A 241 -14.60 23.11 -32.31
N TYR A 242 -15.30 23.04 -31.18
CA TYR A 242 -16.73 22.80 -31.18
C TYR A 242 -17.49 24.08 -30.83
N ASP A 243 -18.80 24.03 -31.01
CA ASP A 243 -19.67 25.05 -30.43
C ASP A 243 -19.69 24.92 -28.91
N LYS A 244 -20.15 25.98 -28.25
CA LYS A 244 -20.07 26.02 -26.79
C LYS A 244 -20.93 24.92 -26.15
N ASP A 245 -22.16 24.74 -26.66
CA ASP A 245 -23.03 23.70 -26.09
C ASP A 245 -22.53 22.30 -26.40
N VAL A 246 -21.70 22.15 -27.42
CA VAL A 246 -21.05 20.87 -27.69
C VAL A 246 -19.73 20.76 -26.94
N ALA A 247 -19.00 21.87 -26.82
CA ALA A 247 -17.68 21.82 -26.21
C ALA A 247 -17.75 21.35 -24.75
N ILE A 248 -18.74 21.84 -24.00
CA ILE A 248 -18.83 21.49 -22.59
C ILE A 248 -18.99 19.99 -22.40
N GLN A 249 -19.37 19.25 -23.43
CA GLN A 249 -19.52 17.81 -23.32
C GLN A 249 -18.25 17.05 -23.68
N SER A 250 -17.34 17.67 -24.43
CA SER A 250 -16.13 16.96 -24.83
C SER A 250 -15.28 16.64 -23.62
N SER A 251 -14.72 15.43 -23.60
CA SER A 251 -13.85 14.98 -22.52
C SER A 251 -12.38 15.04 -22.86
N THR A 252 -12.02 15.15 -24.14
CA THR A 252 -10.64 15.15 -24.57
C THR A 252 -10.10 16.57 -24.73
N THR A 253 -8.77 16.66 -24.81
CA THR A 253 -8.11 17.87 -25.24
C THR A 253 -8.00 17.88 -26.76
N VAL A 254 -7.54 19.00 -27.30
CA VAL A 254 -7.46 19.17 -28.75
C VAL A 254 -6.02 19.41 -29.16
N PRO A 255 -5.27 18.37 -29.53
CA PRO A 255 -3.86 18.58 -29.88
C PRO A 255 -3.70 19.18 -31.26
N THR A 256 -2.66 20.01 -31.39
CA THR A 256 -2.32 20.67 -32.66
C THR A 256 -0.82 20.69 -32.82
N TYR A 257 -0.37 20.58 -34.08
CA TYR A 257 1.03 20.72 -34.44
C TYR A 257 1.17 21.95 -35.32
N ASN A 258 1.91 22.96 -34.83
CA ASN A 258 2.00 24.25 -35.51
C ASN A 258 0.61 24.87 -35.67
N GLY A 259 -0.22 24.71 -34.65
CA GLY A 259 -1.53 25.32 -34.62
C GLY A 259 -2.55 24.66 -35.52
N ARG A 260 -2.29 23.48 -36.05
CA ARG A 260 -3.19 22.80 -36.95
C ARG A 260 -3.51 21.41 -36.43
N LEU A 261 -4.71 20.95 -36.75
CA LEU A 261 -5.05 19.56 -36.50
C LEU A 261 -4.17 18.66 -37.37
N MET A 262 -3.93 17.45 -36.88
CA MET A 262 -3.17 16.46 -37.62
C MET A 262 -3.87 15.11 -37.49
N GLU A 263 -3.75 14.30 -38.53
CA GLU A 263 -4.19 12.92 -38.49
C GLU A 263 -3.00 12.03 -38.13
N VAL A 264 -3.25 11.03 -37.30
CA VAL A 264 -2.28 9.99 -36.99
C VAL A 264 -2.87 8.64 -37.41
N GLY A 265 -2.01 7.63 -37.46
CA GLY A 265 -2.47 6.28 -37.70
C GLY A 265 -1.78 5.59 -38.86
N PRO A 266 -2.30 4.41 -39.25
CA PRO A 266 -1.65 3.65 -40.33
C PRO A 266 -1.48 4.45 -41.61
N ARG A 267 -2.49 5.20 -42.04
CA ARG A 267 -2.32 5.98 -43.26
C ARG A 267 -1.30 7.08 -43.06
N ALA A 268 -1.27 7.68 -41.86
CA ALA A 268 -0.23 8.65 -41.56
C ALA A 268 1.16 8.02 -41.68
N ARG A 269 1.31 6.78 -41.21
CA ARG A 269 2.57 6.08 -41.34
C ARG A 269 2.84 5.71 -42.79
N PHE A 270 1.84 5.15 -43.47
CA PHE A 270 2.04 4.71 -44.84
C PHE A 270 2.27 5.89 -45.79
N SER A 271 1.80 7.08 -45.44
CA SER A 271 2.08 8.24 -46.28
C SER A 271 3.54 8.66 -46.15
N LYS A 272 4.08 8.68 -44.92
CA LYS A 272 5.44 9.16 -44.74
C LYS A 272 6.46 8.14 -45.24
N PHE A 273 6.23 6.85 -44.99
CA PHE A 273 7.27 5.84 -45.15
C PHE A 273 7.10 4.95 -46.38
N PHE A 274 5.88 4.80 -46.90
CA PHE A 274 5.65 3.93 -48.05
C PHE A 274 4.94 4.66 -49.19
N ASP A 275 5.06 5.98 -49.24
CA ASP A 275 4.56 6.79 -50.35
C ASP A 275 3.12 6.40 -50.70
N PHE A 276 2.27 6.38 -49.69
CA PHE A 276 0.84 6.15 -49.87
C PHE A 276 0.13 7.50 -49.76
N LYS A 277 -0.50 7.93 -50.85
CA LYS A 277 -0.99 9.30 -50.96
C LYS A 277 -2.50 9.42 -51.07
N GLU A 278 -3.24 8.31 -50.96
CA GLU A 278 -4.68 8.38 -51.13
C GLU A 278 -5.34 9.09 -49.95
N LYS A 279 -6.32 9.93 -50.26
CA LYS A 279 -7.13 10.60 -49.26
C LYS A 279 -8.40 9.81 -49.00
N GLY A 280 -9.20 10.28 -48.05
CA GLY A 280 -10.50 9.68 -47.80
C GLY A 280 -10.45 8.58 -46.76
N ALA A 281 -11.63 8.00 -46.51
CA ALA A 281 -11.80 7.02 -45.44
C ALA A 281 -11.43 5.61 -45.88
N MET A 282 -11.72 5.24 -47.14
CA MET A 282 -11.35 3.91 -47.59
C MET A 282 -9.84 3.73 -47.58
N ALA A 283 -9.09 4.81 -47.85
CA ALA A 283 -7.64 4.72 -47.80
C ALA A 283 -7.15 4.33 -46.41
N LEU A 284 -7.87 4.74 -45.37
CA LEU A 284 -7.50 4.36 -44.01
C LEU A 284 -7.63 2.85 -43.81
N HIS A 285 -8.78 2.28 -44.21
CA HIS A 285 -8.96 0.84 -44.10
C HIS A 285 -7.93 0.09 -44.94
N ILE A 286 -7.53 0.65 -46.07
CA ILE A 286 -6.57 0.00 -46.95
C ILE A 286 -5.18 0.03 -46.33
N ALA A 287 -4.76 1.21 -45.85
CA ALA A 287 -3.45 1.31 -45.21
C ALA A 287 -3.37 0.40 -44.00
N ARG A 288 -4.42 0.38 -43.17
CA ARG A 288 -4.42 -0.49 -42.00
C ARG A 288 -4.29 -1.95 -42.40
N ALA A 289 -4.99 -2.35 -43.47
CA ALA A 289 -4.90 -3.73 -43.93
C ALA A 289 -3.48 -4.06 -44.40
N TYR A 290 -2.86 -3.16 -45.15
CA TYR A 290 -1.50 -3.41 -45.65
C TYR A 290 -0.48 -3.42 -44.53
N GLU A 291 -0.68 -2.60 -43.49
CA GLU A 291 0.30 -2.55 -42.41
C GLU A 291 0.42 -3.89 -41.68
N ILE A 292 -0.59 -4.76 -41.77
CA ILE A 292 -0.49 -6.08 -41.15
C ILE A 292 0.70 -6.84 -41.72
N SER A 293 0.94 -6.72 -43.03
CA SER A 293 2.09 -7.38 -43.63
C SER A 293 3.39 -6.72 -43.19
N VAL A 294 3.37 -5.40 -43.02
CA VAL A 294 4.57 -4.70 -42.55
C VAL A 294 4.93 -5.14 -41.14
N LEU A 295 3.92 -5.31 -40.29
CA LEU A 295 4.19 -5.62 -38.88
C LEU A 295 4.78 -7.02 -38.72
N VAL A 296 4.12 -8.03 -39.27
CA VAL A 296 4.57 -9.40 -39.06
C VAL A 296 5.92 -9.63 -39.71
N LYS A 297 6.23 -8.91 -40.79
CA LYS A 297 7.52 -9.07 -41.44
C LYS A 297 8.64 -8.43 -40.62
N ARG A 298 8.33 -7.34 -39.91
CA ARG A 298 9.31 -6.76 -38.99
C ARG A 298 9.47 -7.60 -37.74
N ALA A 299 8.42 -8.30 -37.31
CA ALA A 299 8.52 -9.16 -36.13
C ALA A 299 9.49 -10.31 -36.38
N MET A 300 9.43 -10.91 -37.57
CA MET A 300 10.39 -11.96 -37.91
C MET A 300 11.79 -11.40 -38.09
N GLU A 301 11.90 -10.15 -38.56
CA GLU A 301 13.20 -9.51 -38.67
C GLU A 301 13.80 -9.27 -37.29
N ILE A 302 12.97 -8.92 -36.31
CA ILE A 302 13.46 -8.71 -34.95
C ILE A 302 13.93 -10.04 -34.36
N LEU A 303 13.09 -11.08 -34.47
CA LEU A 303 13.45 -12.38 -33.93
C LEU A 303 14.77 -12.87 -34.52
N ASP A 304 14.99 -12.63 -35.81
CA ASP A 304 16.27 -12.99 -36.42
C ASP A 304 17.42 -12.24 -35.76
N GLU A 305 17.19 -10.98 -35.39
CA GLU A 305 18.22 -10.16 -34.77
C GLU A 305 18.33 -10.39 -33.26
N LEU A 306 17.28 -10.90 -32.62
CA LEU A 306 17.25 -11.00 -31.18
C LEU A 306 18.33 -11.95 -30.68
N ASN A 307 19.04 -11.54 -29.64
CA ASN A 307 19.93 -12.43 -28.89
C ASN A 307 19.18 -12.84 -27.61
N VAL A 308 18.79 -14.11 -27.55
CA VAL A 308 17.92 -14.56 -26.47
C VAL A 308 18.58 -14.39 -25.11
N ASN A 309 19.92 -14.39 -25.07
CA ASN A 309 20.64 -14.29 -23.81
C ASN A 309 21.14 -12.88 -23.51
N GLY A 310 20.85 -11.91 -24.38
CA GLY A 310 21.29 -10.56 -24.13
C GLY A 310 20.55 -9.90 -22.99
N LYS A 311 21.24 -8.98 -22.31
CA LYS A 311 20.63 -8.22 -21.23
C LYS A 311 19.41 -7.47 -21.76
N THR A 312 18.35 -7.45 -20.96
CA THR A 312 17.11 -6.78 -21.33
C THR A 312 16.74 -5.65 -20.39
N MET A 313 17.38 -5.53 -19.22
CA MET A 313 17.14 -4.44 -18.30
C MET A 313 18.41 -3.63 -18.11
N SER A 314 18.30 -2.32 -18.27
CA SER A 314 19.40 -1.43 -17.91
C SER A 314 19.61 -1.47 -16.42
N ASP A 315 20.88 -1.45 -16.01
CA ASP A 315 21.21 -1.35 -14.59
C ASP A 315 21.18 0.08 -14.07
N GLU A 316 20.98 1.07 -14.96
CA GLU A 316 20.96 2.44 -14.52
C GLU A 316 19.79 2.67 -13.56
N PRO A 317 19.95 3.56 -12.58
CA PRO A 317 18.86 3.84 -11.64
C PRO A 317 17.91 4.91 -12.15
N ILE A 318 16.65 4.78 -11.73
CA ILE A 318 15.64 5.77 -12.07
C ILE A 318 15.85 7.00 -11.21
N VAL A 319 16.65 7.94 -11.71
CA VAL A 319 16.95 9.18 -10.99
C VAL A 319 16.92 10.33 -12.00
N GLY A 320 16.05 11.30 -11.75
CA GLY A 320 15.93 12.48 -12.58
C GLY A 320 16.27 13.74 -11.81
N ASP A 321 16.29 14.86 -12.53
CA ASP A 321 16.63 16.15 -11.95
C ASP A 321 15.41 16.99 -11.60
N GLY A 322 14.21 16.44 -11.77
CA GLY A 322 13.01 17.18 -11.42
C GLY A 322 12.73 18.37 -12.32
N GLU A 323 13.24 18.37 -13.55
CA GLU A 323 12.97 19.45 -14.49
C GLU A 323 12.77 18.92 -15.91
N LYS A 324 13.66 18.03 -16.36
CA LYS A 324 13.61 17.57 -17.73
C LYS A 324 12.28 16.89 -18.04
N LEU A 325 11.61 17.38 -19.09
CA LEU A 325 10.33 16.82 -19.54
C LEU A 325 10.63 15.69 -20.51
N GLY A 326 10.67 14.47 -19.98
CA GLY A 326 10.96 13.33 -20.83
C GLY A 326 9.88 13.11 -21.87
N LEU A 327 10.31 12.75 -23.07
CA LEU A 327 9.41 12.51 -24.20
C LEU A 327 9.43 11.02 -24.53
N GLY A 328 8.24 10.42 -24.60
CA GLY A 328 8.11 9.04 -25.00
C GLY A 328 7.04 8.89 -26.07
N VAL A 329 7.45 8.54 -27.28
CA VAL A 329 6.54 8.39 -28.41
C VAL A 329 6.57 6.95 -28.88
N HIS A 330 5.43 6.50 -29.42
CA HIS A 330 5.27 5.14 -29.88
C HIS A 330 4.14 5.13 -30.90
N GLU A 331 4.36 4.46 -32.02
CA GLU A 331 3.32 4.35 -33.05
C GLU A 331 2.37 3.23 -32.64
N ALA A 332 1.36 3.60 -31.87
CA ALA A 332 0.31 2.67 -31.51
C ALA A 332 -0.46 2.25 -32.77
N ALA A 333 -1.36 1.28 -32.57
CA ALA A 333 -2.20 0.84 -33.69
C ALA A 333 -2.97 2.00 -34.30
N ARG A 334 -3.30 3.00 -33.49
CA ARG A 334 -4.15 4.13 -33.97
C ARG A 334 -3.28 5.32 -34.38
N GLY A 335 -1.99 5.34 -34.04
CA GLY A 335 -1.07 6.35 -34.49
C GLY A 335 -0.19 6.88 -33.38
N HIS A 336 0.56 7.93 -33.71
CA HIS A 336 1.51 8.59 -32.82
C HIS A 336 0.93 8.76 -31.43
N ASN A 337 1.51 8.01 -30.47
CA ASN A 337 1.07 8.07 -29.05
C ASN A 337 2.18 8.75 -28.26
N THR A 338 1.86 9.82 -27.54
CA THR A 338 2.84 10.61 -26.80
C THR A 338 2.56 10.56 -25.32
N HIS A 339 3.61 10.32 -24.53
CA HIS A 339 3.59 10.51 -23.09
C HIS A 339 4.75 11.42 -22.71
N GLN A 340 4.57 12.18 -21.63
CA GLN A 340 5.63 13.00 -21.08
C GLN A 340 5.65 12.86 -19.57
N ALA A 341 6.85 12.95 -19.00
CA ALA A 341 7.02 12.77 -17.57
C ALA A 341 8.22 13.56 -17.09
N VAL A 342 8.10 14.15 -15.90
CA VAL A 342 9.20 14.78 -15.19
C VAL A 342 9.41 13.98 -13.92
N ILE A 343 10.66 13.60 -13.64
CA ILE A 343 11.00 12.70 -12.54
C ILE A 343 11.99 13.40 -11.63
N ASP A 344 11.83 13.23 -10.32
CA ASP A 344 12.73 13.86 -9.37
C ASP A 344 13.91 12.92 -9.08
N LYS A 345 14.73 13.29 -8.10
CA LYS A 345 15.90 12.50 -7.74
C LYS A 345 15.53 11.19 -7.08
N ASP A 346 14.35 11.09 -6.49
CA ASP A 346 13.95 9.89 -5.77
C ASP A 346 13.20 8.90 -6.66
N GLY A 347 12.95 9.24 -7.92
CA GLY A 347 12.23 8.37 -8.81
C GLY A 347 10.73 8.51 -8.76
N ASN A 348 10.22 9.66 -8.34
CA ASN A 348 8.79 9.89 -8.25
C ASN A 348 8.34 10.86 -9.34
N ILE A 349 7.12 10.65 -9.81
CA ILE A 349 6.56 11.48 -10.88
C ILE A 349 6.16 12.82 -10.27
N VAL A 350 6.64 13.90 -10.87
CA VAL A 350 6.25 15.25 -10.45
C VAL A 350 5.32 15.92 -11.45
N TYR A 351 5.31 15.49 -12.72
CA TYR A 351 4.33 15.95 -13.69
C TYR A 351 4.19 14.87 -14.75
N TYR A 352 2.97 14.66 -15.23
CA TYR A 352 2.71 13.64 -16.24
C TYR A 352 1.66 14.16 -17.22
N ASN A 353 1.80 13.76 -18.48
CA ASN A 353 0.90 14.18 -19.55
C ASN A 353 0.90 13.12 -20.64
N ALA A 354 -0.25 12.98 -21.31
CA ALA A 354 -0.41 11.99 -22.37
C ALA A 354 -1.31 12.53 -23.47
N ILE A 355 -0.77 12.58 -24.69
CA ILE A 355 -1.57 13.00 -25.88
C ILE A 355 -1.73 11.74 -26.73
N VAL A 356 -2.76 10.94 -26.45
CA VAL A 356 -2.91 9.62 -27.14
C VAL A 356 -3.33 9.80 -28.60
N ALA A 357 -3.15 8.77 -29.42
CA ALA A 357 -3.45 8.86 -30.87
C ALA A 357 -4.84 9.39 -31.12
N THR A 358 -5.88 8.64 -30.74
CA THR A 358 -7.22 9.08 -31.09
C THR A 358 -7.55 10.47 -30.53
N THR A 359 -6.82 10.94 -29.51
CA THR A 359 -6.99 12.33 -29.11
C THR A 359 -6.67 13.26 -30.28
N TRP A 360 -5.71 12.88 -31.13
CA TRP A 360 -5.42 13.65 -32.34
C TRP A 360 -6.55 13.52 -33.36
N ASN A 361 -7.04 12.30 -33.57
CA ASN A 361 -7.94 12.03 -34.69
C ASN A 361 -9.37 12.49 -34.43
N ILE A 362 -9.76 12.71 -33.18
CA ILE A 362 -11.15 13.05 -32.85
C ILE A 362 -11.54 14.36 -33.54
N PRO A 363 -10.83 15.47 -33.33
CA PRO A 363 -11.20 16.71 -34.03
C PRO A 363 -11.00 16.65 -35.53
N VAL A 364 -10.20 15.70 -36.03
CA VAL A 364 -10.09 15.53 -37.48
C VAL A 364 -11.33 14.83 -38.03
N ILE A 365 -11.80 13.80 -37.32
CA ILE A 365 -13.05 13.13 -37.71
C ILE A 365 -14.18 14.14 -37.79
N SER A 366 -14.23 15.09 -36.84
CA SER A 366 -15.26 16.12 -36.86
C SER A 366 -15.34 16.79 -38.22
N LYS A 367 -14.20 17.05 -38.84
CA LYS A 367 -14.19 17.70 -40.15
C LYS A 367 -14.38 16.70 -41.29
N ALA A 368 -13.87 15.47 -41.12
CA ALA A 368 -13.90 14.51 -42.22
C ALA A 368 -15.32 14.09 -42.56
N VAL A 369 -16.24 14.15 -41.59
CA VAL A 369 -17.62 13.77 -41.88
C VAL A 369 -18.35 14.86 -42.66
N GLU A 370 -17.83 16.08 -42.69
CA GLU A 370 -18.49 17.14 -43.44
C GLU A 370 -18.34 16.91 -44.94
N GLY A 371 -19.38 17.28 -45.68
CA GLY A 371 -19.40 17.17 -47.12
C GLY A 371 -20.22 16.01 -47.65
N THR A 372 -20.42 14.97 -46.86
CA THR A 372 -21.15 13.78 -47.26
C THR A 372 -22.39 13.63 -46.38
N HIS A 373 -23.28 12.74 -46.80
CA HIS A 373 -24.50 12.49 -46.07
C HIS A 373 -24.19 11.99 -44.65
N TYR A 374 -25.14 12.20 -43.74
CA TYR A 374 -24.91 11.80 -42.35
C TYR A 374 -25.09 10.30 -42.14
N LYS A 375 -25.77 9.61 -43.05
CA LYS A 375 -25.82 8.15 -43.03
C LYS A 375 -24.46 7.52 -43.25
N PHE A 376 -23.45 8.31 -43.63
CA PHE A 376 -22.08 7.83 -43.78
C PHE A 376 -21.17 8.30 -42.67
N ALA A 377 -21.66 9.14 -41.75
CA ALA A 377 -20.79 9.71 -40.73
C ALA A 377 -20.15 8.61 -39.87
N GLU A 378 -20.94 7.62 -39.47
CA GLU A 378 -20.40 6.57 -38.61
C GLU A 378 -19.38 5.72 -39.36
N HIS A 379 -19.54 5.56 -40.67
CA HIS A 379 -18.55 4.81 -41.44
C HIS A 379 -17.24 5.57 -41.56
N ILE A 380 -17.29 6.90 -41.57
CA ILE A 380 -16.06 7.69 -41.53
C ILE A 380 -15.40 7.56 -40.17
N VAL A 381 -16.20 7.56 -39.09
CA VAL A 381 -15.64 7.41 -37.76
C VAL A 381 -14.86 6.10 -37.66
N ARG A 382 -15.48 5.00 -38.05
CA ARG A 382 -14.87 3.69 -37.88
C ARG A 382 -13.62 3.51 -38.72
N ALA A 383 -13.50 4.24 -39.83
CA ALA A 383 -12.28 4.18 -40.61
C ALA A 383 -11.07 4.62 -39.80
N TYR A 384 -11.27 5.44 -38.78
CA TYR A 384 -10.18 5.91 -37.92
C TYR A 384 -9.93 5.00 -36.74
N ASP A 385 -10.58 3.83 -36.68
CA ASP A 385 -10.38 2.83 -35.63
C ASP A 385 -10.34 3.49 -34.25
N PRO A 386 -11.27 4.39 -33.95
CA PRO A 386 -11.12 5.24 -32.77
C PRO A 386 -11.18 4.43 -31.48
N CYS A 387 -10.25 4.72 -30.58
CA CYS A 387 -10.28 4.23 -29.23
C CYS A 387 -10.45 5.44 -28.31
N ILE A 388 -11.54 5.46 -27.56
CA ILE A 388 -11.98 6.65 -26.85
C ILE A 388 -11.52 6.65 -25.40
N SER A 389 -11.59 5.50 -24.73
CA SER A 389 -10.99 5.41 -23.40
C SER A 389 -9.50 5.74 -23.47
N CYS A 390 -8.86 5.47 -24.60
CA CYS A 390 -7.49 5.91 -24.78
C CYS A 390 -7.40 7.41 -24.94
N ALA A 391 -8.20 7.98 -25.83
CA ALA A 391 -8.09 9.40 -26.10
C ALA A 391 -8.47 10.26 -24.91
N THR A 392 -9.23 9.70 -23.96
CA THR A 392 -9.65 10.45 -22.79
C THR A 392 -8.70 10.27 -21.61
N HIS A 393 -8.25 9.04 -21.38
CA HIS A 393 -7.47 8.69 -20.20
C HIS A 393 -7.92 9.46 -18.97
N MET B 1 -12.84 -41.33 9.04
CA MET B 1 -12.88 -40.67 7.70
C MET B 1 -11.97 -41.38 6.70
N ASP B 2 -12.13 -41.01 5.43
CA ASP B 2 -11.37 -41.68 4.34
C ASP B 2 -9.88 -41.30 4.46
N PRO B 3 -8.91 -42.22 4.25
CA PRO B 3 -7.52 -41.88 4.47
C PRO B 3 -6.70 -41.42 3.27
N PHE B 4 -7.03 -41.88 2.06
CA PHE B 4 -6.18 -41.56 0.91
C PHE B 4 -6.87 -40.77 -0.19
N GLY B 5 -8.20 -40.59 -0.13
CA GLY B 5 -8.90 -39.96 -1.23
C GLY B 5 -9.06 -40.92 -2.40
N LYS B 6 -9.20 -40.34 -3.60
CA LYS B 6 -9.37 -41.15 -4.80
C LYS B 6 -8.02 -41.63 -5.32
N TYR B 7 -7.97 -42.90 -5.72
CA TYR B 7 -6.85 -43.44 -6.46
C TYR B 7 -7.32 -44.63 -7.28
N LYS B 8 -6.55 -44.94 -8.31
CA LYS B 8 -6.82 -46.13 -9.12
C LYS B 8 -6.05 -47.34 -8.60
N THR B 9 -4.75 -47.17 -8.36
CA THR B 9 -3.92 -48.23 -7.79
C THR B 9 -2.95 -47.64 -6.78
N VAL B 10 -2.46 -48.48 -5.88
CA VAL B 10 -1.39 -48.02 -4.94
C VAL B 10 -0.28 -49.08 -5.06
N VAL B 11 0.94 -48.68 -5.40
CA VAL B 11 2.05 -49.62 -5.69
C VAL B 11 3.39 -49.13 -5.12
N SER B 12 4.21 -50.05 -4.61
CA SER B 12 5.57 -49.76 -4.18
C SER B 12 6.48 -49.86 -5.40
N ALA B 13 7.32 -48.85 -5.59
CA ALA B 13 8.12 -48.77 -6.81
C ALA B 13 9.34 -47.91 -6.56
N ARG B 14 10.24 -47.95 -7.56
CA ARG B 14 11.50 -47.18 -7.47
C ARG B 14 12.04 -47.05 -8.89
N ALA B 15 12.92 -46.09 -9.15
CA ALA B 15 13.47 -45.87 -10.47
C ALA B 15 14.43 -46.99 -10.86
N ALA B 16 14.61 -47.15 -12.17
CA ALA B 16 15.56 -48.13 -12.70
C ALA B 16 16.92 -47.52 -12.96
N ASP B 17 16.97 -46.27 -13.42
CA ASP B 17 18.23 -45.54 -13.49
C ASP B 17 18.80 -45.41 -12.08
N LYS B 18 20.01 -45.91 -11.88
CA LYS B 18 20.59 -45.91 -10.54
C LYS B 18 21.43 -44.68 -10.25
N THR B 19 21.75 -43.88 -11.27
CA THR B 19 22.18 -42.51 -11.02
C THR B 19 21.12 -41.76 -10.22
N ILE B 20 19.85 -41.97 -10.55
CA ILE B 20 18.76 -41.36 -9.80
C ILE B 20 18.80 -41.83 -8.35
N LEU B 21 18.96 -43.13 -8.14
CA LEU B 21 18.92 -43.67 -6.78
C LEU B 21 20.12 -43.19 -5.96
N LYS B 22 21.23 -42.84 -6.61
CA LYS B 22 22.35 -42.27 -5.88
C LYS B 22 21.99 -40.94 -5.23
N LYS B 23 21.06 -40.19 -5.84
CA LYS B 23 20.80 -38.82 -5.44
C LYS B 23 19.43 -38.61 -4.82
N CYS B 24 18.58 -39.62 -4.79
CA CYS B 24 17.20 -39.41 -4.37
C CYS B 24 17.03 -39.66 -2.89
N GLN B 25 15.83 -39.34 -2.40
CA GLN B 25 15.48 -39.56 -0.99
C GLN B 25 15.06 -41.02 -0.76
N ASP B 26 13.99 -41.45 -1.43
CA ASP B 26 13.42 -42.78 -1.23
C ASP B 26 13.60 -43.56 -2.53
N GLY B 27 12.55 -43.67 -3.36
CA GLY B 27 12.62 -44.44 -4.57
C GLY B 27 13.00 -43.68 -5.82
N GLY B 28 13.18 -42.36 -5.73
CA GLY B 28 13.48 -41.59 -6.92
C GLY B 28 12.33 -41.47 -7.89
N ILE B 29 11.09 -41.43 -7.38
CA ILE B 29 9.92 -41.43 -8.24
C ILE B 29 9.78 -40.08 -8.95
N VAL B 30 9.92 -38.99 -8.21
CA VAL B 30 9.73 -37.67 -8.80
C VAL B 30 10.73 -37.43 -9.91
N SER B 31 12.02 -37.62 -9.61
CA SER B 31 13.05 -37.38 -10.62
C SER B 31 12.87 -38.33 -11.81
N ALA B 32 12.54 -39.60 -11.54
CA ALA B 32 12.37 -40.56 -12.63
C ALA B 32 11.28 -40.12 -13.59
N ALA B 33 10.16 -39.63 -13.08
CA ALA B 33 9.07 -39.17 -13.93
C ALA B 33 9.48 -37.93 -14.70
N TYR B 34 10.06 -36.95 -14.00
CA TYR B 34 10.52 -35.74 -14.66
C TYR B 34 11.51 -36.07 -15.78
N ILE B 35 12.53 -36.87 -15.46
CA ILE B 35 13.56 -37.19 -16.44
C ILE B 35 12.97 -37.99 -17.59
N TYR B 36 12.10 -38.96 -17.29
CA TYR B 36 11.45 -39.70 -18.36
C TYR B 36 10.64 -38.78 -19.26
N GLY B 37 9.78 -37.95 -18.66
CA GLY B 37 8.96 -37.05 -19.46
C GLY B 37 9.79 -36.11 -20.30
N LEU B 38 10.86 -35.55 -19.73
CA LEU B 38 11.73 -34.67 -20.49
C LEU B 38 12.36 -35.42 -21.66
N GLU B 39 12.89 -36.62 -21.40
CA GLU B 39 13.59 -37.36 -22.43
C GLU B 39 12.66 -37.82 -23.55
N ASN B 40 11.37 -38.01 -23.26
CA ASN B 40 10.43 -38.58 -24.22
C ASN B 40 9.42 -37.55 -24.72
N GLY B 41 9.64 -36.26 -24.47
CA GLY B 41 8.77 -35.23 -24.98
C GLY B 41 7.42 -35.13 -24.30
N LEU B 42 7.16 -35.91 -23.26
CA LEU B 42 5.92 -35.76 -22.51
C LEU B 42 5.94 -34.51 -21.63
N LEU B 43 7.12 -34.02 -21.27
CA LEU B 43 7.28 -32.79 -20.51
C LEU B 43 8.36 -31.96 -21.19
N ASP B 44 8.16 -30.64 -21.24
CA ASP B 44 9.16 -29.71 -21.73
C ASP B 44 9.67 -28.77 -20.64
N GLY B 45 9.22 -28.94 -19.41
CA GLY B 45 9.69 -28.16 -18.29
C GLY B 45 9.15 -28.76 -17.00
N VAL B 46 9.92 -28.70 -15.93
CA VAL B 46 9.49 -29.25 -14.65
C VAL B 46 9.87 -28.30 -13.54
N ILE B 47 8.96 -28.08 -12.60
CA ILE B 47 9.23 -27.27 -11.42
C ILE B 47 9.95 -28.11 -10.39
N VAL B 48 11.14 -27.66 -10.01
CA VAL B 48 11.98 -28.39 -9.03
C VAL B 48 12.45 -27.39 -7.97
N ALA B 49 13.17 -27.86 -6.95
CA ALA B 49 13.69 -26.95 -5.90
C ALA B 49 15.22 -26.91 -5.96
N ASP B 50 15.80 -25.73 -6.19
CA ASP B 50 17.29 -25.61 -6.18
C ASP B 50 17.75 -25.30 -4.74
N LYS B 51 18.25 -26.30 -4.02
CA LYS B 51 18.64 -26.05 -2.61
C LYS B 51 19.94 -25.23 -2.55
N ASP B 52 20.30 -24.75 -1.36
CA ASP B 52 21.55 -23.96 -1.20
C ASP B 52 22.55 -24.79 -0.38
N ASP B 53 23.84 -24.44 -0.47
CA ASP B 53 24.87 -25.17 0.27
C ASP B 53 24.56 -25.22 1.76
N LYS B 54 23.62 -24.42 2.24
CA LYS B 54 23.11 -24.47 3.60
C LYS B 54 21.66 -24.96 3.66
N LEU B 55 21.18 -25.57 2.57
CA LEU B 55 19.86 -26.19 2.45
C LEU B 55 18.71 -25.19 2.34
N GLN B 56 19.00 -23.92 2.06
CA GLN B 56 17.94 -22.96 1.77
C GLN B 56 17.35 -23.25 0.39
N THR B 57 16.05 -23.46 0.35
CA THR B 57 15.47 -23.89 -0.93
C THR B 57 15.10 -22.73 -1.80
N THR B 58 14.94 -22.99 -3.09
CA THR B 58 14.54 -22.02 -4.11
C THR B 58 13.75 -22.71 -5.20
N PRO B 59 12.52 -22.26 -5.49
CA PRO B 59 11.77 -22.88 -6.59
C PRO B 59 12.39 -22.49 -7.93
N LYS B 60 12.16 -23.34 -8.93
CA LYS B 60 12.94 -23.27 -10.15
C LYS B 60 12.25 -24.03 -11.27
N VAL B 61 12.28 -23.47 -12.48
CA VAL B 61 11.73 -24.10 -13.66
C VAL B 61 12.88 -24.83 -14.34
N ALA B 62 12.94 -26.14 -14.16
CA ALA B 62 13.99 -26.95 -14.75
C ALA B 62 13.60 -27.35 -16.17
N THR B 63 14.59 -27.39 -17.08
CA THR B 63 14.33 -27.86 -18.47
C THR B 63 15.28 -28.96 -18.87
N THR B 64 16.41 -29.13 -18.17
CA THR B 64 17.36 -30.14 -18.66
C THR B 64 17.39 -31.27 -17.67
N VAL B 65 17.72 -32.47 -18.15
CA VAL B 65 17.69 -33.66 -17.31
C VAL B 65 18.61 -33.49 -16.10
N ASP B 66 19.82 -32.98 -16.33
CA ASP B 66 20.76 -32.86 -15.22
C ASP B 66 20.26 -31.91 -14.15
N GLU B 67 19.49 -30.87 -14.53
CA GLU B 67 18.90 -29.98 -13.54
C GLU B 67 18.02 -30.77 -12.57
N VAL B 68 17.22 -31.70 -13.10
CA VAL B 68 16.35 -32.51 -12.24
C VAL B 68 17.16 -33.23 -11.17
N LEU B 69 18.41 -33.56 -11.49
CA LEU B 69 19.23 -34.37 -10.54
C LEU B 69 19.75 -33.49 -9.40
N GLU B 70 19.83 -32.17 -9.60
CA GLU B 70 20.36 -31.27 -8.60
C GLU B 70 19.32 -30.85 -7.58
N ALA B 71 18.06 -31.23 -7.79
CA ALA B 71 16.99 -30.98 -6.83
C ALA B 71 16.50 -32.25 -6.15
N ALA B 72 17.08 -33.40 -6.48
CA ALA B 72 16.68 -34.66 -5.87
C ALA B 72 17.05 -34.69 -4.39
N GLY B 73 16.13 -35.22 -3.58
CA GLY B 73 16.28 -35.24 -2.15
C GLY B 73 15.31 -34.27 -1.47
N THR B 74 15.04 -34.54 -0.19
CA THR B 74 14.08 -33.78 0.57
C THR B 74 14.77 -32.68 1.37
N LYS B 75 14.28 -31.46 1.23
CA LYS B 75 14.63 -30.34 2.10
C LYS B 75 13.37 -30.11 2.94
N TYR B 76 13.37 -30.54 4.20
CA TYR B 76 12.15 -30.40 5.06
C TYR B 76 12.06 -28.93 5.42
N THR B 77 11.87 -28.05 4.42
CA THR B 77 11.74 -26.59 4.65
C THR B 77 10.79 -26.11 3.56
N VAL B 78 10.07 -25.02 3.79
CA VAL B 78 9.08 -24.53 2.84
C VAL B 78 9.77 -24.10 1.56
N CYS B 79 9.21 -24.52 0.42
CA CYS B 79 9.67 -24.09 -0.90
C CYS B 79 8.49 -23.76 -1.80
N PRO B 80 8.26 -22.47 -2.12
CA PRO B 80 7.07 -22.13 -2.93
C PRO B 80 7.19 -22.62 -4.36
N THR B 81 6.80 -23.87 -4.60
CA THR B 81 6.93 -24.46 -5.94
C THR B 81 5.92 -23.86 -6.92
N ILE B 82 4.74 -23.48 -6.43
CA ILE B 82 3.71 -22.96 -7.32
C ILE B 82 3.99 -21.52 -7.74
N SER B 83 4.89 -20.82 -7.05
CA SER B 83 5.12 -19.41 -7.33
C SER B 83 5.74 -19.16 -8.71
N VAL B 84 6.26 -20.20 -9.36
CA VAL B 84 6.89 -20.06 -10.66
C VAL B 84 6.03 -20.63 -11.78
N ILE B 85 4.80 -21.02 -11.47
CA ILE B 85 4.00 -21.78 -12.44
C ILE B 85 3.63 -20.92 -13.63
N LYS B 86 3.39 -19.61 -13.43
CA LYS B 86 3.12 -18.74 -14.57
C LYS B 86 4.40 -18.44 -15.34
N SER B 87 5.46 -18.05 -14.63
CA SER B 87 6.74 -17.80 -15.29
C SER B 87 7.13 -19.00 -16.15
N ALA B 88 6.70 -20.19 -15.78
CA ALA B 88 7.04 -21.38 -16.55
C ALA B 88 6.38 -21.37 -17.92
N VAL B 89 5.17 -20.82 -18.03
CA VAL B 89 4.41 -20.85 -19.28
C VAL B 89 4.50 -19.54 -20.04
N ARG B 90 5.19 -18.54 -19.50
CA ARG B 90 5.34 -17.28 -20.22
C ARG B 90 6.71 -17.19 -20.87
N GLU B 91 7.70 -16.65 -20.16
CA GLU B 91 9.03 -16.49 -20.75
C GLU B 91 9.65 -17.86 -21.07
N TYR B 92 9.61 -18.80 -20.11
CA TYR B 92 10.18 -20.11 -20.38
C TYR B 92 9.45 -20.80 -21.52
N GLY B 93 8.17 -20.46 -21.72
CA GLY B 93 7.42 -20.98 -22.86
C GLY B 93 7.12 -22.47 -22.79
N CYS B 94 6.78 -22.98 -21.62
CA CYS B 94 6.46 -24.39 -21.49
C CYS B 94 5.01 -24.65 -21.90
N GLU B 95 4.78 -25.82 -22.50
CA GLU B 95 3.44 -26.28 -22.83
C GLU B 95 3.12 -27.66 -22.26
N LYS B 96 4.12 -28.36 -21.72
CA LYS B 96 3.91 -29.64 -21.03
C LYS B 96 4.64 -29.58 -19.69
N LEU B 97 4.15 -28.71 -18.79
CA LEU B 97 4.84 -28.45 -17.55
C LEU B 97 4.55 -29.54 -16.54
N GLY B 98 5.61 -30.01 -15.86
CA GLY B 98 5.46 -30.88 -14.70
C GLY B 98 5.61 -30.05 -13.44
N VAL B 99 4.78 -30.34 -12.45
CA VAL B 99 4.76 -29.60 -11.19
C VAL B 99 4.84 -30.59 -10.04
N VAL B 100 5.66 -30.27 -9.05
CA VAL B 100 5.79 -31.06 -7.82
C VAL B 100 5.34 -30.19 -6.66
N GLY B 101 4.89 -30.84 -5.59
CA GLY B 101 4.49 -30.08 -4.42
C GLY B 101 3.89 -30.91 -3.31
N THR B 102 4.01 -30.43 -2.08
CA THR B 102 3.34 -31.03 -0.95
C THR B 102 1.83 -31.01 -1.18
N PRO B 103 1.07 -31.79 -0.42
CA PRO B 103 -0.39 -31.84 -0.66
C PRO B 103 -1.04 -30.48 -0.70
N CYS B 104 -0.58 -29.55 0.13
CA CYS B 104 -1.13 -28.20 0.16
C CYS B 104 -0.85 -27.48 -1.16
N GLN B 105 0.37 -27.61 -1.68
CA GLN B 105 0.71 -26.96 -2.94
C GLN B 105 0.01 -27.61 -4.12
N ILE B 106 -0.32 -28.89 -4.01
CA ILE B 106 -1.15 -29.54 -5.03
C ILE B 106 -2.58 -29.03 -4.93
N ILE B 107 -3.08 -28.82 -3.71
CA ILE B 107 -4.40 -28.25 -3.53
C ILE B 107 -4.48 -26.89 -4.20
N ALA B 108 -3.48 -26.04 -3.95
CA ALA B 108 -3.44 -24.74 -4.62
C ALA B 108 -3.45 -24.89 -6.13
N THR B 109 -2.77 -25.91 -6.64
CA THR B 109 -2.74 -26.12 -8.08
C THR B 109 -4.11 -26.49 -8.62
N ARG B 110 -4.83 -27.38 -7.92
CA ARG B 110 -6.17 -27.77 -8.36
C ARG B 110 -7.12 -26.57 -8.34
N LYS B 111 -7.04 -25.73 -7.31
CA LYS B 111 -7.86 -24.52 -7.28
C LYS B 111 -7.43 -23.54 -8.35
N LEU B 112 -6.12 -23.38 -8.52
CA LEU B 112 -5.58 -22.55 -9.59
C LEU B 112 -6.21 -22.90 -10.92
N MET B 113 -6.46 -24.20 -11.13
CA MET B 113 -6.97 -24.69 -12.44
C MET B 113 -8.50 -24.52 -12.53
N LYS B 114 -9.21 -24.60 -11.42
CA LYS B 114 -10.68 -24.51 -11.46
C LYS B 114 -11.15 -23.07 -11.49
N TYR B 115 -10.40 -22.15 -10.89
CA TYR B 115 -10.74 -20.73 -10.87
C TYR B 115 -9.52 -19.95 -11.36
N PRO B 116 -9.19 -20.06 -12.64
CA PRO B 116 -7.94 -19.49 -13.14
C PRO B 116 -8.00 -17.99 -13.42
N ILE B 117 -8.55 -17.24 -12.45
CA ILE B 117 -8.72 -15.79 -12.65
C ILE B 117 -7.40 -15.14 -13.03
N GLY B 118 -6.39 -15.27 -12.17
CA GLY B 118 -5.08 -14.75 -12.46
C GLY B 118 -4.20 -15.66 -13.27
N PHE B 119 -4.74 -16.74 -13.83
CA PHE B 119 -3.92 -17.74 -14.49
C PHE B 119 -4.37 -17.94 -15.92
N ARG B 120 -4.28 -16.86 -16.70
CA ARG B 120 -4.59 -16.92 -18.12
C ARG B 120 -3.64 -17.86 -18.84
N HIS B 121 -4.22 -18.70 -19.71
CA HIS B 121 -3.41 -19.61 -20.56
C HIS B 121 -2.39 -20.35 -19.70
N VAL B 122 -2.85 -20.96 -18.61
CA VAL B 122 -1.94 -21.76 -17.74
C VAL B 122 -2.52 -23.17 -17.59
N PRO B 123 -3.77 -23.38 -17.12
CA PRO B 123 -4.27 -24.73 -16.88
C PRO B 123 -3.99 -25.74 -17.97
N ASP B 124 -4.31 -25.39 -19.22
CA ASP B 124 -4.18 -26.37 -20.29
C ASP B 124 -2.75 -26.86 -20.50
N LYS B 125 -1.76 -26.20 -19.89
CA LYS B 125 -0.36 -26.50 -20.12
C LYS B 125 0.27 -27.34 -19.02
N LEU B 126 -0.49 -27.70 -17.98
CA LEU B 126 0.04 -28.56 -16.91
C LEU B 126 -0.11 -30.01 -17.36
N ALA B 127 1.02 -30.68 -17.57
CA ALA B 127 1.03 -32.02 -18.14
C ALA B 127 1.12 -33.13 -17.11
N LEU B 128 1.69 -32.86 -15.93
CA LEU B 128 1.79 -33.86 -14.88
C LEU B 128 1.91 -33.17 -13.53
N ILE B 129 1.06 -33.56 -12.59
CA ILE B 129 1.04 -33.00 -11.24
C ILE B 129 1.44 -34.11 -10.28
N VAL B 130 2.64 -33.98 -9.73
CA VAL B 130 3.22 -34.99 -8.84
C VAL B 130 3.18 -34.45 -7.41
N GLY B 131 2.52 -35.17 -6.53
CA GLY B 131 2.48 -34.84 -5.12
C GLY B 131 3.39 -35.74 -4.31
N ILE B 132 3.94 -35.20 -3.23
CA ILE B 132 4.78 -35.95 -2.31
C ILE B 132 4.13 -35.90 -0.93
N PHE B 133 4.18 -37.00 -0.21
CA PHE B 133 3.56 -37.05 1.11
C PHE B 133 4.15 -35.95 2.00
N CYS B 134 3.42 -35.60 3.06
CA CYS B 134 3.87 -34.56 3.97
C CYS B 134 3.09 -34.59 5.28
N MET B 135 3.80 -34.53 6.39
CA MET B 135 3.16 -34.50 7.71
C MET B 135 3.25 -33.15 8.39
N GLU B 136 4.42 -32.52 8.29
CA GLU B 136 4.63 -31.16 8.88
C GLU B 136 5.85 -30.48 8.23
N ASN B 137 5.76 -29.17 8.03
CA ASN B 137 6.92 -28.42 7.48
C ASN B 137 7.51 -27.56 8.58
N PHE B 138 8.58 -26.86 8.25
CA PHE B 138 9.29 -26.05 9.23
C PHE B 138 9.81 -24.78 8.58
N PRO B 139 9.88 -23.68 9.32
CA PRO B 139 10.65 -22.53 8.83
C PRO B 139 12.12 -22.87 8.82
N TYR B 140 12.85 -22.30 7.86
CA TYR B 140 14.24 -22.69 7.68
C TYR B 140 15.04 -22.53 8.96
N ASN B 141 14.89 -21.38 9.63
CA ASN B 141 15.59 -21.15 10.88
C ASN B 141 15.07 -22.03 12.02
N GLY B 142 13.91 -22.66 11.85
CA GLY B 142 13.45 -23.65 12.81
C GLY B 142 14.17 -24.96 12.60
N MET B 143 14.21 -25.43 11.36
CA MET B 143 14.95 -26.68 11.05
C MET B 143 16.44 -26.44 11.34
N LYS B 144 16.94 -25.23 11.09
CA LYS B 144 18.33 -24.94 11.41
C LYS B 144 18.59 -25.19 12.89
N THR B 145 17.62 -24.88 13.74
CA THR B 145 17.78 -25.12 15.18
C THR B 145 17.75 -26.60 15.50
N ILE B 146 16.84 -27.35 14.86
CA ILE B 146 16.76 -28.79 15.09
C ILE B 146 18.08 -29.46 14.77
N ILE B 147 18.60 -29.21 13.56
CA ILE B 147 19.79 -29.92 13.11
C ILE B 147 21.02 -29.45 13.88
N GLU B 148 21.26 -28.14 13.91
CA GLU B 148 22.53 -27.65 14.46
C GLU B 148 22.57 -27.79 15.98
N GLU B 149 21.46 -27.51 16.66
CA GLU B 149 21.48 -27.38 18.12
C GLU B 149 20.98 -28.61 18.86
N HIS B 150 20.16 -29.45 18.25
CA HIS B 150 19.69 -30.68 18.90
C HIS B 150 20.37 -31.92 18.37
N CYS B 151 20.87 -31.90 17.14
CA CYS B 151 21.64 -33.00 16.59
C CYS B 151 23.12 -32.69 16.46
N GLY B 152 23.52 -31.44 16.69
CA GLY B 152 24.93 -31.09 16.72
C GLY B 152 25.64 -31.25 15.39
N ILE B 153 24.95 -31.04 14.28
CA ILE B 153 25.54 -31.13 12.95
C ILE B 153 25.30 -29.81 12.23
N LYS B 154 26.36 -29.24 11.67
CA LYS B 154 26.22 -28.02 10.89
C LYS B 154 25.46 -28.33 9.60
N MET B 155 24.53 -27.43 9.24
CA MET B 155 23.74 -27.63 8.02
C MET B 155 24.64 -27.96 6.84
N GLU B 156 25.87 -27.44 6.84
CA GLU B 156 26.82 -27.75 5.78
C GLU B 156 27.17 -29.22 5.77
N ASP B 157 27.47 -29.80 6.94
CA ASP B 157 27.80 -31.21 7.05
C ASP B 157 26.57 -32.12 7.00
N VAL B 158 25.40 -31.52 6.77
CA VAL B 158 24.14 -32.31 6.65
C VAL B 158 24.17 -33.05 5.31
N ALA B 159 23.65 -34.27 5.27
CA ALA B 159 23.57 -35.04 4.03
C ALA B 159 22.16 -35.46 3.69
N LYS B 160 21.46 -36.11 4.63
CA LYS B 160 20.13 -36.62 4.34
C LYS B 160 19.33 -36.62 5.64
N THR B 161 18.49 -35.62 5.82
CA THR B 161 17.55 -35.63 6.93
C THR B 161 16.37 -36.53 6.58
N ASP B 162 15.83 -37.20 7.59
CA ASP B 162 14.67 -38.04 7.39
C ASP B 162 13.92 -38.17 8.70
N ILE B 163 12.65 -38.53 8.57
CA ILE B 163 11.84 -38.73 9.79
C ILE B 163 11.26 -40.15 9.75
N GLY B 164 10.67 -40.56 10.84
CA GLY B 164 10.05 -41.86 10.98
C GLY B 164 10.64 -42.61 12.15
N LYS B 165 10.08 -43.79 12.40
CA LYS B 165 10.54 -44.67 13.47
C LYS B 165 10.37 -44.04 14.85
N GLY B 166 9.71 -42.89 14.93
CA GLY B 166 9.48 -42.22 16.18
C GLY B 166 10.40 -41.05 16.48
N LYS B 167 11.20 -40.65 15.49
CA LYS B 167 12.21 -39.62 15.77
C LYS B 167 12.71 -38.97 14.48
N PHE B 168 13.34 -37.81 14.62
CA PHE B 168 13.97 -37.14 13.44
C PHE B 168 15.38 -37.66 13.35
N TRP B 169 15.81 -37.99 12.15
CA TRP B 169 17.13 -38.54 11.91
C TRP B 169 17.93 -37.58 11.04
N VAL B 170 19.13 -37.24 11.49
CA VAL B 170 20.08 -36.48 10.68
C VAL B 170 21.24 -37.40 10.33
N TYR B 171 21.45 -37.62 9.04
CA TYR B 171 22.57 -38.41 8.54
C TYR B 171 23.65 -37.45 8.06
N SER B 172 24.85 -37.58 8.63
CA SER B 172 25.92 -36.64 8.36
C SER B 172 26.74 -37.07 7.14
N LYS B 173 27.28 -36.07 6.43
CA LYS B 173 28.17 -36.36 5.31
C LYS B 173 29.38 -37.17 5.75
N TRP B 174 29.76 -37.05 7.02
CA TRP B 174 30.97 -37.70 7.52
C TRP B 174 30.69 -39.03 8.22
N GLY B 175 29.43 -39.49 8.27
CA GLY B 175 29.11 -40.86 8.62
C GLY B 175 28.13 -41.01 9.77
N ASP B 176 28.16 -40.08 10.74
CA ASP B 176 27.35 -40.23 11.94
C ASP B 176 25.87 -40.16 11.62
N VAL B 177 25.06 -40.71 12.55
CA VAL B 177 23.60 -40.73 12.43
C VAL B 177 23.02 -40.43 13.80
N LYS B 178 22.21 -39.36 13.90
CA LYS B 178 21.67 -38.88 15.16
C LYS B 178 20.15 -38.97 15.16
N SER B 179 19.59 -39.21 16.34
CA SER B 179 18.15 -39.37 16.50
C SER B 179 17.67 -38.58 17.71
N ILE B 180 16.59 -37.82 17.54
CA ILE B 180 15.94 -37.11 18.63
C ILE B 180 14.44 -37.39 18.55
N LYS B 181 13.83 -37.61 19.72
CA LYS B 181 12.39 -37.82 19.78
C LYS B 181 11.66 -36.76 18.96
N LEU B 182 10.64 -37.18 18.22
CA LEU B 182 9.84 -36.23 17.42
C LEU B 182 9.28 -35.15 18.36
N LYS B 183 9.08 -35.50 19.63
CA LYS B 183 8.52 -34.54 20.57
C LYS B 183 9.29 -33.23 20.54
N GLU B 184 10.61 -33.30 20.39
CA GLU B 184 11.44 -32.10 20.43
C GLU B 184 11.27 -31.26 19.18
N THR B 185 10.88 -31.87 18.06
CA THR B 185 10.77 -31.15 16.80
C THR B 185 9.48 -30.36 16.68
N HIS B 186 8.46 -30.70 17.45
CA HIS B 186 7.12 -30.13 17.31
C HIS B 186 7.04 -28.65 17.66
N PRO B 187 7.81 -28.17 18.64
CA PRO B 187 7.79 -26.72 18.92
C PRO B 187 8.33 -25.86 17.80
N TYR B 188 9.05 -26.43 16.83
CA TYR B 188 9.66 -25.66 15.77
C TYR B 188 8.89 -25.74 14.45
N GLU B 189 7.80 -26.51 14.39
CA GLU B 189 7.11 -26.71 13.13
C GLU B 189 6.18 -25.53 12.82
N GLN B 190 6.03 -25.25 11.53
CA GLN B 190 5.18 -24.16 11.07
C GLN B 190 3.74 -24.41 11.49
N GLN B 191 3.21 -23.51 12.34
CA GLN B 191 1.92 -23.74 12.97
C GLN B 191 0.74 -23.63 12.02
N SER B 192 0.98 -23.34 10.74
CA SER B 192 -0.10 -23.36 9.76
C SER B 192 -0.30 -24.73 9.14
N CYS B 193 0.57 -25.68 9.49
CA CYS B 193 0.40 -27.07 8.99
C CYS B 193 -0.61 -27.79 9.88
N HIS B 194 -0.96 -27.21 11.02
CA HIS B 194 -1.87 -27.88 11.95
C HIS B 194 -3.33 -27.82 11.50
N VAL B 195 -3.61 -27.20 10.35
CA VAL B 195 -4.94 -27.22 9.76
C VAL B 195 -4.96 -28.02 8.46
N CYS B 196 -3.88 -28.72 8.14
CA CYS B 196 -3.76 -29.47 6.90
C CYS B 196 -4.37 -30.85 7.07
N MET B 197 -5.23 -31.24 6.14
CA MET B 197 -5.95 -32.51 6.22
C MET B 197 -5.57 -33.47 5.08
N ASP B 198 -4.44 -33.23 4.43
CA ASP B 198 -4.01 -34.03 3.27
C ASP B 198 -2.61 -34.56 3.54
N TYR B 199 -2.49 -35.87 3.64
CA TYR B 199 -1.20 -36.53 3.91
C TYR B 199 -0.57 -37.15 2.67
N THR B 200 -1.37 -37.81 1.84
CA THR B 200 -0.87 -38.55 0.69
C THR B 200 -1.00 -37.78 -0.62
N ALA B 201 -1.18 -36.46 -0.55
CA ALA B 201 -1.39 -35.63 -1.74
C ALA B 201 -2.55 -36.17 -2.57
N GLU B 202 -3.74 -36.03 -1.98
CA GLU B 202 -4.93 -36.71 -2.49
C GLU B 202 -5.42 -36.17 -3.82
N LEU B 203 -4.92 -35.03 -4.28
CA LEU B 203 -5.41 -34.43 -5.52
C LEU B 203 -4.38 -34.42 -6.64
N ALA B 204 -3.26 -35.12 -6.47
CA ALA B 204 -2.24 -35.17 -7.50
C ALA B 204 -2.57 -36.25 -8.53
N ASP B 205 -2.01 -36.09 -9.73
CA ASP B 205 -2.04 -37.19 -10.69
C ASP B 205 -1.38 -38.43 -10.09
N ILE B 206 -0.14 -38.27 -9.62
CA ILE B 206 0.62 -39.31 -8.98
C ILE B 206 1.13 -38.76 -7.65
N SER B 207 0.97 -39.54 -6.59
CA SER B 207 1.49 -39.20 -5.27
C SER B 207 2.49 -40.25 -4.83
N THR B 208 3.63 -39.79 -4.29
CA THR B 208 4.71 -40.70 -3.91
C THR B 208 5.28 -40.27 -2.56
N GLY B 209 5.70 -41.25 -1.77
CA GLY B 209 6.22 -40.97 -0.45
C GLY B 209 7.15 -42.07 0.04
N SER B 210 7.59 -41.89 1.29
CA SER B 210 8.51 -42.81 1.94
C SER B 210 7.78 -43.86 2.75
N VAL B 211 6.89 -43.39 3.62
CA VAL B 211 6.22 -44.33 4.54
C VAL B 211 5.50 -45.44 3.76
N GLY B 212 5.27 -46.56 4.42
CA GLY B 212 4.62 -47.71 3.84
C GLY B 212 5.55 -48.62 3.06
N SER B 213 6.58 -48.07 2.41
CA SER B 213 7.46 -48.90 1.55
C SER B 213 8.86 -49.04 2.16
N PRO B 214 9.76 -49.96 1.73
CA PRO B 214 11.04 -50.11 2.39
C PRO B 214 12.07 -49.09 1.96
N ASP B 215 13.22 -49.10 2.63
CA ASP B 215 14.32 -48.14 2.32
C ASP B 215 14.72 -48.31 0.85
N GLY B 216 14.89 -47.19 0.15
CA GLY B 216 15.24 -47.25 -1.28
C GLY B 216 14.04 -47.41 -2.19
N TRP B 217 12.82 -47.42 -1.63
CA TRP B 217 11.60 -47.68 -2.44
C TRP B 217 10.61 -46.59 -2.05
N SER B 218 9.42 -46.60 -2.66
CA SER B 218 8.43 -45.52 -2.44
C SER B 218 6.98 -45.97 -2.63
N THR B 219 6.09 -45.56 -1.73
CA THR B 219 4.66 -45.82 -1.94
C THR B 219 4.15 -44.86 -3.00
N VAL B 220 3.51 -45.40 -4.04
CA VAL B 220 3.07 -44.61 -5.19
C VAL B 220 1.56 -44.80 -5.35
N PHE B 221 0.81 -43.73 -5.14
CA PHE B 221 -0.59 -43.66 -5.52
C PHE B 221 -0.69 -43.15 -6.94
N ILE B 222 -1.42 -43.87 -7.79
CA ILE B 222 -1.78 -43.40 -9.13
C ILE B 222 -3.27 -43.10 -9.11
N ARG B 223 -3.62 -41.84 -9.37
CA ARG B 223 -4.96 -41.33 -9.07
C ARG B 223 -5.78 -40.99 -10.30
N THR B 224 -5.21 -40.25 -11.25
CA THR B 224 -5.98 -39.71 -12.37
C THR B 224 -5.67 -40.49 -13.66
N ALA B 225 -6.50 -40.23 -14.67
CA ALA B 225 -6.25 -40.83 -15.98
C ALA B 225 -4.95 -40.31 -16.59
N GLN B 226 -4.63 -39.04 -16.36
CA GLN B 226 -3.38 -38.49 -16.85
C GLN B 226 -2.19 -39.15 -16.16
N GLY B 227 -2.25 -39.26 -14.83
CA GLY B 227 -1.18 -39.92 -14.11
C GLY B 227 -1.04 -41.39 -14.47
N GLU B 228 -2.16 -42.06 -14.73
CA GLU B 228 -2.11 -43.47 -15.07
C GLU B 228 -1.40 -43.69 -16.41
N GLU B 229 -1.67 -42.82 -17.39
CA GLU B 229 -1.04 -42.98 -18.69
C GLU B 229 0.46 -42.71 -18.60
N PHE B 230 0.86 -41.67 -17.86
CA PHE B 230 2.27 -41.40 -17.67
C PHE B 230 2.97 -42.52 -16.92
N PHE B 231 2.34 -43.02 -15.86
CA PHE B 231 2.92 -44.10 -15.07
C PHE B 231 3.08 -45.36 -15.91
N ASN B 232 2.04 -45.74 -16.65
CA ASN B 232 2.10 -46.95 -17.46
C ASN B 232 3.14 -46.80 -18.58
N LYS B 233 3.29 -45.61 -19.13
CA LYS B 233 4.30 -45.40 -20.16
C LYS B 233 5.71 -45.59 -19.60
N MET B 234 5.90 -45.28 -18.31
CA MET B 234 7.23 -45.47 -17.71
C MET B 234 7.52 -46.93 -17.45
N VAL B 235 6.52 -47.70 -17.01
CA VAL B 235 6.77 -49.09 -16.66
C VAL B 235 7.01 -49.91 -17.92
N GLU B 236 6.33 -49.58 -19.03
CA GLU B 236 6.59 -50.27 -20.29
C GLU B 236 7.92 -49.87 -20.89
N ALA B 237 8.44 -48.69 -20.53
CA ALA B 237 9.77 -48.27 -20.96
C ALA B 237 10.86 -48.76 -20.03
N GLY B 238 10.51 -49.37 -18.91
CA GLY B 238 11.49 -49.89 -17.98
C GLY B 238 12.12 -48.86 -17.06
N ALA B 239 11.56 -47.66 -16.98
CA ALA B 239 12.11 -46.63 -16.11
C ALA B 239 11.83 -46.88 -14.65
N LEU B 240 10.90 -47.79 -14.33
CA LEU B 240 10.49 -48.04 -12.96
C LEU B 240 10.56 -49.53 -12.63
N GLU B 241 10.85 -49.80 -11.37
CA GLU B 241 10.81 -51.14 -10.80
C GLU B 241 9.60 -51.20 -9.87
N VAL B 242 8.71 -52.16 -10.10
CA VAL B 242 7.35 -52.10 -9.58
C VAL B 242 7.02 -53.38 -8.83
N LYS B 243 6.49 -53.23 -7.62
CA LYS B 243 6.04 -54.34 -6.78
C LYS B 243 4.74 -53.95 -6.09
N PRO B 244 3.84 -54.91 -5.85
CA PRO B 244 2.59 -54.57 -5.17
C PRO B 244 2.82 -54.13 -3.73
N ILE B 245 2.00 -53.16 -3.29
CA ILE B 245 2.09 -52.68 -1.91
C ILE B 245 1.69 -53.76 -0.91
N GLU B 246 1.07 -54.84 -1.39
CA GLU B 246 0.60 -55.90 -0.46
C GLU B 246 1.78 -56.84 -0.15
N GLU B 247 2.71 -57.01 -1.10
CA GLU B 247 3.86 -57.87 -0.92
C GLU B 247 5.04 -57.18 -0.27
N VAL B 248 4.88 -55.92 0.14
CA VAL B 248 5.97 -55.12 0.67
C VAL B 248 5.55 -54.60 2.04
N LYS B 249 6.53 -54.38 2.91
CA LYS B 249 6.29 -54.00 4.29
C LYS B 249 7.04 -52.74 4.64
N PRO B 250 6.54 -51.93 5.60
CA PRO B 250 5.38 -52.14 6.47
C PRO B 250 4.04 -52.19 5.74
N GLY B 251 3.96 -51.62 4.54
CA GLY B 251 2.77 -51.74 3.73
C GLY B 251 1.80 -50.59 3.93
N LEU B 252 0.68 -50.70 3.21
CA LEU B 252 -0.33 -49.65 3.20
C LEU B 252 -0.91 -49.38 4.57
N GLY B 253 -0.71 -50.29 5.54
CA GLY B 253 -1.28 -50.09 6.86
C GLY B 253 -0.62 -48.97 7.64
N LEU B 254 0.66 -48.70 7.36
CA LEU B 254 1.34 -47.60 8.04
C LEU B 254 0.87 -46.26 7.49
N VAL B 255 0.87 -46.13 6.17
CA VAL B 255 0.39 -44.87 5.54
C VAL B 255 -0.99 -44.57 6.12
N GLU B 256 -1.87 -45.57 6.14
CA GLU B 256 -3.23 -45.35 6.63
C GLU B 256 -3.20 -44.83 8.07
N LYS B 257 -2.43 -45.48 8.94
CA LYS B 257 -2.36 -45.05 10.32
C LYS B 257 -1.81 -43.63 10.42
N LEU B 258 -0.81 -43.30 9.61
CA LEU B 258 -0.25 -41.96 9.65
C LEU B 258 -1.18 -40.94 9.01
N SER B 259 -1.81 -41.31 7.89
CA SER B 259 -2.71 -40.37 7.23
C SER B 259 -3.87 -40.00 8.15
N LEU B 260 -4.50 -40.99 8.78
CA LEU B 260 -5.62 -40.68 9.67
C LEU B 260 -5.12 -40.00 10.94
N THR B 261 -3.95 -40.38 11.45
CA THR B 261 -3.41 -39.69 12.61
C THR B 261 -3.35 -38.19 12.37
N LYS B 262 -2.82 -37.79 11.22
CA LYS B 262 -2.80 -36.37 10.85
C LYS B 262 -4.21 -35.80 10.80
N LYS B 263 -5.14 -36.53 10.18
CA LYS B 263 -6.49 -36.02 9.99
C LYS B 263 -7.20 -35.81 11.32
N GLU B 264 -7.10 -36.77 12.24
CA GLU B 264 -7.78 -36.63 13.51
C GLU B 264 -7.10 -35.57 14.38
N LYS B 265 -5.78 -35.45 14.29
CA LYS B 265 -5.06 -34.46 15.07
C LYS B 265 -5.41 -33.05 14.61
N ASN B 266 -5.36 -32.81 13.29
CA ASN B 266 -5.55 -31.46 12.77
C ASN B 266 -7.02 -31.07 12.73
N ALA B 267 -7.92 -32.03 12.49
CA ALA B 267 -9.36 -31.72 12.56
C ALA B 267 -9.72 -31.17 13.93
N LYS B 268 -8.99 -31.58 14.97
CA LYS B 268 -9.18 -30.98 16.29
C LYS B 268 -8.71 -29.54 16.30
N GLU B 269 -7.55 -29.26 15.70
CA GLU B 269 -7.06 -27.89 15.61
C GLU B 269 -8.02 -27.01 14.84
N ILE B 270 -8.54 -27.52 13.71
CA ILE B 270 -9.54 -26.77 12.95
C ILE B 270 -10.73 -26.43 13.84
N GLU B 271 -11.24 -27.42 14.57
CA GLU B 271 -12.40 -27.17 15.42
C GLU B 271 -12.05 -26.25 16.59
N HIS B 272 -10.79 -26.28 17.05
CA HIS B 272 -10.39 -25.33 18.08
C HIS B 272 -10.33 -23.91 17.55
N ARG B 273 -9.88 -23.75 16.29
CA ARG B 273 -9.83 -22.41 15.71
C ARG B 273 -11.22 -21.85 15.49
N LYS B 274 -12.14 -22.67 14.97
CA LYS B 274 -13.52 -22.24 14.85
C LYS B 274 -14.08 -21.78 16.19
N GLU B 275 -13.73 -22.50 17.26
CA GLU B 275 -14.31 -22.21 18.57
C GLU B 275 -13.90 -20.83 19.07
N ILE B 276 -12.62 -20.48 18.94
CA ILE B 276 -12.13 -19.21 19.46
C ILE B 276 -12.29 -18.06 18.46
N GLY B 277 -12.76 -18.35 17.25
CA GLY B 277 -13.08 -17.31 16.30
C GLY B 277 -12.04 -17.01 15.24
N LEU B 278 -11.14 -17.95 14.95
CA LEU B 278 -10.15 -17.72 13.92
C LEU B 278 -10.65 -18.26 12.58
N PRO B 279 -10.14 -17.74 11.47
CA PRO B 279 -10.58 -18.23 10.16
C PRO B 279 -10.06 -19.61 9.85
N VAL B 280 -10.88 -20.39 9.14
CA VAL B 280 -10.46 -21.76 8.71
C VAL B 280 -11.01 -21.95 7.29
N PRO B 281 -10.25 -22.55 6.35
CA PRO B 281 -10.70 -22.70 4.95
C PRO B 281 -12.04 -23.42 4.85
N TYR B 282 -12.79 -23.08 3.81
CA TYR B 282 -14.08 -23.70 3.54
C TYR B 282 -14.44 -23.53 2.06
N VAL C 2 -30.32 -17.54 -23.98
CA VAL C 2 -30.51 -16.43 -23.06
C VAL C 2 -29.94 -15.14 -23.67
N LYS C 3 -30.36 -14.00 -23.11
CA LYS C 3 -29.95 -12.69 -23.61
C LYS C 3 -28.86 -12.14 -22.72
N ILE C 4 -27.71 -11.80 -23.30
CA ILE C 4 -26.60 -11.24 -22.56
C ILE C 4 -26.21 -9.90 -23.17
N ALA C 5 -25.67 -9.02 -22.33
CA ALA C 5 -25.32 -7.67 -22.74
C ALA C 5 -24.05 -7.23 -22.05
N HIS C 6 -23.20 -6.50 -22.78
CA HIS C 6 -21.96 -5.96 -22.24
C HIS C 6 -22.16 -4.48 -21.99
N ILE C 7 -22.32 -4.11 -20.72
CA ILE C 7 -22.40 -2.71 -20.31
C ILE C 7 -20.98 -2.22 -20.03
N HIS C 8 -20.61 -1.12 -20.70
CA HIS C 8 -19.25 -0.55 -20.50
C HIS C 8 -19.32 0.77 -19.76
N LEU C 9 -18.95 0.76 -18.48
CA LEU C 9 -18.91 1.97 -17.67
C LEU C 9 -17.51 2.55 -17.72
N CYS C 10 -17.01 3.05 -16.60
CA CYS C 10 -15.66 3.62 -16.53
C CYS C 10 -14.66 2.47 -16.49
N GLY C 11 -14.38 1.91 -17.66
CA GLY C 11 -13.47 0.79 -17.77
C GLY C 11 -12.41 0.99 -18.83
N CYS C 12 -11.78 -0.12 -19.26
CA CYS C 12 -10.77 -0.09 -20.30
C CYS C 12 -11.05 -1.05 -21.44
N THR C 13 -12.19 -1.76 -21.42
CA THR C 13 -12.58 -2.71 -22.45
C THR C 13 -11.73 -3.97 -22.41
N GLY C 14 -10.65 -3.96 -21.63
CA GLY C 14 -9.78 -5.13 -21.57
C GLY C 14 -10.48 -6.38 -21.09
N CYS C 15 -11.46 -6.22 -20.20
CA CYS C 15 -12.27 -7.37 -19.80
C CYS C 15 -13.00 -7.95 -20.99
N LEU C 16 -13.58 -7.09 -21.84
CA LEU C 16 -14.22 -7.56 -23.06
C LEU C 16 -13.21 -8.22 -24.00
N ILE C 17 -12.01 -7.64 -24.09
CA ILE C 17 -10.97 -8.22 -24.95
C ILE C 17 -10.58 -9.60 -24.43
N SER C 18 -10.49 -9.76 -23.10
CA SER C 18 -10.19 -11.07 -22.54
C SER C 18 -11.24 -12.09 -22.95
N LEU C 19 -12.52 -11.71 -22.93
CA LEU C 19 -13.55 -12.58 -23.47
C LEU C 19 -13.32 -12.83 -24.95
N ALA C 20 -12.89 -11.81 -25.69
CA ALA C 20 -12.53 -12.00 -27.08
C ALA C 20 -11.36 -12.97 -27.21
N ASP C 21 -10.51 -13.05 -26.19
CA ASP C 21 -9.38 -13.97 -26.19
C ASP C 21 -9.77 -15.41 -25.86
N THR C 22 -11.06 -15.74 -25.96
CA THR C 22 -11.45 -17.12 -26.23
C THR C 22 -11.20 -17.51 -27.68
N TYR C 23 -10.81 -16.54 -28.50
CA TYR C 23 -10.44 -16.79 -29.92
C TYR C 23 -11.61 -17.42 -30.67
N GLU C 24 -11.33 -18.46 -31.47
CA GLU C 24 -12.38 -19.00 -32.32
C GLU C 24 -13.56 -19.53 -31.52
N GLN C 25 -13.37 -19.85 -30.25
CA GLN C 25 -14.48 -20.31 -29.43
C GLN C 25 -15.44 -19.17 -29.05
N LEU C 26 -15.09 -17.93 -29.36
CA LEU C 26 -16.00 -16.82 -29.14
C LEU C 26 -17.25 -16.94 -30.01
N LEU C 27 -17.16 -17.65 -31.14
CA LEU C 27 -18.34 -17.90 -31.96
C LEU C 27 -19.21 -19.00 -31.37
N ASP C 28 -18.61 -19.97 -30.67
CA ASP C 28 -19.41 -20.94 -29.93
C ASP C 28 -20.10 -20.29 -28.73
N ILE C 29 -19.45 -19.30 -28.12
CA ILE C 29 -20.08 -18.57 -27.02
C ILE C 29 -21.23 -17.71 -27.53
N LEU C 30 -20.97 -16.91 -28.57
CA LEU C 30 -21.97 -15.98 -29.07
C LEU C 30 -23.15 -16.70 -29.73
N ASN C 31 -22.98 -17.95 -30.13
CA ASN C 31 -24.08 -18.71 -30.73
C ASN C 31 -24.89 -19.47 -29.70
N SER C 32 -24.33 -19.70 -28.50
CA SER C 32 -25.09 -20.32 -27.42
C SER C 32 -25.99 -19.33 -26.69
N VAL C 33 -25.76 -18.03 -26.87
CA VAL C 33 -26.58 -16.99 -26.28
C VAL C 33 -27.00 -16.03 -27.40
N GLU C 34 -27.69 -14.96 -27.02
CA GLU C 34 -28.03 -13.87 -27.93
C GLU C 34 -27.43 -12.58 -27.38
N LEU C 35 -26.41 -12.06 -28.06
CA LEU C 35 -25.82 -10.78 -27.68
C LEU C 35 -26.79 -9.67 -28.03
N VAL C 36 -27.49 -9.16 -27.02
CA VAL C 36 -28.56 -8.20 -27.24
C VAL C 36 -28.11 -6.75 -27.11
N TYR C 37 -26.92 -6.50 -26.56
CA TYR C 37 -26.41 -5.14 -26.41
C TYR C 37 -24.92 -5.16 -26.16
N ALA C 38 -24.19 -4.31 -26.88
CA ALA C 38 -22.76 -4.12 -26.67
C ALA C 38 -22.28 -3.02 -27.61
N LEU C 39 -22.12 -1.81 -27.08
CA LEU C 39 -21.78 -0.68 -27.93
C LEU C 39 -20.55 -0.96 -28.78
N THR C 40 -19.64 -1.78 -28.27
CA THR C 40 -18.43 -2.11 -29.00
C THR C 40 -18.66 -3.10 -30.14
N LEU C 41 -19.81 -3.78 -30.17
CA LEU C 41 -19.99 -4.92 -31.08
C LEU C 41 -21.25 -4.83 -31.94
N VAL C 42 -22.38 -4.47 -31.34
CA VAL C 42 -23.66 -4.51 -32.04
C VAL C 42 -24.29 -3.12 -31.99
N ASP C 43 -25.13 -2.83 -32.99
CA ASP C 43 -25.78 -1.53 -33.11
C ASP C 43 -27.16 -1.58 -32.45
N GLU C 44 -27.14 -1.81 -31.13
CA GLU C 44 -28.36 -1.98 -30.36
C GLU C 44 -28.32 -1.11 -29.11
N LYS C 45 -29.50 -0.62 -28.70
CA LYS C 45 -30.81 -0.76 -29.34
C LYS C 45 -31.20 0.56 -29.96
N THR C 46 -31.13 0.63 -31.28
CA THR C 46 -31.29 1.89 -31.99
C THR C 46 -32.73 2.37 -31.91
N GLU C 47 -32.92 3.64 -31.52
CA GLU C 47 -34.24 4.26 -31.41
C GLU C 47 -34.15 5.66 -31.99
N ILE C 48 -34.98 5.95 -32.99
CA ILE C 48 -34.94 7.21 -33.72
C ILE C 48 -36.11 8.09 -33.26
N ARG C 49 -35.78 9.25 -32.70
CA ARG C 49 -36.76 10.28 -32.35
C ARG C 49 -36.47 11.50 -33.22
N GLU C 50 -37.45 11.92 -34.01
CA GLU C 50 -37.28 13.04 -34.93
C GLU C 50 -38.27 14.14 -34.61
N THR C 51 -37.76 15.32 -34.29
CA THR C 51 -38.55 16.53 -34.17
C THR C 51 -38.36 17.36 -35.43
N ASP C 52 -38.82 18.61 -35.40
CA ASP C 52 -38.69 19.49 -36.56
C ASP C 52 -37.30 20.12 -36.66
N ASP C 53 -36.50 20.05 -35.61
CA ASP C 53 -35.15 20.62 -35.62
C ASP C 53 -34.05 19.59 -35.41
N LYS C 54 -34.38 18.39 -34.94
CA LYS C 54 -33.36 17.44 -34.51
C LYS C 54 -33.80 16.02 -34.82
N ILE C 55 -32.84 15.22 -35.30
CA ILE C 55 -33.00 13.77 -35.40
C ILE C 55 -32.12 13.15 -34.33
N LEU C 56 -32.73 12.41 -33.41
CA LEU C 56 -32.02 11.82 -32.28
C LEU C 56 -31.93 10.31 -32.51
N ILE C 57 -30.78 9.85 -32.96
CA ILE C 57 -30.49 8.43 -33.10
C ILE C 57 -29.77 7.99 -31.83
N GLU C 58 -30.46 7.26 -30.97
CA GLU C 58 -29.89 6.80 -29.71
C GLU C 58 -29.77 5.29 -29.70
N ARG C 59 -28.68 4.80 -29.11
CA ARG C 59 -28.48 3.38 -28.87
C ARG C 59 -28.68 3.16 -27.37
N GLU C 60 -29.82 2.60 -27.00
CA GLU C 60 -30.19 2.42 -25.60
C GLU C 60 -30.02 0.97 -25.18
N ILE C 61 -29.90 0.79 -23.86
CA ILE C 61 -29.79 -0.54 -23.26
C ILE C 61 -31.17 -1.20 -23.32
N PRO C 62 -31.33 -2.36 -23.94
CA PRO C 62 -32.67 -2.94 -24.10
C PRO C 62 -33.22 -3.47 -22.79
N ASP C 63 -34.50 -3.83 -22.83
CA ASP C 63 -35.18 -4.45 -21.71
C ASP C 63 -35.12 -5.97 -21.84
N ASP C 64 -35.33 -6.65 -20.72
CA ASP C 64 -35.39 -8.12 -20.67
C ASP C 64 -34.02 -8.73 -20.94
N ILE C 65 -32.98 -8.17 -20.33
CA ILE C 65 -31.65 -8.77 -20.36
C ILE C 65 -31.59 -9.86 -19.30
N ASP C 66 -31.03 -11.01 -19.66
CA ASP C 66 -30.91 -12.11 -18.71
C ASP C 66 -29.63 -12.00 -17.88
N ILE C 67 -28.50 -11.73 -18.54
CA ILE C 67 -27.21 -11.60 -17.88
C ILE C 67 -26.54 -10.34 -18.41
N ALA C 68 -26.09 -9.48 -17.50
CA ALA C 68 -25.41 -8.24 -17.85
C ALA C 68 -23.97 -8.31 -17.36
N LEU C 69 -23.02 -8.32 -18.28
CA LEU C 69 -21.59 -8.25 -17.95
C LEU C 69 -21.23 -6.78 -17.82
N VAL C 70 -21.24 -6.27 -16.60
CA VAL C 70 -20.98 -4.86 -16.33
C VAL C 70 -19.50 -4.67 -16.07
N GLU C 71 -18.86 -3.88 -16.94
CA GLU C 71 -17.39 -3.68 -16.84
C GLU C 71 -17.10 -2.21 -16.52
N GLY C 72 -16.12 -1.98 -15.66
CA GLY C 72 -15.73 -0.64 -15.25
C GLY C 72 -16.48 -0.17 -14.00
N SER C 73 -15.97 0.93 -13.44
CA SER C 73 -16.53 1.50 -12.23
C SER C 73 -17.52 2.62 -12.58
N VAL C 74 -18.12 3.21 -11.55
CA VAL C 74 -19.14 4.24 -11.71
C VAL C 74 -18.55 5.57 -11.27
N CYS C 75 -18.62 6.57 -12.16
CA CYS C 75 -18.19 7.93 -11.84
C CYS C 75 -19.35 8.69 -11.19
N LEU C 76 -19.17 9.06 -9.93
CA LEU C 76 -20.27 9.66 -9.18
C LEU C 76 -20.65 11.05 -9.68
N GLU C 77 -19.76 11.72 -10.42
CA GLU C 77 -20.00 13.08 -10.88
C GLU C 77 -20.47 13.16 -12.33
N ASP C 78 -20.50 12.04 -13.05
CA ASP C 78 -21.00 12.00 -14.41
C ASP C 78 -22.40 11.38 -14.40
N GLU C 79 -23.39 12.11 -14.89
CA GLU C 79 -24.78 11.68 -14.74
C GLU C 79 -25.10 10.52 -15.66
N HIS C 80 -24.46 10.43 -16.82
CA HIS C 80 -24.72 9.30 -17.71
C HIS C 80 -24.15 8.00 -17.13
N SER C 81 -23.04 8.09 -16.39
CA SER C 81 -22.51 6.89 -15.74
C SER C 81 -23.44 6.41 -14.63
N MET C 82 -23.96 7.34 -13.83
CA MET C 82 -24.94 6.97 -12.81
C MET C 82 -26.19 6.37 -13.44
N LYS C 83 -26.64 6.95 -14.56
CA LYS C 83 -27.87 6.48 -15.18
C LYS C 83 -27.69 5.07 -15.75
N ASP C 84 -26.52 4.78 -16.32
CA ASP C 84 -26.31 3.50 -16.98
C ASP C 84 -26.21 2.35 -15.98
N VAL C 85 -25.63 2.60 -14.80
CA VAL C 85 -25.47 1.52 -13.82
C VAL C 85 -26.82 1.14 -13.23
N PHE C 86 -27.67 2.14 -12.94
CA PHE C 86 -29.01 1.82 -12.46
C PHE C 86 -29.88 1.27 -13.60
N ASP C 87 -29.64 1.72 -14.83
CA ASP C 87 -30.35 1.16 -15.98
C ASP C 87 -30.01 -0.31 -16.16
N ALA C 88 -28.75 -0.69 -15.92
CA ALA C 88 -28.36 -2.09 -16.07
C ALA C 88 -29.05 -2.97 -15.03
N ARG C 89 -29.11 -2.50 -13.77
CA ARG C 89 -29.80 -3.29 -12.74
C ARG C 89 -31.28 -3.40 -13.06
N ARG C 90 -31.89 -2.32 -13.56
CA ARG C 90 -33.31 -2.33 -13.87
C ARG C 90 -33.64 -3.35 -14.97
N LYS C 91 -32.82 -3.42 -16.00
CA LYS C 91 -33.15 -4.17 -17.21
C LYS C 91 -32.54 -5.56 -17.26
N SER C 92 -31.75 -5.95 -16.27
CA SER C 92 -31.04 -7.21 -16.29
C SER C 92 -31.45 -8.08 -15.11
N LYS C 93 -31.59 -9.39 -15.37
CA LYS C 93 -31.92 -10.34 -14.32
C LYS C 93 -30.69 -10.66 -13.47
N ILE C 94 -29.60 -11.01 -14.18
CA ILE C 94 -28.31 -11.34 -13.51
C ILE C 94 -27.31 -10.23 -13.85
N VAL C 95 -26.76 -9.58 -12.82
CA VAL C 95 -25.76 -8.53 -13.03
C VAL C 95 -24.41 -9.10 -12.61
N VAL C 96 -23.49 -9.15 -13.55
CA VAL C 96 -22.14 -9.64 -13.32
C VAL C 96 -21.19 -8.45 -13.24
N ALA C 97 -20.56 -8.27 -12.08
CA ALA C 97 -19.49 -7.29 -11.96
C ALA C 97 -18.24 -7.86 -12.62
N LEU C 98 -18.02 -7.48 -13.88
CA LEU C 98 -16.94 -8.04 -14.68
C LEU C 98 -15.68 -7.18 -14.51
N GLY C 99 -14.61 -7.81 -14.05
CA GLY C 99 -13.35 -7.12 -13.86
C GLY C 99 -13.28 -6.42 -12.51
N ALA C 100 -12.04 -6.09 -12.10
CA ALA C 100 -11.82 -5.49 -10.80
C ALA C 100 -12.44 -4.10 -10.71
N CYS C 101 -12.51 -3.38 -11.83
CA CYS C 101 -13.08 -2.03 -11.79
C CYS C 101 -14.53 -2.07 -11.34
N ALA C 102 -15.33 -2.97 -11.92
CA ALA C 102 -16.73 -3.09 -11.51
C ALA C 102 -16.87 -3.82 -10.18
N ALA C 103 -15.95 -4.73 -9.87
CA ALA C 103 -16.07 -5.55 -8.66
C ALA C 103 -15.61 -4.80 -7.41
N THR C 104 -14.39 -4.23 -7.46
CA THR C 104 -13.80 -3.62 -6.27
C THR C 104 -13.16 -2.26 -6.56
N GLY C 105 -13.45 -1.66 -7.70
CA GLY C 105 -12.87 -0.38 -8.05
C GLY C 105 -11.58 -0.51 -8.83
N GLY C 106 -10.66 -1.35 -8.35
CA GLY C 106 -9.45 -1.61 -9.10
C GLY C 106 -8.59 -0.38 -9.23
N ILE C 107 -8.09 -0.14 -10.44
CA ILE C 107 -7.17 0.98 -10.67
C ILE C 107 -7.85 2.31 -10.42
N THR C 108 -9.16 2.40 -10.66
CA THR C 108 -9.85 3.67 -10.50
C THR C 108 -9.95 4.10 -9.04
N ARG C 109 -9.67 3.21 -8.09
CA ARG C 109 -9.60 3.63 -6.69
C ARG C 109 -8.58 4.74 -6.49
N PHE C 110 -7.60 4.86 -7.37
CA PHE C 110 -6.58 5.89 -7.27
C PHE C 110 -7.00 7.22 -7.90
N CYS C 111 -8.13 7.26 -8.61
CA CYS C 111 -8.59 8.51 -9.22
C CYS C 111 -8.86 9.56 -8.16
N ARG C 112 -8.38 10.78 -8.42
CA ARG C 112 -8.66 11.91 -7.54
C ARG C 112 -8.97 13.18 -8.32
N GLY C 113 -9.29 13.06 -9.60
CA GLY C 113 -9.82 14.17 -10.37
C GLY C 113 -8.81 15.28 -10.62
N GLY C 114 -9.30 16.30 -11.31
CA GLY C 114 -8.52 17.48 -11.61
C GLY C 114 -8.00 17.55 -13.02
N GLN C 115 -8.29 16.55 -13.85
CA GLN C 115 -7.74 16.48 -15.19
C GLN C 115 -8.74 17.00 -16.21
N MET C 116 -8.23 17.59 -17.31
CA MET C 116 -9.10 18.13 -18.38
C MET C 116 -9.55 16.96 -19.27
N SER C 117 -10.79 16.97 -19.78
CA SER C 117 -11.62 18.17 -19.78
C SER C 117 -12.83 18.06 -18.84
N LYS C 118 -12.78 17.12 -17.89
CA LYS C 118 -13.82 16.94 -16.88
C LYS C 118 -13.16 16.91 -15.51
N PRO C 119 -12.75 18.07 -14.99
CA PRO C 119 -11.96 18.09 -13.75
C PRO C 119 -12.75 17.78 -12.50
N VAL C 120 -14.09 17.76 -12.56
CA VAL C 120 -14.88 17.39 -11.40
C VAL C 120 -15.08 15.88 -11.30
N HIS C 121 -14.63 15.11 -12.29
CA HIS C 121 -14.70 13.66 -12.27
C HIS C 121 -13.61 13.14 -11.36
N SER C 122 -13.95 12.85 -10.10
CA SER C 122 -12.95 12.49 -9.11
C SER C 122 -13.37 11.35 -8.19
N SER C 123 -14.57 10.80 -8.37
CA SER C 123 -15.12 9.81 -7.44
C SER C 123 -15.59 8.60 -8.24
N PHE C 124 -14.88 7.48 -8.08
CA PHE C 124 -15.18 6.24 -8.79
C PHE C 124 -15.39 5.12 -7.79
N VAL C 125 -16.51 4.42 -7.92
CA VAL C 125 -16.88 3.35 -6.99
C VAL C 125 -17.18 2.09 -7.79
N PRO C 126 -17.00 0.91 -7.22
CA PRO C 126 -17.50 -0.30 -7.89
C PRO C 126 -19.02 -0.30 -7.93
N ILE C 127 -19.56 -1.00 -8.92
CA ILE C 127 -21.01 -1.01 -9.10
C ILE C 127 -21.71 -1.55 -7.87
N GLY C 128 -21.02 -2.36 -7.06
CA GLY C 128 -21.60 -2.88 -5.84
C GLY C 128 -22.00 -1.82 -4.84
N ASP C 129 -21.35 -0.65 -4.89
CA ASP C 129 -21.66 0.42 -3.96
C ASP C 129 -22.95 1.16 -4.32
N LEU C 130 -23.59 0.84 -5.45
CA LEU C 130 -24.82 1.51 -5.87
C LEU C 130 -25.95 0.56 -6.20
N ILE C 131 -25.66 -0.58 -6.85
CA ILE C 131 -26.68 -1.54 -7.23
C ILE C 131 -26.39 -2.89 -6.57
N LYS C 132 -27.27 -3.86 -6.82
CA LYS C 132 -27.08 -5.21 -6.32
C LYS C 132 -26.33 -6.02 -7.37
N VAL C 133 -25.25 -6.67 -6.95
CA VAL C 133 -24.44 -7.51 -7.83
C VAL C 133 -24.74 -8.96 -7.51
N ASP C 134 -24.87 -9.78 -8.55
CA ASP C 134 -25.14 -11.21 -8.41
C ASP C 134 -23.89 -12.08 -8.52
N LEU C 135 -22.97 -11.73 -9.40
CA LEU C 135 -21.70 -12.42 -9.52
C LEU C 135 -20.60 -11.39 -9.76
N ALA C 136 -19.42 -11.68 -9.24
CA ALA C 136 -18.26 -10.81 -9.39
C ALA C 136 -17.06 -11.63 -9.84
N LEU C 137 -16.36 -11.12 -10.85
CA LEU C 137 -15.12 -11.72 -11.33
C LEU C 137 -13.97 -10.74 -11.07
N PRO C 138 -13.07 -11.03 -10.15
CA PRO C 138 -11.93 -10.14 -9.91
C PRO C 138 -10.87 -10.34 -10.99
N GLY C 139 -9.76 -9.63 -10.84
CA GLY C 139 -8.67 -9.69 -11.78
C GLY C 139 -8.68 -8.52 -12.75
N CYS C 140 -7.53 -8.29 -13.38
CA CYS C 140 -7.33 -7.12 -14.25
C CYS C 140 -6.51 -7.49 -15.47
N PRO C 141 -7.13 -8.14 -16.46
CA PRO C 141 -8.52 -8.64 -16.48
C PRO C 141 -8.61 -10.07 -15.97
N PRO C 142 -9.81 -10.55 -15.65
CA PRO C 142 -9.99 -11.98 -15.40
C PRO C 142 -9.59 -12.76 -16.64
N SER C 143 -8.97 -13.92 -16.41
CA SER C 143 -8.49 -14.72 -17.53
C SER C 143 -9.66 -15.15 -18.41
N PRO C 144 -9.42 -15.38 -19.70
CA PRO C 144 -10.50 -15.91 -20.55
C PRO C 144 -11.10 -17.19 -20.01
N GLU C 145 -10.29 -18.06 -19.41
CA GLU C 145 -10.79 -19.34 -18.93
C GLU C 145 -11.77 -19.16 -17.78
N ALA C 146 -11.47 -18.24 -16.84
CA ALA C 146 -12.39 -18.00 -15.74
C ALA C 146 -13.71 -17.44 -16.25
N LEU C 147 -13.67 -16.64 -17.32
CA LEU C 147 -14.89 -16.11 -17.92
C LEU C 147 -15.71 -17.23 -18.55
N VAL C 148 -15.07 -18.05 -19.39
CA VAL C 148 -15.77 -19.17 -20.01
C VAL C 148 -16.43 -20.03 -18.94
N ASN C 149 -15.71 -20.29 -17.85
CA ASN C 149 -16.27 -21.11 -16.78
C ASN C 149 -17.46 -20.44 -16.13
N LEU C 150 -17.39 -19.12 -15.91
CA LEU C 150 -18.52 -18.40 -15.33
C LEU C 150 -19.73 -18.42 -16.25
N ILE C 151 -19.51 -18.19 -17.55
CA ILE C 151 -20.63 -18.16 -18.49
C ILE C 151 -21.25 -19.55 -18.60
N THR C 152 -20.43 -20.59 -18.68
CA THR C 152 -20.95 -21.95 -18.78
C THR C 152 -21.75 -22.31 -17.53
N ALA C 153 -21.20 -22.01 -16.35
CA ALA C 153 -21.89 -22.33 -15.11
C ALA C 153 -23.20 -21.55 -14.99
N ALA C 154 -23.24 -20.33 -15.52
CA ALA C 154 -24.49 -19.56 -15.49
C ALA C 154 -25.52 -20.18 -16.43
N LEU C 155 -25.11 -20.56 -17.63
CA LEU C 155 -26.04 -21.17 -18.57
C LEU C 155 -26.51 -22.54 -18.08
N ASN C 156 -25.61 -23.30 -17.46
CA ASN C 156 -25.92 -24.65 -16.99
C ASN C 156 -26.44 -24.67 -15.56
N GLY C 157 -26.69 -23.51 -14.96
CA GLY C 157 -27.20 -23.46 -13.61
C GLY C 157 -26.29 -24.09 -12.58
N ASP C 158 -25.00 -24.19 -12.86
CA ASP C 158 -24.04 -24.73 -11.91
C ASP C 158 -23.97 -23.66 -10.83
N THR C 159 -24.81 -23.83 -9.80
CA THR C 159 -24.86 -22.85 -8.72
C THR C 159 -23.67 -23.09 -7.82
N GLU C 160 -23.24 -24.35 -7.68
CA GLU C 160 -22.12 -24.67 -6.80
C GLU C 160 -20.83 -23.99 -7.24
N TYR C 161 -20.55 -24.03 -8.55
CA TYR C 161 -19.33 -23.41 -9.05
C TYR C 161 -19.34 -21.90 -8.85
N LEU C 162 -20.49 -21.27 -9.07
CA LEU C 162 -20.56 -19.79 -9.00
C LEU C 162 -20.63 -19.30 -7.55
N GLU C 163 -20.76 -20.20 -6.58
CA GLU C 163 -20.94 -19.76 -5.20
C GLU C 163 -19.80 -18.83 -4.77
N ILE C 164 -18.56 -19.20 -5.08
CA ILE C 164 -17.42 -18.37 -4.68
C ILE C 164 -17.50 -17.00 -5.34
N TYR C 165 -17.99 -16.94 -6.57
CA TYR C 165 -18.15 -15.65 -7.23
C TYR C 165 -19.38 -14.91 -6.70
N ALA C 166 -20.49 -15.63 -6.46
CA ALA C 166 -21.66 -14.99 -5.87
C ALA C 166 -21.34 -14.47 -4.48
N GLU C 167 -20.38 -15.08 -3.79
CA GLU C 167 -19.93 -14.56 -2.51
C GLU C 167 -19.09 -13.29 -2.69
N LEU C 168 -18.32 -13.22 -3.77
CA LEU C 168 -17.49 -12.05 -4.02
C LEU C 168 -18.34 -10.83 -4.36
N ALA C 169 -19.51 -11.04 -4.98
CA ALA C 169 -20.36 -9.92 -5.36
C ALA C 169 -20.69 -9.03 -4.17
N LYS C 170 -20.60 -9.56 -2.95
CA LYS C 170 -20.85 -8.78 -1.74
C LYS C 170 -19.63 -8.03 -1.25
N LYS C 171 -18.46 -8.26 -1.86
CA LYS C 171 -17.20 -7.66 -1.46
C LYS C 171 -16.84 -6.57 -2.47
N THR C 172 -16.78 -5.32 -2.01
CA THR C 172 -16.50 -4.18 -2.87
C THR C 172 -15.11 -3.60 -2.66
N GLU C 173 -14.32 -4.14 -1.75
CA GLU C 173 -12.96 -3.69 -1.50
C GLU C 173 -11.99 -4.84 -1.73
N ALA C 174 -10.81 -4.53 -2.26
CA ALA C 174 -9.78 -5.53 -2.49
C ALA C 174 -8.41 -4.87 -2.39
N CYS C 175 -7.42 -5.66 -2.00
CA CYS C 175 -6.05 -5.18 -1.92
C CYS C 175 -5.14 -6.39 -1.72
N GLY C 176 -3.86 -6.18 -1.97
CA GLY C 176 -2.87 -7.20 -1.62
C GLY C 176 -2.82 -7.47 -0.13
N CYS C 177 -3.24 -6.51 0.68
CA CYS C 177 -3.25 -6.71 2.14
C CYS C 177 -4.19 -7.83 2.53
N ASP C 178 -5.15 -8.18 1.68
CA ASP C 178 -6.06 -9.27 2.01
C ASP C 178 -5.29 -10.53 2.37
N LEU C 179 -4.15 -10.75 1.73
CA LEU C 179 -3.33 -11.91 2.04
C LEU C 179 -2.75 -11.80 3.45
N LEU C 180 -2.29 -10.61 3.83
CA LEU C 180 -1.80 -10.42 5.19
C LEU C 180 -2.94 -10.55 6.19
N VAL C 181 -3.99 -9.76 6.02
CA VAL C 181 -5.01 -9.63 7.06
C VAL C 181 -5.75 -10.95 7.27
N ASN C 182 -5.94 -11.73 6.22
CA ASN C 182 -6.77 -12.93 6.29
C ASN C 182 -5.98 -14.23 6.29
N VAL C 183 -4.69 -14.20 5.96
CA VAL C 183 -3.92 -15.44 5.82
C VAL C 183 -2.66 -15.39 6.69
N ILE C 184 -1.69 -14.56 6.30
CA ILE C 184 -0.41 -14.54 6.99
C ILE C 184 -0.61 -14.23 8.47
N ASN C 185 -1.35 -13.16 8.77
CA ASN C 185 -1.60 -12.76 10.15
C ASN C 185 -2.48 -13.76 10.90
N LYS C 186 -3.11 -14.70 10.20
CA LYS C 186 -4.03 -15.65 10.81
C LYS C 186 -3.46 -17.07 10.87
N SER C 187 -2.14 -17.21 10.76
CA SER C 187 -1.49 -18.52 10.90
C SER C 187 -2.13 -19.54 9.97
N LEU C 188 -2.34 -19.14 8.73
CA LEU C 188 -2.87 -20.02 7.70
C LEU C 188 -1.92 -20.20 6.52
N CYS C 189 -0.95 -19.32 6.32
CA CYS C 189 -0.14 -19.35 5.12
C CYS C 189 0.93 -20.44 5.19
N MET C 190 0.96 -21.27 4.15
CA MET C 190 1.89 -22.40 4.10
C MET C 190 2.98 -22.26 3.05
N GLY C 191 2.99 -21.16 2.32
CA GLY C 191 4.04 -20.93 1.36
C GLY C 191 3.99 -21.60 0.00
N CYS C 192 2.80 -21.79 -0.56
CA CYS C 192 2.75 -22.33 -1.92
C CYS C 192 3.29 -21.33 -2.92
N GLY C 193 2.84 -20.08 -2.84
CA GLY C 193 3.20 -19.08 -3.81
C GLY C 193 2.22 -18.89 -4.96
N SER C 194 1.13 -19.66 -4.99
CA SER C 194 0.15 -19.46 -6.05
C SER C 194 -0.36 -18.03 -6.08
N CYS C 195 -0.47 -17.39 -4.91
CA CYS C 195 -0.92 -16.00 -4.88
C CYS C 195 0.04 -15.10 -5.64
N ALA C 196 1.33 -15.43 -5.63
CA ALA C 196 2.30 -14.62 -6.36
C ALA C 196 2.20 -14.85 -7.85
N ALA C 197 1.86 -16.08 -8.28
CA ALA C 197 1.76 -16.36 -9.71
C ALA C 197 0.52 -15.74 -10.32
N SER C 198 -0.52 -15.46 -9.51
CA SER C 198 -1.76 -14.92 -10.02
C SER C 198 -1.72 -13.43 -10.31
N CYS C 199 -0.72 -12.72 -9.78
CA CYS C 199 -0.77 -11.27 -9.80
C CYS C 199 -0.45 -10.73 -11.19
N PRO C 200 -1.32 -9.92 -11.79
CA PRO C 200 -1.01 -9.41 -13.13
C PRO C 200 0.12 -8.41 -13.15
N THR C 201 0.36 -7.68 -12.05
CA THR C 201 1.37 -6.62 -12.01
C THR C 201 2.67 -7.08 -11.37
N ARG C 202 2.81 -8.36 -11.05
CA ARG C 202 4.02 -8.90 -10.43
C ARG C 202 4.36 -8.14 -9.14
N ALA C 203 3.32 -7.79 -8.38
CA ALA C 203 3.51 -7.05 -7.13
C ALA C 203 3.84 -7.94 -5.95
N ILE C 204 3.55 -9.24 -6.03
CA ILE C 204 3.81 -10.18 -4.95
C ILE C 204 5.13 -10.89 -5.21
N GLU C 205 5.95 -11.00 -4.17
CA GLU C 205 7.29 -11.57 -4.26
C GLU C 205 7.47 -12.51 -3.09
N MET C 206 7.74 -13.78 -3.36
CA MET C 206 7.92 -14.78 -2.32
C MET C 206 9.29 -14.60 -1.67
N ILE C 207 9.30 -14.30 -0.38
CA ILE C 207 10.53 -14.08 0.38
C ILE C 207 10.47 -14.96 1.62
N ASP C 208 11.33 -15.98 1.68
CA ASP C 208 11.44 -16.87 2.84
C ASP C 208 10.12 -17.57 3.11
N GLY C 209 9.52 -18.12 2.05
CA GLY C 209 8.31 -18.90 2.21
C GLY C 209 7.08 -18.11 2.57
N LYS C 210 7.10 -16.80 2.42
CA LYS C 210 5.96 -15.95 2.69
C LYS C 210 5.88 -14.84 1.65
N PRO C 211 4.67 -14.40 1.31
CA PRO C 211 4.55 -13.32 0.32
C PRO C 211 4.93 -11.97 0.90
N ASN C 212 5.45 -11.12 0.03
CA ASN C 212 5.75 -9.73 0.34
C ASN C 212 5.08 -8.88 -0.73
N VAL C 213 4.17 -8.02 -0.32
CA VAL C 213 3.40 -7.20 -1.26
C VAL C 213 4.12 -5.88 -1.47
N LEU C 214 4.40 -5.56 -2.73
CA LEU C 214 4.98 -4.27 -3.11
C LEU C 214 3.81 -3.32 -3.33
N LYS C 215 3.38 -2.66 -2.25
CA LYS C 215 2.05 -2.06 -2.22
C LYS C 215 1.88 -0.99 -3.29
N GLU C 216 2.96 -0.35 -3.72
CA GLU C 216 2.84 0.69 -4.74
C GLU C 216 2.60 0.12 -6.14
N LEU C 217 2.73 -1.20 -6.31
CA LEU C 217 2.51 -1.85 -7.60
C LEU C 217 1.21 -2.66 -7.61
N CYS C 218 0.32 -2.40 -6.66
CA CYS C 218 -0.91 -3.15 -6.52
C CYS C 218 -2.07 -2.34 -7.09
N ILE C 219 -2.84 -2.95 -7.98
CA ILE C 219 -3.97 -2.28 -8.62
C ILE C 219 -5.29 -2.66 -7.96
N LYS C 220 -5.25 -3.30 -6.79
CA LYS C 220 -6.45 -3.65 -6.04
C LYS C 220 -7.41 -4.45 -6.92
N CYS C 221 -6.89 -5.52 -7.52
CA CYS C 221 -7.67 -6.31 -8.48
C CYS C 221 -8.40 -7.47 -7.82
N GLY C 222 -7.79 -8.13 -6.83
CA GLY C 222 -8.45 -9.19 -6.10
C GLY C 222 -8.11 -10.60 -6.54
N ALA C 223 -7.27 -10.78 -7.56
CA ALA C 223 -6.99 -12.11 -8.06
C ALA C 223 -6.31 -12.97 -7.01
N CYS C 224 -5.29 -12.42 -6.34
CA CYS C 224 -4.54 -13.18 -5.36
C CYS C 224 -5.43 -13.61 -4.19
N SER C 225 -6.22 -12.68 -3.65
CA SER C 225 -7.14 -13.04 -2.57
C SER C 225 -8.09 -14.15 -2.99
N LEU C 226 -8.42 -14.20 -4.28
CA LEU C 226 -9.36 -15.22 -4.80
C LEU C 226 -8.64 -16.57 -4.95
N GLN C 227 -7.38 -16.55 -5.40
CA GLN C 227 -6.67 -17.78 -5.67
C GLN C 227 -6.29 -18.52 -4.39
N CYS C 228 -5.96 -17.78 -3.33
CA CYS C 228 -5.41 -18.39 -2.13
C CYS C 228 -6.30 -19.53 -1.66
N PRO C 229 -5.77 -20.74 -1.47
CA PRO C 229 -6.61 -21.87 -1.05
C PRO C 229 -6.90 -21.92 0.44
N ARG C 230 -6.23 -21.13 1.26
CA ARG C 230 -6.59 -21.05 2.68
C ARG C 230 -7.67 -20.01 2.95
N ILE C 231 -8.10 -19.27 1.93
CA ILE C 231 -9.24 -18.38 2.05
C ILE C 231 -10.49 -19.18 1.69
N ARG C 232 -10.60 -19.52 0.41
CA ARG C 232 -11.76 -20.30 -0.07
C ARG C 232 -11.27 -21.62 -0.67
N PHE C 233 -11.93 -22.72 -0.34
CA PHE C 233 -11.58 -24.05 -0.85
C PHE C 233 -12.83 -24.91 -0.84
N PRO C 234 -13.79 -24.62 -1.71
CA PRO C 234 -14.99 -25.46 -1.79
C PRO C 234 -14.65 -26.87 -2.23
N LYS C 235 -15.43 -27.84 -1.74
CA LYS C 235 -15.18 -29.24 -2.10
C LYS C 235 -15.12 -29.44 -3.60
N LEU C 236 -15.90 -28.67 -4.35
CA LEU C 236 -15.95 -28.78 -5.81
C LEU C 236 -14.56 -28.90 -6.41
N ILE C 237 -13.58 -28.24 -5.80
CA ILE C 237 -12.21 -28.28 -6.30
C ILE C 237 -11.64 -29.69 -6.22
N GLU C 238 -12.02 -30.46 -5.21
CA GLU C 238 -11.43 -31.77 -4.98
C GLU C 238 -11.86 -32.81 -6.00
N GLU C 239 -12.66 -32.43 -6.99
CA GLU C 239 -13.16 -33.37 -8.00
C GLU C 239 -12.17 -33.43 -9.16
N ILE C 240 -11.63 -34.63 -9.41
CA ILE C 240 -10.73 -34.88 -10.52
C ILE C 240 -11.14 -36.19 -11.17
N GLU C 241 -10.66 -36.41 -12.39
CA GLU C 241 -11.00 -37.63 -13.12
C GLU C 241 -9.79 -38.29 -13.76
N GLY D 2 19.62 -25.79 47.55
CA GLY D 2 19.25 -26.78 46.56
C GLY D 2 17.82 -26.65 46.07
N LYS D 3 17.47 -25.47 45.55
CA LYS D 3 16.12 -25.21 45.06
C LYS D 3 16.19 -24.29 43.84
N ILE D 4 15.11 -24.27 43.07
CA ILE D 4 14.99 -23.42 41.89
C ILE D 4 14.04 -22.29 42.20
N VAL D 5 14.50 -21.05 42.03
CA VAL D 5 13.67 -19.87 42.18
C VAL D 5 13.42 -19.29 40.80
N GLU D 6 12.15 -19.12 40.46
CA GLU D 6 11.75 -18.50 39.20
C GLU D 6 10.90 -17.28 39.53
N ILE D 7 11.30 -16.13 39.02
CA ILE D 7 10.55 -14.89 39.13
C ILE D 7 10.03 -14.57 37.73
N HIS D 8 8.72 -14.41 37.60
CA HIS D 8 8.16 -14.23 36.27
C HIS D 8 6.78 -13.59 36.27
N PRO D 9 6.60 -12.43 35.61
CA PRO D 9 7.61 -11.61 34.93
C PRO D 9 8.36 -10.69 35.89
N THR D 10 9.59 -10.32 35.57
CA THR D 10 10.24 -9.25 36.30
C THR D 10 9.55 -7.92 35.97
N THR D 11 9.68 -6.95 36.87
CA THR D 11 8.85 -5.75 36.84
C THR D 11 9.69 -4.49 36.87
N ARG D 12 9.03 -3.38 36.54
CA ARG D 12 9.64 -2.05 36.53
C ARG D 12 10.89 -2.03 35.67
N HIS D 13 10.83 -2.76 34.57
CA HIS D 13 11.59 -2.54 33.36
C HIS D 13 10.63 -2.68 32.19
N GLU D 14 11.11 -2.42 30.98
CA GLU D 14 10.24 -2.55 29.82
C GLU D 14 10.18 -4.00 29.38
N GLY D 15 8.97 -4.50 29.15
CA GLY D 15 8.80 -5.78 28.50
C GLY D 15 8.73 -6.95 29.46
N HIS D 16 8.98 -8.13 28.90
CA HIS D 16 8.56 -9.41 29.47
C HIS D 16 9.76 -10.33 29.55
N THR D 17 10.17 -10.62 30.79
CA THR D 17 11.33 -11.49 30.97
C THR D 17 11.06 -12.58 31.97
N LYS D 18 12.11 -13.25 32.40
CA LYS D 18 12.04 -14.35 33.35
C LYS D 18 13.38 -14.45 34.06
N LEU D 19 13.35 -14.58 35.38
CA LEU D 19 14.53 -14.94 36.14
C LEU D 19 14.40 -16.40 36.54
N VAL D 20 15.38 -17.22 36.17
CA VAL D 20 15.43 -18.63 36.54
C VAL D 20 16.74 -18.84 37.28
N LEU D 21 16.65 -19.07 38.58
CA LEU D 21 17.80 -19.11 39.46
C LEU D 21 17.88 -20.47 40.16
N LYS D 22 19.08 -21.02 40.21
CA LYS D 22 19.37 -22.19 41.03
C LYS D 22 20.12 -21.70 42.26
N VAL D 23 19.47 -21.78 43.42
CA VAL D 23 20.03 -21.26 44.66
C VAL D 23 20.41 -22.43 45.57
N ASP D 24 21.32 -22.15 46.51
CA ASP D 24 21.68 -23.12 47.54
C ASP D 24 20.69 -22.98 48.70
N ASP D 25 20.97 -23.65 49.82
CA ASP D 25 20.00 -23.67 50.92
C ASP D 25 19.86 -22.31 51.58
N GLU D 26 20.90 -21.48 51.52
CA GLU D 26 20.87 -20.16 52.14
C GLU D 26 20.31 -19.09 51.20
N GLY D 27 19.85 -19.47 50.02
CA GLY D 27 19.28 -18.53 49.07
C GLY D 27 20.26 -17.90 48.12
N ILE D 28 21.54 -18.25 48.20
CA ILE D 28 22.53 -17.64 47.32
C ILE D 28 22.37 -18.22 45.91
N VAL D 29 22.32 -17.33 44.92
CA VAL D 29 22.19 -17.76 43.53
C VAL D 29 23.49 -18.43 43.10
N GLU D 30 23.38 -19.70 42.69
CA GLU D 30 24.54 -20.43 42.21
C GLU D 30 24.67 -20.38 40.68
N LYS D 31 23.55 -20.53 39.97
CA LYS D 31 23.52 -20.37 38.52
C LYS D 31 22.34 -19.48 38.15
N GLY D 32 22.62 -18.38 37.44
CA GLY D 32 21.63 -17.38 37.12
C GLY D 32 21.24 -17.45 35.66
N ALA D 33 19.99 -17.09 35.38
CA ALA D 33 19.48 -17.03 34.01
C ALA D 33 18.44 -15.93 33.91
N TYR D 34 18.74 -14.91 33.11
CA TYR D 34 17.81 -13.85 32.75
C TYR D 34 17.56 -13.95 31.25
N LEU D 35 16.29 -14.01 30.86
CA LEU D 35 15.97 -14.28 29.47
C LEU D 35 14.67 -13.60 29.09
N SER D 36 14.60 -13.15 27.84
CA SER D 36 13.37 -12.58 27.31
C SER D 36 12.47 -13.70 26.82
N VAL D 37 11.19 -13.61 27.19
CA VAL D 37 10.16 -14.49 26.66
C VAL D 37 9.13 -13.70 25.86
N THR D 38 9.44 -12.46 25.49
CA THR D 38 8.56 -11.67 24.65
C THR D 38 8.52 -12.26 23.25
N PRO D 39 7.33 -12.36 22.65
CA PRO D 39 7.27 -12.87 21.26
C PRO D 39 8.18 -12.08 20.34
N VAL D 40 8.67 -12.77 19.31
CA VAL D 40 9.60 -12.18 18.34
C VAL D 40 8.76 -11.60 17.20
N ARG D 41 8.62 -10.28 17.19
CA ARG D 41 7.88 -9.64 16.11
C ARG D 41 8.60 -9.76 14.77
N GLY D 42 9.92 -9.98 14.79
CA GLY D 42 10.64 -10.38 13.59
C GLY D 42 10.97 -9.27 12.62
N PHE D 43 11.43 -8.12 13.12
CA PHE D 43 11.66 -6.98 12.22
C PHE D 43 12.75 -7.27 11.21
N GLU D 44 13.83 -7.94 11.61
CA GLU D 44 14.95 -8.14 10.67
C GLU D 44 14.52 -9.01 9.48
N LYS D 45 13.39 -9.71 9.62
CA LYS D 45 12.98 -10.63 8.57
C LYS D 45 11.87 -10.09 7.69
N PHE D 46 11.03 -9.20 8.18
CA PHE D 46 10.01 -8.64 7.30
C PHE D 46 10.49 -7.38 6.61
N LEU D 47 11.57 -6.79 7.10
CA LEU D 47 12.11 -5.62 6.43
C LEU D 47 12.74 -5.96 5.09
N VAL D 48 13.23 -7.21 4.98
CA VAL D 48 13.82 -7.66 3.69
C VAL D 48 12.73 -7.55 2.62
N GLY D 49 13.08 -7.01 1.46
CA GLY D 49 12.11 -6.81 0.41
C GLY D 49 11.41 -5.47 0.44
N LYS D 50 11.62 -4.68 1.49
CA LYS D 50 10.97 -3.39 1.66
C LYS D 50 11.95 -2.25 1.41
N PRO D 51 11.45 -1.06 1.04
CA PRO D 51 12.34 0.05 0.73
C PRO D 51 13.07 0.57 1.96
N ALA D 52 14.21 1.23 1.70
CA ALA D 52 15.10 1.61 2.79
C ALA D 52 14.46 2.66 3.70
N GLU D 53 13.75 3.64 3.12
CA GLU D 53 13.13 4.68 3.93
C GLU D 53 12.14 4.10 4.93
N PHE D 54 11.64 2.89 4.69
CA PHE D 54 10.75 2.23 5.65
C PHE D 54 11.50 1.74 6.87
N ALA D 55 12.81 1.52 6.78
CA ALA D 55 13.57 0.98 7.91
C ALA D 55 13.52 1.88 9.13
N PRO D 56 13.90 3.16 9.06
CA PRO D 56 13.84 3.99 10.27
C PRO D 56 12.42 4.16 10.80
N ILE D 57 11.43 4.07 9.92
CA ILE D 57 10.03 4.12 10.38
C ILE D 57 9.68 2.85 11.14
N ALA D 58 10.10 1.70 10.62
CA ALA D 58 9.71 0.42 11.20
C ALA D 58 10.50 0.11 12.47
N VAL D 59 11.84 0.19 12.39
CA VAL D 59 12.65 -0.18 13.55
C VAL D 59 12.41 0.77 14.72
N SER D 60 11.91 1.98 14.45
CA SER D 60 11.55 2.87 15.54
C SER D 60 10.53 2.22 16.47
N ARG D 61 9.74 1.28 15.95
CA ARG D 61 8.74 0.56 16.73
C ARG D 61 9.32 -0.62 17.52
N PHE D 62 10.64 -0.78 17.56
CA PHE D 62 11.23 -1.73 18.50
C PHE D 62 10.74 -1.43 19.91
N CYS D 63 10.72 -0.15 20.26
CA CYS D 63 10.51 0.30 21.63
C CYS D 63 10.00 1.73 21.59
N GLY D 64 9.08 2.06 22.50
CA GLY D 64 8.58 3.40 22.63
C GLY D 64 9.31 4.26 23.64
N ILE D 65 10.28 3.70 24.35
CA ILE D 65 11.10 4.49 25.26
C ILE D 65 12.29 5.10 24.54
N CYS D 66 12.91 4.34 23.63
CA CYS D 66 14.14 4.76 22.97
C CYS D 66 14.04 4.73 21.45
N PRO D 67 12.85 4.93 20.87
CA PRO D 67 12.73 4.71 19.43
C PRO D 67 13.81 5.41 18.62
N VAL D 68 14.26 6.59 19.07
CA VAL D 68 15.26 7.36 18.33
C VAL D 68 16.53 6.55 18.11
N ALA D 69 16.90 5.72 19.08
CA ALA D 69 18.19 5.02 18.99
C ALA D 69 18.22 4.06 17.81
N HIS D 70 17.09 3.42 17.49
CA HIS D 70 17.05 2.50 16.36
C HIS D 70 16.91 3.25 15.05
N ALA D 71 16.06 4.27 15.01
CA ALA D 71 15.99 5.13 13.82
C ALA D 71 17.36 5.67 13.48
N THR D 72 18.08 6.18 14.49
CA THR D 72 19.44 6.67 14.26
C THR D 72 20.33 5.57 13.72
N SER D 73 20.32 4.40 14.37
CA SER D 73 21.21 3.31 13.96
C SER D 73 20.83 2.76 12.59
N ALA D 74 19.55 2.78 12.24
CA ALA D 74 19.12 2.25 10.95
C ALA D 74 19.63 3.10 9.79
N VAL D 75 19.48 4.42 9.89
CA VAL D 75 19.90 5.28 8.79
C VAL D 75 21.42 5.33 8.70
N GLU D 76 22.11 5.25 9.84
CA GLU D 76 23.57 5.19 9.80
C GLU D 76 24.05 3.94 9.08
N ALA D 77 23.32 2.84 9.23
CA ALA D 77 23.70 1.60 8.56
C ALA D 77 23.36 1.64 7.08
N ILE D 78 22.26 2.29 6.70
CA ILE D 78 21.93 2.42 5.29
C ILE D 78 22.82 3.46 4.62
N GLU D 79 23.12 4.55 5.32
CA GLU D 79 24.05 5.53 4.79
C GLU D 79 25.42 4.91 4.56
N ASP D 80 25.87 4.05 5.49
CA ASP D 80 27.14 3.38 5.30
C ASP D 80 27.09 2.43 4.11
N ALA D 81 25.97 1.74 3.93
CA ALA D 81 25.87 0.76 2.86
C ALA D 81 25.84 1.42 1.48
N CYS D 82 25.36 2.67 1.41
CA CYS D 82 25.21 3.37 0.15
C CYS D 82 26.20 4.51 -0.01
N ASP D 83 27.12 4.69 0.95
CA ASP D 83 28.13 5.75 0.88
C ASP D 83 27.47 7.13 0.77
N ILE D 84 26.48 7.35 1.64
CA ILE D 84 25.80 8.63 1.77
C ILE D 84 26.40 9.36 2.97
N THR D 85 26.68 10.64 2.80
CA THR D 85 27.23 11.45 3.89
C THR D 85 26.22 12.51 4.30
N PRO D 86 25.70 12.48 5.52
CA PRO D 86 24.74 13.50 5.94
C PRO D 86 25.43 14.84 6.13
N PRO D 87 24.77 15.94 5.79
CA PRO D 87 25.40 17.26 5.96
C PRO D 87 25.63 17.57 7.43
N LYS D 88 26.54 18.53 7.66
CA LYS D 88 26.98 18.84 9.02
C LYS D 88 25.80 19.05 9.96
N ASP D 89 24.89 19.94 9.59
CA ASP D 89 23.84 20.36 10.52
C ASP D 89 22.79 19.28 10.71
N GLY D 90 22.55 18.45 9.70
CA GLY D 90 21.69 17.30 9.91
C GLY D 90 22.29 16.33 10.90
N LEU D 91 23.60 16.05 10.77
CA LEU D 91 24.27 15.18 11.72
C LEU D 91 24.23 15.75 13.13
N LEU D 92 24.23 17.09 13.26
CA LEU D 92 24.16 17.69 14.58
C LEU D 92 22.75 17.60 15.16
N LEU D 93 21.73 17.83 14.33
CA LEU D 93 20.36 17.67 14.81
C LEU D 93 20.07 16.21 15.14
N ARG D 94 20.56 15.30 14.31
CA ARG D 94 20.38 13.86 14.60
C ARG D 94 20.91 13.58 16.00
N GLU D 95 22.16 13.96 16.25
CA GLU D 95 22.75 13.72 17.57
C GLU D 95 21.94 14.41 18.65
N LEU D 96 21.50 15.63 18.39
CA LEU D 96 20.65 16.32 19.36
C LEU D 96 19.37 15.55 19.64
N CYS D 97 18.78 14.96 18.59
CA CYS D 97 17.57 14.17 18.78
C CYS D 97 17.84 12.95 19.64
N GLY D 98 18.94 12.23 19.36
CA GLY D 98 19.31 11.10 20.18
C GLY D 98 19.62 11.47 21.61
N ILE D 99 20.17 12.67 21.83
CA ILE D 99 20.46 13.11 23.19
C ILE D 99 19.17 13.53 23.88
N GLY D 100 18.24 14.13 23.14
CA GLY D 100 16.94 14.41 23.73
C GLY D 100 16.24 13.16 24.21
N ASN D 101 16.38 12.06 23.45
CA ASN D 101 15.76 10.80 23.87
C ASN D 101 16.43 10.25 25.12
N LYS D 102 17.75 10.24 25.16
CA LYS D 102 18.44 9.79 26.37
C LYS D 102 18.15 10.72 27.55
N MET D 103 17.57 11.89 27.26
CA MET D 103 17.31 12.87 28.34
C MET D 103 15.98 12.51 29.05
N HIS D 104 15.10 11.75 28.39
CA HIS D 104 13.91 11.27 29.08
C HIS D 104 14.03 9.83 29.55
N SER D 105 14.90 9.03 28.93
CA SER D 105 15.04 7.64 29.33
C SER D 105 15.65 7.52 30.71
N HIS D 106 16.75 8.24 30.96
CA HIS D 106 17.42 8.11 32.26
C HIS D 106 16.54 8.57 33.41
N PRO D 107 15.88 9.73 33.34
CA PRO D 107 14.92 10.06 34.42
C PRO D 107 13.79 9.05 34.52
N LEU D 108 13.27 8.60 33.37
CA LEU D 108 12.24 7.58 33.38
C LEU D 108 12.69 6.35 34.14
N HIS D 109 13.95 5.93 33.94
CA HIS D 109 14.45 4.78 34.67
C HIS D 109 14.58 5.07 36.16
N GLN D 110 15.07 6.26 36.51
CA GLN D 110 15.13 6.65 37.91
C GLN D 110 13.74 6.68 38.53
N PHE D 111 12.71 6.92 37.72
CA PHE D 111 11.34 6.87 38.21
C PHE D 111 10.86 5.43 38.42
N LEU D 112 11.25 4.52 37.53
CA LEU D 112 10.84 3.12 37.67
C LEU D 112 11.45 2.50 38.92
N ILE D 113 12.73 2.79 39.20
CA ILE D 113 13.39 2.21 40.36
C ILE D 113 13.14 3.00 41.64
N SER D 114 12.32 4.05 41.58
CA SER D 114 12.07 4.84 42.77
C SER D 114 11.38 4.07 43.89
N PRO D 115 10.54 3.06 43.61
CA PRO D 115 9.94 2.30 44.73
C PRO D 115 10.95 1.58 45.61
N ASP D 116 12.18 1.38 45.13
CA ASP D 116 13.18 0.66 45.90
C ASP D 116 14.16 1.57 46.62
N TYR D 117 14.45 2.76 46.08
CA TYR D 117 15.51 3.60 46.61
C TYR D 117 15.01 4.92 47.18
N VAL D 118 13.89 5.45 46.72
CA VAL D 118 13.40 6.75 47.15
C VAL D 118 12.42 6.57 48.30
N PRO D 119 12.62 7.23 49.45
CA PRO D 119 11.63 7.13 50.52
C PRO D 119 10.25 7.56 50.05
N LYS D 120 9.23 7.03 50.72
CA LYS D 120 7.86 7.22 50.25
C LYS D 120 7.42 8.67 50.37
N ASP D 121 7.91 9.39 51.39
CA ASP D 121 7.51 10.79 51.56
C ASP D 121 8.06 11.68 50.46
N ASP D 122 9.26 11.36 49.95
CA ASP D 122 9.86 12.11 48.86
C ASP D 122 9.33 11.72 47.49
N SER D 123 8.41 10.75 47.42
CA SER D 123 8.03 10.18 46.13
C SER D 123 7.43 11.23 45.21
N ASN D 124 6.45 11.99 45.70
CA ASN D 124 5.72 12.89 44.81
C ASN D 124 6.62 13.97 44.24
N GLU D 125 7.46 14.58 45.08
CA GLU D 125 8.39 15.59 44.59
C GLU D 125 9.39 14.97 43.62
N PHE D 126 9.86 13.76 43.92
CA PHE D 126 10.82 13.10 43.04
C PHE D 126 10.21 12.80 41.68
N ILE D 127 8.97 12.34 41.66
CA ILE D 127 8.31 12.08 40.37
C ILE D 127 8.11 13.38 39.62
N LYS D 128 7.71 14.44 40.31
CA LYS D 128 7.50 15.72 39.66
C LYS D 128 8.78 16.22 39.01
N ARG D 129 9.91 16.11 39.72
CA ARG D 129 11.18 16.55 39.15
C ARG D 129 11.56 15.69 37.94
N VAL D 130 11.29 14.40 38.00
CA VAL D 130 11.59 13.51 36.87
C VAL D 130 10.74 13.90 35.66
N GLN D 131 9.44 14.10 35.89
CA GLN D 131 8.55 14.43 34.78
C GLN D 131 8.86 15.80 34.19
N ALA D 132 9.29 16.75 35.03
CA ALA D 132 9.72 18.04 34.50
C ALA D 132 10.93 17.89 33.60
N MET D 133 11.84 16.98 33.95
CA MET D 133 12.99 16.71 33.09
C MET D 133 12.55 16.02 31.80
N ARG D 134 11.68 15.02 31.90
CA ARG D 134 11.27 14.29 30.72
C ARG D 134 10.52 15.18 29.74
N ARG D 135 9.72 16.14 30.24
CA ARG D 135 9.01 17.04 29.34
C ARG D 135 9.98 17.81 28.45
N ILE D 136 11.12 18.23 29.01
CA ILE D 136 12.12 18.92 28.22
C ILE D 136 12.73 17.95 27.20
N GLY D 137 13.08 16.74 27.64
CA GLY D 137 13.66 15.78 26.72
C GLY D 137 12.73 15.41 25.59
N GLN D 138 11.45 15.18 25.90
CA GLN D 138 10.50 14.85 24.85
C GLN D 138 10.23 16.04 23.93
N TYR D 139 10.35 17.27 24.45
CA TYR D 139 10.16 18.44 23.61
C TYR D 139 11.29 18.57 22.58
N ILE D 140 12.51 18.21 22.98
CA ILE D 140 13.62 18.23 22.03
C ILE D 140 13.39 17.24 20.91
N VAL D 141 12.89 16.04 21.24
CA VAL D 141 12.62 15.05 20.21
C VAL D 141 11.40 15.45 19.40
N ASP D 142 10.44 16.15 20.01
CA ASP D 142 9.31 16.65 19.27
C ASP D 142 9.72 17.69 18.23
N ALA D 143 10.53 18.67 18.66
CA ALA D 143 10.92 19.74 17.76
C ALA D 143 11.77 19.22 16.60
N VAL D 144 12.81 18.45 16.93
CA VAL D 144 13.78 18.04 15.91
C VAL D 144 13.29 16.83 15.13
N GLY D 145 12.72 15.86 15.81
CA GLY D 145 12.36 14.59 15.20
C GLY D 145 10.97 14.50 14.62
N GLY D 146 10.11 15.47 14.89
CA GLY D 146 8.73 15.47 14.39
C GLY D 146 7.74 14.85 15.36
N GLU D 147 8.16 13.80 16.05
CA GLU D 147 7.37 13.19 17.12
C GLU D 147 8.33 12.71 18.20
N ALA D 148 7.91 12.81 19.46
CA ALA D 148 8.74 12.32 20.55
C ALA D 148 8.87 10.81 20.49
N ILE D 149 7.73 10.12 20.34
CA ILE D 149 7.70 8.66 20.25
C ILE D 149 7.58 8.30 18.78
N HIS D 150 8.68 7.82 18.20
CA HIS D 150 8.78 7.47 16.78
C HIS D 150 8.93 8.74 15.93
N SER D 151 10.18 9.18 15.76
CA SER D 151 10.48 10.46 15.14
C SER D 151 10.60 10.28 13.63
N PRO D 152 9.66 10.77 12.83
CA PRO D 152 9.71 10.52 11.38
C PRO D 152 10.70 11.38 10.62
N ASN D 153 11.32 12.37 11.26
CA ASN D 153 12.31 13.19 10.57
C ASN D 153 13.65 12.49 10.41
N ILE D 154 13.94 11.49 11.26
CA ILE D 154 15.19 10.75 11.16
C ILE D 154 15.14 9.91 9.89
N LYS D 155 15.87 10.35 8.87
CA LYS D 155 15.79 9.75 7.54
C LYS D 155 17.17 9.43 7.01
N VAL D 156 17.21 8.51 6.05
CA VAL D 156 18.43 8.23 5.30
C VAL D 156 18.83 9.51 4.59
N GLY D 157 19.92 10.13 5.03
CA GLY D 157 20.39 11.37 4.43
C GLY D 157 20.63 12.46 5.45
N GLY D 158 19.98 12.37 6.60
CA GLY D 158 20.18 13.33 7.67
C GLY D 158 18.93 13.50 8.52
N MET D 159 18.45 14.74 8.61
CA MET D 159 17.21 15.04 9.32
C MET D 159 16.29 15.78 8.36
N ALA D 160 15.03 15.35 8.29
CA ALA D 160 14.10 15.86 7.29
C ALA D 160 13.98 17.37 7.37
N LYS D 161 13.51 17.88 8.51
CA LYS D 161 13.23 19.29 8.67
C LYS D 161 14.32 19.98 9.48
N GLN D 162 14.26 21.30 9.51
CA GLN D 162 15.18 22.14 10.25
C GLN D 162 14.39 22.96 11.27
N ILE D 163 15.10 23.59 12.20
CA ILE D 163 14.47 24.35 13.27
C ILE D 163 14.72 25.84 13.05
N THR D 164 13.80 26.65 13.57
CA THR D 164 13.95 28.10 13.52
C THR D 164 14.85 28.56 14.66
N GLU D 165 15.50 29.71 14.48
CA GLU D 165 16.34 30.26 15.57
C GLU D 165 15.45 30.39 16.82
N SER D 166 14.20 30.82 16.65
CA SER D 166 13.30 30.87 17.80
C SER D 166 13.29 29.53 18.53
N THR D 167 12.98 28.45 17.80
CA THR D 167 12.96 27.12 18.40
C THR D 167 14.31 26.78 19.03
N LYS D 168 15.39 26.91 18.26
CA LYS D 168 16.74 26.68 18.81
C LYS D 168 16.92 27.43 20.12
N ALA D 169 16.52 28.70 20.15
CA ALA D 169 16.65 29.48 21.38
C ALA D 169 15.80 28.90 22.50
N LYS D 170 14.62 28.36 22.16
CA LYS D 170 13.78 27.74 23.18
C LYS D 170 14.46 26.52 23.77
N MET D 171 14.92 25.61 22.92
CA MET D 171 15.58 24.41 23.41
C MET D 171 16.79 24.76 24.27
N TYR D 172 17.57 25.75 23.86
CA TYR D 172 18.74 26.14 24.66
C TYR D 172 18.32 26.61 26.05
N TYR D 173 17.18 27.30 26.15
CA TYR D 173 16.70 27.73 27.47
C TYR D 173 16.12 26.55 28.24
N LYS D 174 15.42 25.65 27.54
CA LYS D 174 14.92 24.45 28.22
C LYS D 174 16.08 23.59 28.73
N CYS D 175 17.19 23.55 27.97
CA CYS D 175 18.33 22.74 28.41
C CYS D 175 18.95 23.31 29.68
N LYS D 176 19.03 24.64 29.79
CA LYS D 176 19.59 25.23 30.99
C LYS D 176 18.74 24.93 32.21
N GLU D 177 17.42 24.85 32.05
CA GLU D 177 16.55 24.50 33.17
C GLU D 177 16.63 23.01 33.46
N TYR D 178 16.72 22.18 32.43
CA TYR D 178 16.99 20.77 32.62
C TYR D 178 18.29 20.57 33.39
N GLU D 179 19.32 21.35 33.06
CA GLU D 179 20.59 21.23 33.76
C GLU D 179 20.44 21.60 35.24
N LYS D 180 19.55 22.53 35.56
CA LYS D 180 19.27 22.83 36.96
C LYS D 180 18.62 21.62 37.63
N LEU D 181 17.58 21.07 36.99
CA LEU D 181 16.90 19.91 37.56
C LEU D 181 17.84 18.73 37.72
N ALA D 182 18.78 18.56 36.79
CA ALA D 182 19.70 17.44 36.85
C ALA D 182 20.60 17.53 38.07
N LYS D 183 21.09 18.74 38.39
CA LYS D 183 21.90 18.93 39.59
C LYS D 183 21.10 18.63 40.84
N GLU D 184 19.83 19.07 40.88
CA GLU D 184 18.96 18.74 42.01
C GLU D 184 18.78 17.23 42.12
N GLN D 185 18.38 16.58 41.02
CA GLN D 185 18.23 15.14 41.00
C GLN D 185 19.52 14.44 41.42
N LEU D 186 20.64 14.83 40.82
CA LEU D 186 21.89 14.10 41.02
C LEU D 186 22.41 14.27 42.43
N GLU D 187 22.18 15.44 43.03
CA GLU D 187 22.62 15.70 44.42
C GLU D 187 21.77 14.89 45.39
N TYR D 188 20.60 14.42 44.95
CA TYR D 188 19.70 13.68 45.80
C TYR D 188 19.91 12.17 45.72
N LEU D 189 20.18 11.64 44.52
CA LEU D 189 20.25 10.21 44.32
C LEU D 189 21.65 9.63 44.57
N ILE D 190 22.70 10.38 44.21
CA ILE D 190 24.06 9.86 44.39
C ILE D 190 24.30 9.45 45.84
N PRO D 191 23.86 10.21 46.84
CA PRO D 191 24.03 9.72 48.23
C PRO D 191 23.28 8.42 48.51
N ILE D 192 22.08 8.26 47.94
CA ILE D 192 21.33 7.02 48.16
C ILE D 192 22.05 5.84 47.53
N PHE D 193 22.51 5.99 46.28
CA PHE D 193 23.22 4.90 45.62
C PHE D 193 24.51 4.56 46.35
N GLU D 194 25.18 5.57 46.92
CA GLU D 194 26.44 5.31 47.61
C GLU D 194 26.21 4.61 48.94
N SER D 195 25.05 4.79 49.55
CA SER D 195 24.76 4.12 50.82
C SER D 195 24.50 2.62 50.64
N ARG D 196 24.11 2.20 49.44
CA ARG D 196 23.88 0.78 49.14
C ARG D 196 22.77 0.19 49.99
N THR D 197 21.83 1.02 50.46
CA THR D 197 20.69 0.54 51.22
C THR D 197 19.40 1.01 50.57
N LEU D 198 18.41 0.11 50.52
CA LEU D 198 17.12 0.42 49.95
C LEU D 198 16.34 1.33 50.89
N ASN D 199 15.13 1.72 50.46
CA ASN D 199 14.32 2.64 51.24
C ASN D 199 13.66 1.97 52.44
N ASP D 200 13.58 0.64 52.47
CA ASP D 200 13.06 -0.08 53.62
C ASP D 200 14.14 -0.42 54.64
N GLY D 201 15.39 -0.06 54.37
CA GLY D 201 16.46 -0.24 55.30
C GLY D 201 17.40 -1.39 54.99
N THR D 202 16.99 -2.32 54.13
CA THR D 202 17.79 -3.49 53.85
C THR D 202 19.08 -3.09 53.12
N GLU D 203 20.22 -3.50 53.68
CA GLU D 203 21.51 -3.18 53.10
C GLU D 203 21.81 -4.14 51.96
N LEU D 204 22.48 -3.63 50.91
CA LEU D 204 22.81 -4.48 49.77
C LEU D 204 24.23 -5.01 49.89
N PRO D 205 24.49 -6.24 49.43
CA PRO D 205 25.85 -6.77 49.48
C PRO D 205 26.82 -5.88 48.72
N GLU D 206 28.05 -5.80 49.24
CA GLU D 206 29.04 -4.90 48.63
C GLU D 206 29.39 -5.32 47.22
N LYS D 207 29.38 -6.63 46.94
CA LYS D 207 29.75 -7.16 45.63
C LYS D 207 28.52 -7.39 44.75
N LEU D 208 27.44 -6.67 45.00
CA LEU D 208 26.19 -6.91 44.28
C LEU D 208 26.38 -6.65 42.79
N GLY D 209 26.07 -7.66 41.98
CA GLY D 209 26.13 -7.51 40.54
C GLY D 209 27.51 -7.49 39.94
N TYR D 210 28.51 -8.05 40.62
CA TYR D 210 29.84 -8.13 40.07
C TYR D 210 29.89 -9.14 38.93
N HIS D 211 30.76 -8.86 37.95
CA HIS D 211 30.96 -9.78 36.83
C HIS D 211 32.32 -9.49 36.22
N ASP D 212 32.76 -10.40 35.35
CA ASP D 212 34.14 -10.40 34.85
C ASP D 212 34.24 -9.96 33.40
N PHE D 213 33.18 -9.41 32.82
CA PHE D 213 33.15 -9.11 31.40
C PHE D 213 33.60 -7.68 31.12
N GLY D 214 34.01 -7.45 29.88
CA GLY D 214 34.42 -6.15 29.43
C GLY D 214 33.22 -5.28 29.06
N TYR D 215 33.52 -4.16 28.41
CA TYR D 215 32.50 -3.21 28.00
C TYR D 215 32.62 -2.89 26.52
N ILE D 216 31.51 -2.41 25.94
CA ILE D 216 31.46 -1.92 24.57
C ILE D 216 30.81 -0.54 24.59
N ALA D 217 31.57 0.47 24.17
CA ALA D 217 31.04 1.81 23.94
C ALA D 217 31.91 2.47 22.88
N THR D 218 31.27 3.13 21.91
CA THR D 218 31.96 3.71 20.77
C THR D 218 32.05 5.23 20.82
N HIS D 219 31.18 5.86 21.61
CA HIS D 219 31.15 7.34 21.70
C HIS D 219 30.48 7.71 23.02
N PRO D 220 30.75 8.89 23.60
CA PRO D 220 30.10 9.30 24.83
C PRO D 220 28.66 9.78 24.66
N THR D 221 28.28 10.29 23.49
CA THR D 221 26.93 10.87 23.35
C THR D 221 26.24 10.44 22.07
N TYR D 222 26.98 9.92 21.10
CA TYR D 222 26.33 9.59 19.80
C TYR D 222 26.75 8.21 19.34
N GLY D 223 27.78 8.13 18.50
CA GLY D 223 28.17 6.84 17.95
C GLY D 223 29.30 6.95 16.96
N ASP D 224 30.16 5.93 16.90
CA ASP D 224 31.31 5.95 16.01
C ASP D 224 31.57 4.53 15.54
N ARG D 225 31.22 4.24 14.28
CA ARG D 225 31.34 2.90 13.74
C ARG D 225 32.79 2.43 13.66
N THR D 226 33.75 3.35 13.70
CA THR D 226 35.15 2.98 13.56
C THR D 226 35.75 2.41 14.84
N LYS D 227 35.09 2.62 15.98
CA LYS D 227 35.65 2.19 17.26
C LYS D 227 35.35 0.73 17.57
N ILE D 228 34.67 0.01 16.68
CA ILE D 228 34.35 -1.40 16.90
C ILE D 228 34.65 -2.18 15.63
N ASP D 229 35.18 -3.39 15.80
CA ASP D 229 35.45 -4.31 14.70
C ASP D 229 34.27 -5.27 14.61
N GLN D 230 33.28 -4.91 13.79
CA GLN D 230 32.05 -5.69 13.72
C GLN D 230 32.30 -7.12 13.27
N ASP D 231 33.47 -7.42 12.70
CA ASP D 231 33.77 -8.80 12.37
C ASP D 231 33.97 -9.65 13.60
N LYS D 232 34.47 -9.06 14.69
CA LYS D 232 34.63 -9.81 15.93
C LYS D 232 33.32 -10.02 16.67
N VAL D 233 32.23 -9.38 16.23
CA VAL D 233 30.91 -9.57 16.83
C VAL D 233 30.27 -10.79 16.20
N VAL D 234 29.96 -11.79 17.02
CA VAL D 234 29.31 -13.02 16.58
C VAL D 234 28.13 -13.29 17.49
N GLU D 235 26.96 -13.51 16.88
CA GLU D 235 25.75 -13.81 17.63
C GLU D 235 25.62 -15.32 17.78
N TYR D 236 25.44 -15.77 19.02
CA TYR D 236 25.23 -17.18 19.33
C TYR D 236 23.81 -17.40 19.84
N THR D 237 23.46 -18.68 20.01
CA THR D 237 22.11 -19.11 20.34
C THR D 237 21.93 -19.22 21.85
N PRO D 238 20.69 -19.23 22.33
CA PRO D 238 20.46 -19.38 23.77
C PRO D 238 20.98 -20.70 24.31
N PHE D 239 21.16 -21.72 23.46
CA PHE D 239 21.71 -22.99 23.93
C PHE D 239 23.15 -22.85 24.40
N ASP D 240 23.81 -21.75 24.06
CA ASP D 240 25.21 -21.55 24.39
C ASP D 240 25.42 -20.86 25.73
N VAL D 241 24.36 -20.48 26.44
CA VAL D 241 24.50 -19.74 27.68
C VAL D 241 23.57 -20.25 28.77
N TYR D 242 22.41 -20.78 28.39
CA TYR D 242 21.46 -21.31 29.35
C TYR D 242 21.46 -22.84 29.33
N ASP D 243 20.79 -23.41 30.32
CA ASP D 243 20.48 -24.83 30.30
C ASP D 243 19.37 -25.09 29.27
N LYS D 244 19.31 -26.34 28.81
CA LYS D 244 18.48 -26.62 27.63
C LYS D 244 17.01 -26.29 27.88
N ASP D 245 16.49 -26.60 29.07
CA ASP D 245 15.08 -26.30 29.34
C ASP D 245 14.82 -24.80 29.47
N VAL D 246 15.86 -23.99 29.62
CA VAL D 246 15.70 -22.54 29.68
C VAL D 246 15.99 -21.93 28.32
N ALA D 247 16.89 -22.56 27.56
CA ALA D 247 17.30 -21.99 26.27
C ALA D 247 16.14 -21.93 25.29
N ILE D 248 15.28 -22.95 25.30
CA ILE D 248 14.16 -22.97 24.36
C ILE D 248 13.18 -21.84 24.64
N GLN D 249 13.23 -21.23 25.82
CA GLN D 249 12.35 -20.12 26.14
C GLN D 249 12.91 -18.77 25.70
N SER D 250 14.22 -18.60 25.69
CA SER D 250 14.81 -17.32 25.35
C SER D 250 14.44 -16.92 23.92
N SER D 251 14.04 -15.66 23.76
CA SER D 251 13.69 -15.12 22.45
C SER D 251 14.85 -14.39 21.78
N THR D 252 15.86 -14.01 22.55
CA THR D 252 16.96 -13.19 22.05
C THR D 252 18.13 -14.03 21.59
N THR D 253 19.00 -13.40 20.80
CA THR D 253 20.30 -13.97 20.47
C THR D 253 21.31 -13.58 21.55
N VAL D 254 22.49 -14.17 21.45
CA VAL D 254 23.54 -13.96 22.44
C VAL D 254 24.75 -13.32 21.77
N PRO D 255 24.86 -11.99 21.77
CA PRO D 255 25.99 -11.35 21.10
C PRO D 255 27.28 -11.48 21.90
N THR D 256 28.38 -11.62 21.18
CA THR D 256 29.71 -11.74 21.77
C THR D 256 30.71 -10.93 20.96
N TYR D 257 31.71 -10.39 21.65
CA TYR D 257 32.84 -9.72 21.03
C TYR D 257 34.09 -10.52 21.32
N ASN D 258 34.74 -11.02 20.27
CA ASN D 258 35.86 -11.95 20.43
C ASN D 258 35.43 -13.18 21.23
N GLY D 259 34.18 -13.59 21.03
CA GLY D 259 33.66 -14.76 21.70
C GLY D 259 33.42 -14.58 23.18
N ARG D 260 33.24 -13.35 23.65
CA ARG D 260 33.03 -13.09 25.06
C ARG D 260 31.85 -12.14 25.25
N LEU D 261 31.11 -12.36 26.32
CA LEU D 261 30.06 -11.46 26.71
C LEU D 261 30.64 -10.08 27.02
N MET D 262 29.87 -9.04 26.73
CA MET D 262 30.26 -7.68 27.04
C MET D 262 29.06 -6.95 27.60
N GLU D 263 29.34 -6.01 28.50
CA GLU D 263 28.30 -5.11 29.02
C GLU D 263 28.30 -3.83 28.21
N VAL D 264 27.11 -3.30 27.97
CA VAL D 264 26.94 -1.99 27.36
C VAL D 264 26.13 -1.13 28.32
N GLY D 265 26.10 0.18 28.03
CA GLY D 265 25.31 1.10 28.81
C GLY D 265 26.11 2.22 29.42
N PRO D 266 25.47 3.00 30.30
CA PRO D 266 26.16 4.18 30.86
C PRO D 266 27.50 3.87 31.49
N ARG D 267 27.58 2.83 32.33
CA ARG D 267 28.86 2.50 32.95
C ARG D 267 29.89 2.08 31.92
N ALA D 268 29.46 1.41 30.84
CA ALA D 268 30.37 1.09 29.76
C ALA D 268 30.95 2.36 29.15
N ARG D 269 30.11 3.35 28.89
CA ARG D 269 30.58 4.61 28.34
C ARG D 269 31.47 5.33 29.34
N PHE D 270 31.02 5.41 30.60
CA PHE D 270 31.78 6.13 31.61
C PHE D 270 33.12 5.47 31.89
N SER D 271 33.19 4.15 31.77
CA SER D 271 34.48 3.47 31.93
C SER D 271 35.45 3.87 30.83
N LYS D 272 34.98 3.91 29.58
CA LYS D 272 35.86 4.13 28.46
C LYS D 272 36.31 5.59 28.37
N PHE D 273 35.40 6.52 28.63
CA PHE D 273 35.63 7.94 28.34
C PHE D 273 35.87 8.80 29.57
N PHE D 274 35.29 8.46 30.72
CA PHE D 274 35.41 9.29 31.93
C PHE D 274 36.07 8.54 33.08
N ASP D 275 36.90 7.53 32.75
CA ASP D 275 37.77 6.87 33.73
C ASP D 275 37.01 6.43 34.98
N PHE D 276 35.79 5.92 34.77
CA PHE D 276 34.98 5.36 35.85
C PHE D 276 35.23 3.86 35.91
N LYS D 277 35.74 3.38 37.06
CA LYS D 277 36.23 2.01 37.16
C LYS D 277 35.47 1.16 38.17
N GLU D 278 34.34 1.62 38.69
CA GLU D 278 33.62 0.87 39.71
C GLU D 278 32.85 -0.28 39.09
N LYS D 279 32.83 -1.41 39.79
CA LYS D 279 32.06 -2.58 39.39
C LYS D 279 30.75 -2.65 40.17
N GLY D 280 29.90 -3.58 39.77
CA GLY D 280 28.68 -3.87 40.50
C GLY D 280 27.47 -3.17 39.93
N ALA D 281 26.34 -3.38 40.63
CA ALA D 281 25.06 -2.84 40.17
C ALA D 281 24.86 -1.39 40.59
N MET D 282 25.34 -1.02 41.78
CA MET D 282 25.19 0.36 42.22
C MET D 282 25.98 1.32 41.32
N ALA D 283 27.17 0.90 40.88
CA ALA D 283 27.93 1.72 39.94
C ALA D 283 27.14 1.97 38.66
N LEU D 284 26.23 1.06 38.31
CA LEU D 284 25.42 1.23 37.11
C LEU D 284 24.41 2.35 37.29
N HIS D 285 23.77 2.43 38.46
CA HIS D 285 22.86 3.53 38.73
C HIS D 285 23.60 4.86 38.83
N ILE D 286 24.84 4.83 39.33
CA ILE D 286 25.60 6.05 39.53
C ILE D 286 26.06 6.61 38.19
N ALA D 287 26.61 5.76 37.33
CA ALA D 287 27.04 6.21 36.01
C ALA D 287 25.87 6.77 35.21
N ARG D 288 24.72 6.09 35.25
CA ARG D 288 23.55 6.59 34.55
C ARG D 288 23.16 7.97 35.06
N ALA D 289 23.17 8.15 36.38
CA ALA D 289 22.80 9.45 36.95
C ALA D 289 23.78 10.54 36.52
N TYR D 290 25.08 10.25 36.58
CA TYR D 290 26.08 11.24 36.17
C TYR D 290 26.00 11.53 34.68
N GLU D 291 25.59 10.56 33.86
CA GLU D 291 25.51 10.79 32.43
C GLU D 291 24.44 11.81 32.07
N ILE D 292 23.46 12.04 32.94
CA ILE D 292 22.42 13.02 32.63
C ILE D 292 23.05 14.40 32.42
N SER D 293 24.01 14.77 33.26
CA SER D 293 24.69 16.06 33.08
C SER D 293 25.51 16.07 31.80
N VAL D 294 26.16 14.96 31.48
CA VAL D 294 26.97 14.88 30.27
C VAL D 294 26.11 15.10 29.03
N LEU D 295 24.90 14.53 29.03
CA LEU D 295 24.02 14.66 27.87
C LEU D 295 23.59 16.11 27.68
N VAL D 296 23.03 16.73 28.72
CA VAL D 296 22.47 18.07 28.58
C VAL D 296 23.57 19.07 28.22
N LYS D 297 24.78 18.87 28.74
CA LYS D 297 25.88 19.77 28.36
C LYS D 297 26.19 19.63 26.88
N ARG D 298 26.22 18.41 26.37
CA ARG D 298 26.48 18.20 24.95
C ARG D 298 25.32 18.69 24.08
N ALA D 299 24.11 18.69 24.62
CA ALA D 299 22.98 19.23 23.88
C ALA D 299 23.16 20.73 23.67
N MET D 300 23.47 21.47 24.73
CA MET D 300 23.73 22.89 24.60
C MET D 300 24.95 23.15 23.71
N GLU D 301 25.91 22.23 23.72
CA GLU D 301 27.09 22.38 22.88
C GLU D 301 26.75 22.16 21.40
N ILE D 302 25.75 21.33 21.11
CA ILE D 302 25.32 21.14 19.73
C ILE D 302 24.53 22.35 19.25
N LEU D 303 23.68 22.91 20.13
CA LEU D 303 22.89 24.07 19.74
C LEU D 303 23.78 25.28 19.44
N ASP D 304 24.82 25.49 20.24
CA ASP D 304 25.77 26.56 19.97
C ASP D 304 26.49 26.35 18.64
N GLU D 305 26.61 25.10 18.19
CA GLU D 305 27.31 24.76 16.95
C GLU D 305 26.38 24.71 15.75
N LEU D 306 25.07 24.62 15.96
CA LEU D 306 24.13 24.38 14.88
C LEU D 306 23.90 25.63 14.05
N ASN D 307 23.76 25.43 12.74
CA ASN D 307 23.36 26.47 11.81
C ASN D 307 21.94 26.16 11.36
N VAL D 308 20.96 26.90 11.92
CA VAL D 308 19.56 26.56 11.71
C VAL D 308 19.17 26.60 10.25
N ASN D 309 19.95 27.28 9.40
CA ASN D 309 19.68 27.32 7.97
C ASN D 309 20.60 26.43 7.16
N GLY D 310 21.51 25.71 7.83
CA GLY D 310 22.34 24.76 7.10
C GLY D 310 21.53 23.58 6.61
N LYS D 311 21.93 23.05 5.46
CA LYS D 311 21.27 21.90 4.89
C LYS D 311 21.25 20.75 5.90
N THR D 312 20.13 20.02 5.92
CA THR D 312 19.95 18.91 6.84
C THR D 312 19.87 17.57 6.15
N MET D 313 19.40 17.52 4.90
CA MET D 313 19.30 16.29 4.15
C MET D 313 20.32 16.28 3.02
N SER D 314 21.03 15.16 2.88
CA SER D 314 21.92 14.98 1.74
C SER D 314 21.09 14.82 0.47
N ASP D 315 21.69 15.23 -0.64
CA ASP D 315 21.07 15.10 -1.95
C ASP D 315 21.47 13.81 -2.66
N GLU D 316 22.30 12.99 -2.03
CA GLU D 316 22.71 11.73 -2.63
C GLU D 316 21.52 10.77 -2.70
N PRO D 317 21.43 9.95 -3.74
CA PRO D 317 20.34 8.99 -3.84
C PRO D 317 20.64 7.70 -3.09
N ILE D 318 19.58 7.05 -2.63
CA ILE D 318 19.72 5.81 -1.88
C ILE D 318 19.93 4.67 -2.87
N VAL D 319 21.20 4.41 -3.20
CA VAL D 319 21.58 3.35 -4.12
C VAL D 319 22.73 2.58 -3.50
N GLY D 320 22.54 1.26 -3.36
CA GLY D 320 23.59 0.37 -2.90
C GLY D 320 24.03 -0.57 -4.00
N ASP D 321 25.04 -1.38 -3.66
CA ASP D 321 25.59 -2.36 -4.58
C ASP D 321 25.15 -3.79 -4.25
N GLY D 322 24.19 -3.93 -3.34
CA GLY D 322 23.67 -5.24 -3.00
C GLY D 322 24.64 -6.16 -2.32
N GLU D 323 25.76 -5.65 -1.80
CA GLU D 323 26.75 -6.48 -1.13
C GLU D 323 27.22 -5.85 0.18
N LYS D 324 27.56 -4.56 0.16
CA LYS D 324 28.14 -3.93 1.34
C LYS D 324 27.19 -4.06 2.51
N LEU D 325 27.69 -4.66 3.60
CA LEU D 325 26.94 -4.77 4.85
C LEU D 325 27.19 -3.48 5.63
N GLY D 326 26.27 -2.52 5.50
CA GLY D 326 26.44 -1.26 6.20
C GLY D 326 26.36 -1.44 7.71
N LEU D 327 27.14 -0.64 8.41
CA LEU D 327 27.19 -0.67 9.87
C LEU D 327 26.62 0.63 10.42
N GLY D 328 25.70 0.52 11.37
CA GLY D 328 25.12 1.69 12.01
C GLY D 328 25.07 1.55 13.52
N VAL D 329 25.93 2.27 14.22
CA VAL D 329 26.03 2.18 15.67
C VAL D 329 25.60 3.50 16.29
N HIS D 330 25.05 3.39 17.50
CA HIS D 330 24.55 4.56 18.23
C HIS D 330 24.50 4.18 19.70
N GLU D 331 24.86 5.12 20.56
CA GLU D 331 24.91 4.86 22.00
C GLU D 331 23.52 5.16 22.57
N ALA D 332 22.66 4.14 22.54
CA ALA D 332 21.35 4.26 23.13
C ALA D 332 21.46 4.50 24.63
N ALA D 333 20.34 4.90 25.24
CA ALA D 333 20.30 5.07 26.69
C ALA D 333 20.66 3.79 27.42
N ARG D 334 20.56 2.64 26.75
CA ARG D 334 20.82 1.36 27.44
C ARG D 334 22.20 0.84 27.04
N GLY D 335 22.74 1.30 25.92
CA GLY D 335 24.09 0.96 25.55
C GLY D 335 24.25 0.88 24.04
N HIS D 336 25.45 0.43 23.64
CA HIS D 336 25.84 0.25 22.25
C HIS D 336 24.78 -0.47 21.42
N ASN D 337 24.14 0.25 20.50
CA ASN D 337 23.08 -0.27 19.65
C ASN D 337 23.57 -0.38 18.21
N THR D 338 23.40 -1.56 17.61
CA THR D 338 23.96 -1.86 16.30
C THR D 338 22.86 -2.28 15.34
N HIS D 339 22.82 -1.65 14.17
CA HIS D 339 22.03 -2.10 13.05
C HIS D 339 22.93 -2.37 11.86
N GLN D 340 22.57 -3.37 11.06
CA GLN D 340 23.27 -3.66 9.82
C GLN D 340 22.25 -3.89 8.72
N ALA D 341 22.57 -3.41 7.53
CA ALA D 341 21.70 -3.55 6.38
C ALA D 341 22.54 -3.48 5.12
N VAL D 342 22.10 -4.29 4.13
CA VAL D 342 22.69 -4.28 2.77
C VAL D 342 21.58 -3.77 1.86
N ILE D 343 21.88 -2.92 0.88
CA ILE D 343 20.89 -2.30 0.02
C ILE D 343 21.28 -2.54 -1.44
N ASP D 344 20.29 -2.81 -2.27
CA ASP D 344 20.54 -3.03 -3.69
C ASP D 344 20.47 -1.71 -4.45
N LYS D 345 20.50 -1.77 -5.79
CA LYS D 345 20.55 -0.55 -6.59
C LYS D 345 19.25 0.24 -6.48
N ASP D 346 18.14 -0.42 -6.18
CA ASP D 346 16.83 0.20 -6.21
C ASP D 346 16.44 0.81 -4.86
N GLY D 347 17.34 0.80 -3.89
CA GLY D 347 17.04 1.36 -2.58
C GLY D 347 16.24 0.43 -1.70
N ASN D 348 16.35 -0.88 -1.91
CA ASN D 348 15.55 -1.87 -1.20
C ASN D 348 16.44 -2.72 -0.29
N ILE D 349 15.83 -3.20 0.79
CA ILE D 349 16.56 -3.98 1.77
C ILE D 349 16.62 -5.43 1.31
N VAL D 350 17.83 -5.98 1.25
CA VAL D 350 18.01 -7.40 0.93
C VAL D 350 18.48 -8.22 2.13
N TYR D 351 19.09 -7.59 3.14
CA TYR D 351 19.35 -8.25 4.42
C TYR D 351 19.37 -7.19 5.51
N TYR D 352 18.85 -7.55 6.68
CA TYR D 352 18.78 -6.64 7.82
C TYR D 352 19.04 -7.43 9.10
N ASN D 353 19.74 -6.80 10.04
CA ASN D 353 20.06 -7.42 11.32
C ASN D 353 20.23 -6.34 12.37
N ALA D 354 19.86 -6.66 13.60
CA ALA D 354 19.94 -5.70 14.70
C ALA D 354 20.44 -6.39 15.97
N ILE D 355 21.43 -5.78 16.61
CA ILE D 355 21.97 -6.25 17.89
C ILE D 355 21.79 -5.13 18.89
N VAL D 356 20.70 -5.20 19.66
CA VAL D 356 20.29 -4.10 20.51
C VAL D 356 21.05 -4.15 21.84
N ALA D 357 21.08 -3.00 22.53
CA ALA D 357 21.86 -2.88 23.76
C ALA D 357 21.52 -3.97 24.75
N THR D 358 20.26 -4.06 25.18
CA THR D 358 19.90 -5.04 26.20
C THR D 358 20.15 -6.47 25.71
N THR D 359 20.21 -6.70 24.41
CA THR D 359 20.61 -8.02 23.92
C THR D 359 22.00 -8.40 24.43
N TRP D 360 22.89 -7.41 24.54
CA TRP D 360 24.22 -7.64 25.11
C TRP D 360 24.13 -7.95 26.61
N ASN D 361 23.28 -7.22 27.33
CA ASN D 361 23.29 -7.25 28.78
C ASN D 361 22.53 -8.43 29.36
N ILE D 362 21.55 -8.96 28.62
CA ILE D 362 20.76 -10.08 29.14
C ILE D 362 21.67 -11.21 29.62
N PRO D 363 22.58 -11.76 28.81
CA PRO D 363 23.46 -12.83 29.30
C PRO D 363 24.48 -12.36 30.32
N VAL D 364 24.82 -11.06 30.34
CA VAL D 364 25.66 -10.53 31.40
C VAL D 364 24.87 -10.46 32.70
N ILE D 365 23.60 -10.05 32.62
CA ILE D 365 22.74 -10.06 33.80
C ILE D 365 22.64 -11.46 34.37
N SER D 366 22.56 -12.47 33.51
CA SER D 366 22.45 -13.85 33.98
C SER D 366 23.59 -14.22 34.92
N LYS D 367 24.79 -13.70 34.65
CA LYS D 367 25.94 -13.97 35.51
C LYS D 367 25.99 -13.03 36.71
N ALA D 368 25.58 -11.78 36.50
CA ALA D 368 25.74 -10.77 37.55
C ALA D 368 24.90 -11.09 38.78
N VAL D 369 23.77 -11.78 38.60
CA VAL D 369 22.93 -12.10 39.75
C VAL D 369 23.56 -13.20 40.61
N GLU D 370 24.49 -13.98 40.05
CA GLU D 370 25.11 -15.06 40.81
C GLU D 370 26.02 -14.50 41.90
N GLY D 371 26.05 -15.20 43.04
CA GLY D 371 26.87 -14.85 44.16
C GLY D 371 26.14 -14.20 45.30
N THR D 372 24.98 -13.60 45.05
CA THR D 372 24.22 -12.88 46.04
C THR D 372 22.85 -13.55 46.20
N HIS D 373 22.18 -13.21 47.30
CA HIS D 373 20.88 -13.81 47.57
C HIS D 373 19.92 -13.51 46.41
N TYR D 374 18.92 -14.38 46.25
CA TYR D 374 18.00 -14.24 45.12
C TYR D 374 16.96 -13.13 45.34
N LYS D 375 16.78 -12.66 46.56
CA LYS D 375 15.91 -11.51 46.79
C LYS D 375 16.53 -10.21 46.28
N PHE D 376 17.82 -10.23 45.93
CA PHE D 376 18.49 -9.09 45.31
C PHE D 376 18.61 -9.22 43.80
N ALA D 377 18.17 -10.34 43.23
CA ALA D 377 18.37 -10.57 41.80
C ALA D 377 17.70 -9.48 40.98
N GLU D 378 16.44 -9.16 41.29
CA GLU D 378 15.71 -8.17 40.51
C GLU D 378 16.37 -6.80 40.59
N HIS D 379 16.94 -6.45 41.75
CA HIS D 379 17.65 -5.18 41.87
C HIS D 379 18.88 -5.14 40.97
N ILE D 380 19.48 -6.29 40.70
CA ILE D 380 20.58 -6.34 39.74
C ILE D 380 20.04 -6.19 38.33
N VAL D 381 18.86 -6.74 38.05
CA VAL D 381 18.28 -6.61 36.72
C VAL D 381 17.99 -5.14 36.42
N ARG D 382 17.32 -4.45 37.36
CA ARG D 382 16.91 -3.07 37.11
C ARG D 382 18.09 -2.13 36.99
N ALA D 383 19.21 -2.44 37.64
CA ALA D 383 20.39 -1.60 37.50
C ALA D 383 20.82 -1.51 36.04
N TYR D 384 20.52 -2.53 35.24
CA TYR D 384 20.86 -2.54 33.83
C TYR D 384 19.81 -1.85 32.96
N ASP D 385 18.77 -1.30 33.56
CA ASP D 385 17.75 -0.53 32.87
C ASP D 385 17.24 -1.29 31.64
N PRO D 386 16.94 -2.57 31.78
CA PRO D 386 16.71 -3.41 30.59
C PRO D 386 15.47 -2.97 29.83
N CYS D 387 15.54 -3.12 28.52
CA CYS D 387 14.39 -2.95 27.64
C CYS D 387 14.30 -4.20 26.78
N ILE D 388 13.18 -4.91 26.91
CA ILE D 388 13.08 -6.28 26.43
C ILE D 388 12.41 -6.36 25.06
N SER D 389 11.31 -5.63 24.86
CA SER D 389 10.80 -5.47 23.50
C SER D 389 11.89 -4.91 22.59
N CYS D 390 12.85 -4.22 23.18
CA CYS D 390 13.97 -3.72 22.35
C CYS D 390 14.93 -4.87 22.07
N ALA D 391 15.30 -5.59 23.11
CA ALA D 391 16.28 -6.66 22.95
C ALA D 391 15.78 -7.81 22.09
N THR D 392 14.47 -7.91 21.90
CA THR D 392 13.87 -9.00 21.13
C THR D 392 13.64 -8.63 19.68
N HIS D 393 13.20 -7.40 19.42
CA HIS D 393 12.77 -6.96 18.09
C HIS D 393 12.17 -8.09 17.26
N VAL E 2 -11.87 3.79 40.59
CA VAL E 2 -11.93 2.55 39.81
C VAL E 2 -10.54 1.93 39.67
N LYS E 3 -10.49 0.68 39.22
CA LYS E 3 -9.26 -0.07 39.08
C LYS E 3 -8.89 -0.16 37.60
N ILE E 4 -7.69 0.28 37.24
CA ILE E 4 -7.22 0.21 35.87
C ILE E 4 -5.92 -0.57 35.82
N ALA E 5 -5.67 -1.22 34.68
CA ALA E 5 -4.50 -2.05 34.49
C ALA E 5 -4.00 -1.90 33.06
N HIS E 6 -2.67 -1.99 32.90
CA HIS E 6 -2.02 -1.86 31.59
C HIS E 6 -1.47 -3.23 31.18
N ILE E 7 -2.17 -3.89 30.28
CA ILE E 7 -1.72 -5.16 29.72
C ILE E 7 -0.82 -4.86 28.53
N HIS E 8 0.37 -5.47 28.54
CA HIS E 8 1.34 -5.25 27.44
C HIS E 8 1.44 -6.57 26.70
N LEU E 9 0.91 -6.63 25.49
CA LEU E 9 0.99 -7.81 24.64
C LEU E 9 2.17 -7.57 23.70
N CYS E 10 2.00 -7.82 22.40
CA CYS E 10 3.09 -7.63 21.43
C CYS E 10 3.12 -6.18 20.98
N GLY E 11 3.48 -5.30 21.92
CA GLY E 11 3.62 -3.89 21.64
C GLY E 11 5.04 -3.42 21.87
N CYS E 12 5.21 -2.10 22.01
CA CYS E 12 6.52 -1.50 22.22
C CYS E 12 6.55 -0.55 23.41
N THR E 13 5.46 -0.52 24.20
CA THR E 13 5.36 0.34 25.40
C THR E 13 5.27 1.81 25.01
N GLY E 14 5.27 2.13 23.71
CA GLY E 14 5.15 3.52 23.31
C GLY E 14 3.83 4.14 23.72
N CYS E 15 2.73 3.38 23.60
CA CYS E 15 1.45 3.89 24.06
C CYS E 15 1.48 4.21 25.55
N LEU E 16 2.15 3.38 26.33
CA LEU E 16 2.32 3.67 27.75
C LEU E 16 3.15 4.94 27.94
N ILE E 17 4.21 5.11 27.15
CA ILE E 17 5.01 6.33 27.24
C ILE E 17 4.17 7.54 26.87
N SER E 18 3.28 7.38 25.89
CA SER E 18 2.40 8.49 25.52
C SER E 18 1.56 8.92 26.71
N LEU E 19 0.98 7.96 27.42
CA LEU E 19 0.28 8.29 28.66
C LEU E 19 1.24 8.93 29.65
N ALA E 20 2.49 8.44 29.71
CA ALA E 20 3.48 9.03 30.60
C ALA E 20 3.82 10.46 30.18
N ASP E 21 3.64 10.79 28.90
CA ASP E 21 3.86 12.16 28.44
C ASP E 21 2.69 13.08 28.75
N THR E 22 1.80 12.69 29.65
CA THR E 22 1.01 13.67 30.39
C THR E 22 1.85 14.38 31.44
N TYR E 23 3.11 13.96 31.55
CA TYR E 23 4.07 14.62 32.47
C TYR E 23 3.52 14.68 33.89
N GLU E 24 3.68 15.82 34.55
CA GLU E 24 3.30 15.89 35.95
C GLU E 24 1.82 15.62 36.17
N GLN E 25 1.00 15.68 35.13
CA GLN E 25 -0.40 15.33 35.27
C GLN E 25 -0.63 13.83 35.38
N LEU E 26 0.40 13.02 35.14
CA LEU E 26 0.28 11.58 35.37
C LEU E 26 0.01 11.29 36.83
N LEU E 27 0.40 12.18 37.74
CA LEU E 27 0.08 12.00 39.15
C LEU E 27 -1.40 12.27 39.42
N ASP E 28 -1.97 13.26 38.72
CA ASP E 28 -3.40 13.50 38.84
C ASP E 28 -4.21 12.35 38.26
N ILE E 29 -3.71 11.71 37.21
CA ILE E 29 -4.41 10.58 36.63
C ILE E 29 -4.30 9.36 37.54
N LEU E 30 -3.09 9.04 37.98
CA LEU E 30 -2.90 7.91 38.87
C LEU E 30 -3.58 8.12 40.22
N ASN E 31 -3.75 9.38 40.62
CA ASN E 31 -4.42 9.68 41.89
C ASN E 31 -5.94 9.66 41.75
N SER E 32 -6.46 9.72 40.52
CA SER E 32 -7.90 9.64 40.28
C SER E 32 -8.40 8.21 40.11
N VAL E 33 -7.51 7.24 39.97
CA VAL E 33 -7.85 5.83 39.85
C VAL E 33 -6.88 5.03 40.71
N GLU E 34 -7.00 3.70 40.63
CA GLU E 34 -6.10 2.78 41.31
C GLU E 34 -5.37 1.95 40.26
N LEU E 35 -4.06 2.14 40.14
CA LEU E 35 -3.26 1.32 39.24
C LEU E 35 -3.06 -0.03 39.91
N VAL E 36 -3.83 -1.02 39.46
CA VAL E 36 -3.84 -2.33 40.10
C VAL E 36 -2.92 -3.33 39.40
N TYR E 37 -2.46 -3.04 38.19
CA TYR E 37 -1.57 -3.96 37.47
C TYR E 37 -0.90 -3.21 36.33
N ALA E 38 0.42 -3.37 36.22
CA ALA E 38 1.20 -2.83 35.13
C ALA E 38 2.64 -3.32 35.29
N LEU E 39 3.03 -4.32 34.50
CA LEU E 39 4.34 -4.92 34.66
C LEU E 39 5.45 -3.88 34.58
N THR E 40 5.23 -2.80 33.83
CA THR E 40 6.24 -1.77 33.68
C THR E 40 6.36 -0.87 34.91
N LEU E 41 5.34 -0.84 35.78
CA LEU E 41 5.26 0.19 36.83
C LEU E 41 5.07 -0.36 38.24
N VAL E 42 4.34 -1.46 38.41
CA VAL E 42 4.00 -1.95 39.74
C VAL E 42 4.23 -3.45 39.82
N ASP E 43 4.44 -3.92 41.06
CA ASP E 43 4.76 -5.32 41.32
C ASP E 43 3.48 -6.09 41.65
N GLU E 44 2.61 -6.21 40.65
CA GLU E 44 1.31 -6.83 40.85
C GLU E 44 1.02 -7.81 39.72
N LYS E 45 0.24 -8.86 40.03
CA LYS E 45 -0.20 -9.26 41.37
C LYS E 45 0.67 -10.42 41.82
N THR E 46 1.52 -10.15 42.81
CA THR E 46 2.55 -11.12 43.19
C THR E 46 1.94 -12.27 43.98
N GLU E 47 2.25 -13.48 43.57
CA GLU E 47 1.76 -14.71 44.19
C GLU E 47 2.89 -15.70 44.24
N ILE E 48 3.28 -16.11 45.45
CA ILE E 48 4.42 -17.01 45.66
C ILE E 48 3.89 -18.43 45.77
N ARG E 49 4.39 -19.32 44.92
CA ARG E 49 4.02 -20.73 44.94
C ARG E 49 5.29 -21.55 45.15
N GLU E 50 5.39 -22.22 46.29
CA GLU E 50 6.56 -23.01 46.66
C GLU E 50 6.19 -24.49 46.66
N THR E 51 6.89 -25.27 45.85
CA THR E 51 6.85 -26.72 45.96
C THR E 51 8.13 -27.18 46.66
N ASP E 52 8.25 -28.50 46.83
CA ASP E 52 9.48 -29.04 47.39
C ASP E 52 10.65 -28.95 46.41
N ASP E 53 10.38 -28.65 45.14
CA ASP E 53 11.42 -28.54 44.13
C ASP E 53 11.78 -27.10 43.78
N LYS E 54 10.80 -26.20 43.73
CA LYS E 54 11.09 -24.86 43.24
C LYS E 54 10.15 -23.86 43.91
N ILE E 55 10.63 -22.62 43.96
CA ILE E 55 9.83 -21.47 44.36
C ILE E 55 9.49 -20.69 43.09
N LEU E 56 8.21 -20.58 42.79
CA LEU E 56 7.75 -19.82 41.63
C LEU E 56 7.11 -18.53 42.14
N ILE E 57 7.68 -17.40 41.73
CA ILE E 57 7.18 -16.07 42.07
C ILE E 57 6.56 -15.48 40.82
N GLU E 58 5.23 -15.43 40.76
CA GLU E 58 4.51 -14.95 39.59
C GLU E 58 3.85 -13.61 39.86
N ARG E 59 3.86 -12.75 38.85
CA ARG E 59 3.09 -11.51 38.84
C ARG E 59 1.95 -11.71 37.84
N GLU E 60 0.74 -11.91 38.34
CA GLU E 60 -0.39 -12.26 37.49
C GLU E 60 -1.40 -11.12 37.43
N ILE E 61 -2.25 -11.18 36.41
CA ILE E 61 -3.29 -10.18 36.20
C ILE E 61 -4.35 -10.34 37.28
N PRO E 62 -4.64 -9.32 38.08
CA PRO E 62 -5.65 -9.47 39.12
C PRO E 62 -7.06 -9.48 38.55
N ASP E 63 -7.98 -9.97 39.37
CA ASP E 63 -9.40 -9.98 39.01
C ASP E 63 -10.05 -8.64 39.33
N ASP E 64 -11.27 -8.47 38.82
CA ASP E 64 -12.07 -7.28 39.10
C ASP E 64 -11.32 -6.02 38.68
N ILE E 65 -10.84 -6.02 37.44
CA ILE E 65 -10.29 -4.82 36.82
C ILE E 65 -11.45 -4.07 36.18
N ASP E 66 -11.44 -2.74 36.31
CA ASP E 66 -12.52 -1.93 35.75
C ASP E 66 -12.23 -1.49 34.33
N ILE E 67 -11.02 -0.97 34.07
CA ILE E 67 -10.61 -0.53 32.75
C ILE E 67 -9.26 -1.14 32.43
N ALA E 68 -9.19 -1.95 31.38
CA ALA E 68 -7.94 -2.57 30.94
C ALA E 68 -7.42 -1.82 29.72
N LEU E 69 -6.26 -1.18 29.87
CA LEU E 69 -5.58 -0.54 28.74
C LEU E 69 -4.67 -1.58 28.11
N VAL E 70 -5.22 -2.29 27.14
CA VAL E 70 -4.50 -3.37 26.47
C VAL E 70 -3.71 -2.77 25.31
N GLU E 71 -2.39 -2.98 25.36
CA GLU E 71 -1.49 -2.42 24.33
C GLU E 71 -0.79 -3.55 23.58
N GLY E 72 -0.65 -3.43 22.26
CA GLY E 72 0.01 -4.43 21.45
C GLY E 72 -0.96 -5.42 20.83
N SER E 73 -0.44 -6.21 19.91
CA SER E 73 -1.21 -7.23 19.23
C SER E 73 -0.98 -8.59 19.88
N VAL E 74 -1.74 -9.59 19.44
CA VAL E 74 -1.68 -10.94 19.97
C VAL E 74 -0.94 -11.83 18.98
N CYS E 75 0.09 -12.53 19.46
CA CYS E 75 0.81 -13.50 18.66
C CYS E 75 0.11 -14.85 18.72
N LEU E 76 -0.40 -15.32 17.59
CA LEU E 76 -1.17 -16.55 17.59
C LEU E 76 -0.32 -17.78 17.89
N GLU E 77 0.99 -17.72 17.67
CA GLU E 77 1.85 -18.87 17.89
C GLU E 77 2.49 -18.91 19.29
N ASP E 78 2.33 -17.85 20.08
CA ASP E 78 2.83 -17.83 21.45
C ASP E 78 1.65 -18.03 22.41
N GLU E 79 1.78 -19.01 23.30
CA GLU E 79 0.67 -19.36 24.18
C GLU E 79 0.48 -18.35 25.29
N HIS E 80 1.57 -17.74 25.79
CA HIS E 80 1.41 -16.75 26.84
C HIS E 80 0.70 -15.50 26.33
N SER E 81 0.95 -15.11 25.08
CA SER E 81 0.21 -14.00 24.49
C SER E 81 -1.27 -14.33 24.34
N MET E 82 -1.57 -15.50 23.78
CA MET E 82 -2.96 -15.94 23.67
C MET E 82 -3.63 -15.97 25.04
N LYS E 83 -2.89 -16.38 26.07
CA LYS E 83 -3.50 -16.52 27.40
C LYS E 83 -3.74 -15.17 28.06
N ASP E 84 -2.83 -14.21 27.86
CA ASP E 84 -2.98 -12.93 28.52
C ASP E 84 -4.15 -12.13 27.94
N VAL E 85 -4.44 -12.30 26.66
CA VAL E 85 -5.52 -11.52 26.06
C VAL E 85 -6.87 -12.03 26.53
N PHE E 86 -7.01 -13.34 26.66
CA PHE E 86 -8.28 -13.87 27.17
C PHE E 86 -8.43 -13.61 28.66
N ASP E 87 -7.32 -13.56 29.40
CA ASP E 87 -7.38 -13.17 30.80
C ASP E 87 -7.78 -11.71 30.96
N ALA E 88 -7.24 -10.84 30.12
CA ALA E 88 -7.60 -9.42 30.21
C ALA E 88 -9.10 -9.23 30.04
N ARG E 89 -9.71 -9.94 29.09
CA ARG E 89 -11.15 -9.85 28.90
C ARG E 89 -11.90 -10.46 30.07
N ARG E 90 -11.45 -11.62 30.55
CA ARG E 90 -12.13 -12.29 31.65
C ARG E 90 -12.19 -11.42 32.89
N LYS E 91 -11.06 -10.79 33.23
CA LYS E 91 -10.93 -10.11 34.52
C LYS E 91 -11.31 -8.64 34.47
N SER E 92 -11.44 -8.07 33.29
CA SER E 92 -11.75 -6.64 33.15
C SER E 92 -13.16 -6.42 32.65
N LYS E 93 -13.77 -5.36 33.14
CA LYS E 93 -15.12 -4.99 32.70
C LYS E 93 -15.07 -4.24 31.37
N ILE E 94 -14.18 -3.24 31.27
CA ILE E 94 -14.00 -2.45 30.06
C ILE E 94 -12.60 -2.74 29.52
N VAL E 95 -12.54 -3.19 28.27
CA VAL E 95 -11.27 -3.46 27.58
C VAL E 95 -11.06 -2.36 26.56
N VAL E 96 -9.93 -1.66 26.67
CA VAL E 96 -9.59 -0.57 25.77
C VAL E 96 -8.44 -1.04 24.90
N ALA E 97 -8.69 -1.15 23.59
CA ALA E 97 -7.62 -1.45 22.65
C ALA E 97 -6.74 -0.21 22.49
N LEU E 98 -5.70 -0.11 23.31
CA LEU E 98 -4.85 1.07 23.32
C LEU E 98 -3.79 0.95 22.24
N GLY E 99 -3.82 1.87 21.28
CA GLY E 99 -2.83 1.89 20.23
C GLY E 99 -3.23 1.07 19.02
N ALA E 100 -2.64 1.42 17.87
CA ALA E 100 -2.96 0.73 16.63
C ALA E 100 -2.69 -0.77 16.73
N CYS E 101 -1.67 -1.17 17.49
CA CYS E 101 -1.33 -2.58 17.57
C CYS E 101 -2.51 -3.39 18.10
N ALA E 102 -3.08 -2.96 19.22
CA ALA E 102 -4.22 -3.66 19.78
C ALA E 102 -5.49 -3.43 18.97
N ALA E 103 -5.63 -2.26 18.34
CA ALA E 103 -6.90 -1.90 17.73
C ALA E 103 -7.03 -2.48 16.32
N THR E 104 -6.00 -2.32 15.47
CA THR E 104 -6.08 -2.73 14.08
C THR E 104 -4.88 -3.54 13.63
N GLY E 105 -3.95 -3.89 14.51
CA GLY E 105 -2.77 -4.63 14.12
C GLY E 105 -1.55 -3.74 13.98
N GLY E 106 -1.73 -2.59 13.34
CA GLY E 106 -0.64 -1.64 13.25
C GLY E 106 0.55 -2.20 12.51
N ILE E 107 1.75 -1.87 13.00
CA ILE E 107 2.98 -2.31 12.33
C ILE E 107 3.04 -3.83 12.27
N THR E 108 2.50 -4.51 13.28
CA THR E 108 2.63 -5.96 13.36
C THR E 108 1.87 -6.68 12.24
N ARG E 109 1.08 -5.97 11.43
CA ARG E 109 0.46 -6.58 10.27
C ARG E 109 1.50 -7.07 9.28
N PHE E 110 2.67 -6.46 9.25
CA PHE E 110 3.72 -6.84 8.32
C PHE E 110 4.56 -8.01 8.82
N CYS E 111 4.38 -8.43 10.07
CA CYS E 111 5.10 -9.59 10.58
C CYS E 111 4.83 -10.81 9.72
N ARG E 112 5.90 -11.53 9.37
CA ARG E 112 5.75 -12.83 8.71
C ARG E 112 6.72 -13.86 9.27
N GLY E 113 7.36 -13.58 10.41
CA GLY E 113 8.10 -14.58 11.14
C GLY E 113 9.38 -15.03 10.47
N GLY E 114 9.96 -16.07 11.06
CA GLY E 114 11.21 -16.63 10.60
C GLY E 114 12.44 -16.12 11.30
N GLN E 115 12.29 -15.24 12.29
CA GLN E 115 13.41 -14.61 12.96
C GLN E 115 13.76 -15.38 14.22
N MET E 116 15.03 -15.34 14.60
CA MET E 116 15.46 -16.02 15.84
C MET E 116 15.10 -15.13 17.03
N SER E 117 14.77 -15.71 18.19
CA SER E 117 14.93 -17.13 18.44
C SER E 117 13.59 -17.86 18.50
N LYS E 118 12.56 -17.26 17.90
CA LYS E 118 11.23 -17.85 17.83
C LYS E 118 10.76 -17.76 16.38
N PRO E 119 11.33 -18.60 15.50
CA PRO E 119 11.05 -18.45 14.06
C PRO E 119 9.63 -18.82 13.67
N VAL E 120 8.85 -19.45 14.55
CA VAL E 120 7.46 -19.75 14.23
C VAL E 120 6.50 -18.63 14.60
N HIS E 121 7.00 -17.56 15.25
CA HIS E 121 6.19 -16.40 15.60
C HIS E 121 5.99 -15.57 14.33
N SER E 122 4.82 -15.71 13.71
CA SER E 122 4.56 -15.08 12.42
C SER E 122 3.17 -14.50 12.26
N SER E 123 2.26 -14.74 13.20
CA SER E 123 0.85 -14.37 13.03
C SER E 123 0.44 -13.47 14.19
N PHE E 124 0.23 -12.19 13.90
CA PHE E 124 -0.15 -11.21 14.91
C PHE E 124 -1.47 -10.56 14.50
N VAL E 125 -2.42 -10.53 15.43
CA VAL E 125 -3.76 -10.01 15.16
C VAL E 125 -4.11 -8.95 16.20
N PRO E 126 -4.97 -7.99 15.85
CA PRO E 126 -5.49 -7.09 16.89
C PRO E 126 -6.36 -7.84 17.87
N ILE E 127 -6.46 -7.30 19.08
CA ILE E 127 -7.18 -8.00 20.14
C ILE E 127 -8.65 -8.18 19.78
N GLY E 128 -9.17 -7.34 18.88
CA GLY E 128 -10.56 -7.47 18.45
C GLY E 128 -10.86 -8.74 17.68
N ASP E 129 -9.83 -9.40 17.14
CA ASP E 129 -10.03 -10.63 16.39
C ASP E 129 -10.22 -11.84 17.28
N LEU E 130 -10.03 -11.70 18.60
CA LEU E 130 -10.20 -12.79 19.54
C LEU E 130 -11.17 -12.46 20.67
N ILE E 131 -11.09 -11.26 21.23
CA ILE E 131 -11.96 -10.85 22.32
C ILE E 131 -12.85 -9.70 21.86
N LYS E 132 -13.88 -9.42 22.66
CA LYS E 132 -14.72 -8.26 22.44
C LYS E 132 -14.03 -7.03 22.98
N VAL E 133 -13.89 -6.01 22.15
CA VAL E 133 -13.30 -4.73 22.55
C VAL E 133 -14.41 -3.74 22.80
N ASP E 134 -14.26 -2.95 23.86
CA ASP E 134 -15.24 -1.93 24.22
C ASP E 134 -14.88 -0.55 23.68
N LEU E 135 -13.60 -0.18 23.71
CA LEU E 135 -13.13 1.09 23.19
C LEU E 135 -11.80 0.88 22.47
N ALA E 136 -11.59 1.66 21.41
CA ALA E 136 -10.38 1.56 20.60
C ALA E 136 -9.80 2.94 20.36
N LEU E 137 -8.51 3.10 20.65
CA LEU E 137 -7.78 4.33 20.38
C LEU E 137 -6.79 4.07 19.25
N PRO E 138 -6.94 4.69 18.09
CA PRO E 138 -5.98 4.45 17.00
C PRO E 138 -4.73 5.31 17.13
N GLY E 139 -3.93 5.36 16.08
CA GLY E 139 -2.68 6.10 16.11
C GLY E 139 -1.55 5.28 16.72
N CYS E 140 -0.33 5.69 16.41
CA CYS E 140 0.88 4.97 16.84
C CYS E 140 1.93 5.96 17.29
N PRO E 141 1.85 6.43 18.54
CA PRO E 141 0.80 6.18 19.53
C PRO E 141 -0.26 7.24 19.51
N PRO E 142 -1.45 6.97 20.05
CA PRO E 142 -2.41 8.06 20.27
C PRO E 142 -1.79 9.13 21.16
N SER E 143 -2.19 10.37 20.93
CA SER E 143 -1.57 11.48 21.63
C SER E 143 -1.90 11.43 23.13
N PRO E 144 -1.04 12.00 23.97
CA PRO E 144 -1.38 12.10 25.40
C PRO E 144 -2.70 12.82 25.62
N GLU E 145 -3.00 13.82 24.79
CA GLU E 145 -4.25 14.55 24.94
C GLU E 145 -5.46 13.66 24.63
N ALA E 146 -5.35 12.82 23.60
CA ALA E 146 -6.44 11.90 23.29
C ALA E 146 -6.67 10.90 24.42
N LEU E 147 -5.58 10.42 25.02
CA LEU E 147 -5.69 9.47 26.12
C LEU E 147 -6.40 10.10 27.32
N VAL E 148 -5.93 11.27 27.73
CA VAL E 148 -6.54 11.96 28.87
C VAL E 148 -8.05 12.10 28.65
N ASN E 149 -8.45 12.46 27.43
CA ASN E 149 -9.87 12.64 27.15
C ASN E 149 -10.64 11.33 27.29
N LEU E 150 -10.07 10.22 26.80
CA LEU E 150 -10.73 8.93 26.95
C LEU E 150 -10.84 8.55 28.43
N ILE E 151 -9.75 8.72 29.17
CA ILE E 151 -9.77 8.39 30.59
C ILE E 151 -10.78 9.28 31.32
N THR E 152 -10.72 10.58 31.07
CA THR E 152 -11.67 11.50 31.70
C THR E 152 -13.10 11.14 31.33
N ALA E 153 -13.33 10.78 30.06
CA ALA E 153 -14.68 10.45 29.61
C ALA E 153 -15.15 9.13 30.19
N ALA E 154 -14.23 8.21 30.45
CA ALA E 154 -14.62 6.92 31.03
C ALA E 154 -14.96 7.06 32.51
N LEU E 155 -14.14 7.82 33.25
CA LEU E 155 -14.44 8.05 34.66
C LEU E 155 -15.76 8.78 34.83
N ASN E 156 -16.05 9.73 33.95
CA ASN E 156 -17.21 10.60 34.06
C ASN E 156 -18.42 10.09 33.30
N GLY E 157 -18.37 8.87 32.78
CA GLY E 157 -19.50 8.30 32.06
C GLY E 157 -19.95 9.12 30.87
N ASP E 158 -19.01 9.81 30.21
CA ASP E 158 -19.33 10.61 29.03
C ASP E 158 -19.49 9.65 27.85
N THR E 159 -20.68 9.04 27.78
CA THR E 159 -20.95 8.07 26.73
C THR E 159 -20.85 8.71 25.34
N GLU E 160 -21.32 9.96 25.21
CA GLU E 160 -21.37 10.59 23.90
C GLU E 160 -19.97 10.75 23.31
N TYR E 161 -19.04 11.29 24.09
CA TYR E 161 -17.69 11.51 23.59
C TYR E 161 -17.06 10.21 23.10
N LEU E 162 -17.23 9.13 23.87
CA LEU E 162 -16.59 7.87 23.56
C LEU E 162 -17.29 7.10 22.45
N GLU E 163 -18.44 7.57 21.96
CA GLU E 163 -19.18 6.80 20.97
C GLU E 163 -18.34 6.54 19.73
N ILE E 164 -17.55 7.52 19.30
CA ILE E 164 -16.71 7.33 18.13
C ILE E 164 -15.66 6.26 18.38
N TYR E 165 -15.13 6.19 19.60
CA TYR E 165 -14.16 5.16 19.92
C TYR E 165 -14.84 3.82 20.17
N ALA E 166 -16.04 3.83 20.77
CA ALA E 166 -16.78 2.58 20.93
C ALA E 166 -17.18 2.01 19.57
N GLU E 167 -17.38 2.88 18.57
CA GLU E 167 -17.65 2.40 17.23
C GLU E 167 -16.40 1.85 16.58
N LEU E 168 -15.23 2.43 16.89
CA LEU E 168 -13.97 1.92 16.34
C LEU E 168 -13.66 0.52 16.84
N ALA E 169 -14.10 0.18 18.06
CA ALA E 169 -13.77 -1.11 18.63
C ALA E 169 -14.23 -2.25 17.73
N LYS E 170 -15.29 -2.03 16.94
CA LYS E 170 -15.79 -3.05 16.02
C LYS E 170 -15.04 -3.08 14.71
N LYS E 171 -14.04 -2.21 14.53
CA LYS E 171 -13.23 -2.16 13.32
C LYS E 171 -11.85 -2.68 13.70
N THR E 172 -11.40 -3.72 13.00
CA THR E 172 -10.12 -4.35 13.29
C THR E 172 -9.09 -4.16 12.18
N GLU E 173 -9.42 -3.43 11.13
CA GLU E 173 -8.53 -3.21 10.00
C GLU E 173 -8.44 -1.72 9.72
N ALA E 174 -7.23 -1.21 9.53
CA ALA E 174 -7.03 0.20 9.20
C ALA E 174 -5.98 0.32 8.11
N CYS E 175 -6.06 1.40 7.34
CA CYS E 175 -5.06 1.71 6.33
C CYS E 175 -5.23 3.15 5.91
N GLY E 176 -4.19 3.69 5.26
CA GLY E 176 -4.33 4.96 4.58
C GLY E 176 -5.32 4.89 3.43
N CYS E 177 -5.57 3.69 2.90
CA CYS E 177 -6.58 3.53 1.86
C CYS E 177 -7.98 3.83 2.36
N ASP E 178 -8.21 3.82 3.68
CA ASP E 178 -9.50 4.20 4.21
C ASP E 178 -9.94 5.57 3.67
N LEU E 179 -8.97 6.49 3.52
CA LEU E 179 -9.31 7.81 3.01
C LEU E 179 -9.78 7.73 1.56
N LEU E 180 -9.13 6.90 0.75
CA LEU E 180 -9.60 6.70 -0.62
C LEU E 180 -10.97 6.04 -0.64
N VAL E 181 -11.07 4.85 -0.05
CA VAL E 181 -12.26 4.03 -0.19
C VAL E 181 -13.50 4.73 0.37
N ASN E 182 -13.33 5.56 1.39
CA ASN E 182 -14.46 6.10 2.13
C ASN E 182 -14.68 7.60 1.96
N VAL E 183 -13.72 8.33 1.39
CA VAL E 183 -13.85 9.77 1.25
C VAL E 183 -13.63 10.20 -0.20
N ILE E 184 -12.41 10.01 -0.71
CA ILE E 184 -12.09 10.48 -2.06
C ILE E 184 -12.98 9.80 -3.09
N ASN E 185 -13.05 8.47 -3.06
CA ASN E 185 -13.87 7.74 -4.02
C ASN E 185 -15.36 8.01 -3.86
N LYS E 186 -15.79 8.61 -2.75
CA LYS E 186 -17.20 8.78 -2.46
C LYS E 186 -17.64 10.23 -2.57
N SER E 187 -16.88 11.06 -3.26
CA SER E 187 -17.19 12.48 -3.43
C SER E 187 -17.52 13.14 -2.09
N LEU E 188 -16.60 12.99 -1.14
CA LEU E 188 -16.73 13.64 0.16
C LEU E 188 -15.51 14.47 0.53
N CYS E 189 -14.36 14.29 -0.13
CA CYS E 189 -13.15 15.01 0.23
C CYS E 189 -13.18 16.42 -0.34
N MET E 190 -12.92 17.40 0.53
CA MET E 190 -12.94 18.82 0.11
C MET E 190 -11.52 19.42 0.22
N GLY E 191 -10.54 18.62 0.61
CA GLY E 191 -9.17 19.08 0.70
C GLY E 191 -8.84 20.02 1.84
N CYS E 192 -9.16 19.65 3.08
CA CYS E 192 -8.64 20.40 4.22
C CYS E 192 -7.18 20.08 4.47
N GLY E 193 -6.82 18.80 4.42
CA GLY E 193 -5.47 18.38 4.74
C GLY E 193 -5.24 18.00 6.19
N SER E 194 -6.29 18.01 7.03
CA SER E 194 -6.11 17.60 8.42
C SER E 194 -5.61 16.17 8.52
N CYS E 195 -5.99 15.31 7.56
CA CYS E 195 -5.50 13.93 7.58
C CYS E 195 -3.98 13.92 7.42
N ALA E 196 -3.45 14.69 6.48
CA ALA E 196 -2.02 14.70 6.24
C ALA E 196 -1.25 15.15 7.47
N ALA E 197 -1.86 16.00 8.31
CA ALA E 197 -1.20 16.46 9.52
C ALA E 197 -1.26 15.42 10.64
N SER E 198 -2.27 14.55 10.62
CA SER E 198 -2.42 13.56 11.68
C SER E 198 -1.44 12.40 11.57
N CYS E 199 -0.89 12.16 10.39
CA CYS E 199 -0.14 10.92 10.17
C CYS E 199 1.19 10.97 10.92
N PRO E 200 1.52 9.93 11.70
CA PRO E 200 2.80 9.94 12.43
C PRO E 200 4.01 9.64 11.57
N THR E 201 3.84 8.96 10.43
CA THR E 201 4.96 8.66 9.54
C THR E 201 5.03 9.62 8.36
N ARG E 202 4.13 10.61 8.31
CA ARG E 202 4.12 11.59 7.21
C ARG E 202 3.92 10.90 5.87
N ALA E 203 3.11 9.85 5.84
CA ALA E 203 2.87 9.11 4.62
C ALA E 203 1.86 9.78 3.70
N ILE E 204 1.05 10.70 4.21
CA ILE E 204 0.07 11.41 3.40
C ILE E 204 0.70 12.70 2.91
N GLU E 205 0.38 13.06 1.66
CA GLU E 205 0.95 14.23 1.01
C GLU E 205 -0.13 14.89 0.17
N MET E 206 -0.52 16.11 0.53
CA MET E 206 -1.58 16.81 -0.18
C MET E 206 -1.08 17.25 -1.56
N ILE E 207 -1.76 16.78 -2.60
CA ILE E 207 -1.41 17.09 -3.99
C ILE E 207 -2.69 17.53 -4.68
N ASP E 208 -2.72 18.80 -5.09
CA ASP E 208 -3.85 19.35 -5.84
C ASP E 208 -5.15 19.21 -5.05
N GLY E 209 -5.07 19.50 -3.75
CA GLY E 209 -6.25 19.50 -2.91
C GLY E 209 -6.81 18.14 -2.59
N LYS E 210 -6.03 17.08 -2.78
CA LYS E 210 -6.44 15.73 -2.47
C LYS E 210 -5.30 14.98 -1.81
N PRO E 211 -5.59 13.99 -0.97
CA PRO E 211 -4.52 13.22 -0.34
C PRO E 211 -3.93 12.19 -1.28
N ASN E 212 -2.61 12.07 -1.23
CA ASN E 212 -1.87 11.00 -1.88
C ASN E 212 -1.17 10.21 -0.78
N VAL E 213 -1.43 8.91 -0.72
CA VAL E 213 -0.89 8.06 0.33
C VAL E 213 0.32 7.32 -0.22
N LEU E 214 1.47 7.54 0.41
CA LEU E 214 2.68 6.78 0.12
C LEU E 214 2.55 5.44 0.83
N LYS E 215 2.02 4.45 0.11
CA LYS E 215 1.54 3.23 0.76
C LYS E 215 2.67 2.46 1.44
N GLU E 216 3.91 2.60 0.96
CA GLU E 216 5.01 1.88 1.57
C GLU E 216 5.52 2.52 2.86
N LEU E 217 5.00 3.69 3.23
CA LEU E 217 5.30 4.30 4.52
C LEU E 217 4.14 4.22 5.51
N CYS E 218 2.99 3.72 5.08
CA CYS E 218 1.82 3.63 5.94
C CYS E 218 1.96 2.42 6.86
N ILE E 219 1.79 2.64 8.16
CA ILE E 219 1.89 1.58 9.15
C ILE E 219 0.51 1.22 9.72
N LYS E 220 -0.55 1.51 8.98
CA LYS E 220 -1.90 1.05 9.30
C LYS E 220 -2.29 1.44 10.73
N CYS E 221 -2.04 2.70 11.07
CA CYS E 221 -2.32 3.21 12.41
C CYS E 221 -3.74 3.74 12.58
N GLY E 222 -4.36 4.26 11.53
CA GLY E 222 -5.74 4.68 11.58
C GLY E 222 -5.99 6.08 12.08
N ALA E 223 -4.94 6.86 12.35
CA ALA E 223 -5.14 8.21 12.87
C ALA E 223 -5.80 9.12 11.84
N CYS E 224 -5.50 8.90 10.55
CA CYS E 224 -6.08 9.74 9.49
C CYS E 224 -7.55 9.39 9.28
N SER E 225 -7.88 8.11 9.27
CA SER E 225 -9.28 7.71 9.11
C SER E 225 -10.14 8.31 10.22
N LEU E 226 -9.64 8.30 11.45
CA LEU E 226 -10.39 8.85 12.61
C LEU E 226 -10.48 10.38 12.48
N GLN E 227 -9.47 11.03 11.92
CA GLN E 227 -9.41 12.49 11.89
C GLN E 227 -10.40 13.06 10.88
N CYS E 228 -10.43 12.50 9.67
CA CYS E 228 -11.14 13.09 8.55
C CYS E 228 -12.59 13.39 8.93
N PRO E 229 -13.02 14.65 8.87
CA PRO E 229 -14.37 15.01 9.36
C PRO E 229 -15.51 14.67 8.41
N ARG E 230 -15.25 14.08 7.25
CA ARG E 230 -16.33 13.59 6.40
C ARG E 230 -16.61 12.11 6.60
N ILE E 231 -15.92 11.46 7.53
CA ILE E 231 -16.26 10.10 7.94
C ILE E 231 -17.13 10.20 9.18
N ARG E 232 -16.56 10.66 10.30
CA ARG E 232 -17.31 10.84 11.54
C ARG E 232 -17.29 12.30 11.94
N PHE E 233 -18.47 12.82 12.28
CA PHE E 233 -18.63 14.22 12.71
C PHE E 233 -19.83 14.31 13.64
N PRO E 234 -19.69 13.84 14.88
CA PRO E 234 -20.80 13.93 15.84
C PRO E 234 -21.10 15.37 16.23
N LYS E 235 -22.37 15.60 16.58
CA LYS E 235 -22.80 16.94 16.98
C LYS E 235 -21.93 17.48 18.11
N LEU E 236 -21.40 16.58 18.94
CA LEU E 236 -20.53 16.97 20.04
C LEU E 236 -19.43 17.94 19.61
N ILE E 237 -18.94 17.81 18.38
CA ILE E 237 -17.79 18.61 17.96
C ILE E 237 -18.17 20.06 17.75
N GLU E 238 -19.44 20.34 17.45
CA GLU E 238 -19.91 21.70 17.21
C GLU E 238 -20.04 22.51 18.49
N GLU E 239 -19.47 22.06 19.61
CA GLU E 239 -19.66 22.68 20.91
C GLU E 239 -18.44 23.51 21.28
N ILE E 240 -18.63 24.82 21.42
CA ILE E 240 -17.54 25.74 21.75
C ILE E 240 -18.14 26.90 22.55
N GLU E 241 -17.29 27.54 23.35
CA GLU E 241 -17.64 28.86 23.90
C GLU E 241 -16.44 29.81 23.81
N MET F 1 -34.75 25.78 10.80
CA MET F 1 -33.32 25.80 10.34
C MET F 1 -32.60 27.05 10.85
N ASP F 2 -31.64 26.84 11.74
CA ASP F 2 -30.84 27.95 12.25
C ASP F 2 -30.00 28.54 11.12
N PRO F 3 -29.79 29.88 11.04
CA PRO F 3 -29.03 30.43 9.92
C PRO F 3 -27.55 30.71 10.13
N PHE F 4 -27.13 30.99 11.36
CA PHE F 4 -25.74 31.38 11.57
C PHE F 4 -25.00 30.57 12.63
N GLY F 5 -25.65 29.68 13.35
CA GLY F 5 -25.01 29.04 14.48
C GLY F 5 -24.93 29.99 15.66
N LYS F 6 -24.08 29.63 16.62
CA LYS F 6 -23.93 30.44 17.82
C LYS F 6 -22.92 31.56 17.56
N TYR F 7 -23.26 32.76 18.04
CA TYR F 7 -22.35 33.89 17.97
C TYR F 7 -22.69 34.86 19.09
N LYS F 8 -21.70 35.69 19.46
CA LYS F 8 -21.93 36.73 20.45
C LYS F 8 -22.46 38.00 19.79
N THR F 9 -21.74 38.53 18.81
CA THR F 9 -22.13 39.74 18.11
C THR F 9 -21.88 39.58 16.63
N VAL F 10 -22.75 40.25 15.86
CA VAL F 10 -22.57 40.34 14.38
C VAL F 10 -22.20 41.80 14.12
N VAL F 11 -21.26 42.07 13.21
CA VAL F 11 -20.70 43.40 13.00
C VAL F 11 -20.28 43.52 11.54
N SER F 12 -20.41 44.74 11.00
CA SER F 12 -19.77 45.12 9.76
C SER F 12 -18.51 45.90 10.09
N ALA F 13 -17.38 45.48 9.54
CA ALA F 13 -16.09 46.03 9.95
C ALA F 13 -15.19 46.15 8.73
N ARG F 14 -13.97 46.63 8.99
CA ARG F 14 -13.02 47.00 7.95
C ARG F 14 -11.68 47.27 8.61
N ALA F 15 -10.60 46.97 7.90
CA ALA F 15 -9.27 47.22 8.44
C ALA F 15 -8.95 48.70 8.40
N ALA F 16 -8.13 49.14 9.37
CA ALA F 16 -7.74 50.54 9.45
C ALA F 16 -6.50 50.85 8.63
N ASP F 17 -5.58 49.90 8.51
CA ASP F 17 -4.42 50.09 7.65
C ASP F 17 -4.86 50.20 6.20
N LYS F 18 -4.40 51.24 5.51
CA LYS F 18 -4.74 51.38 4.09
C LYS F 18 -3.99 50.38 3.25
N THR F 19 -2.78 50.00 3.66
CA THR F 19 -2.03 48.97 2.93
C THR F 19 -2.84 47.67 2.83
N ILE F 20 -3.47 47.26 3.94
CA ILE F 20 -4.28 46.05 3.92
C ILE F 20 -5.45 46.21 2.96
N LEU F 21 -6.13 47.36 3.02
CA LEU F 21 -7.30 47.55 2.18
C LEU F 21 -6.95 47.52 0.71
N LYS F 22 -5.75 47.98 0.33
CA LYS F 22 -5.32 47.93 -1.06
C LYS F 22 -5.11 46.50 -1.54
N LYS F 23 -4.85 45.56 -0.63
CA LYS F 23 -4.52 44.20 -1.01
C LYS F 23 -5.59 43.17 -0.65
N CYS F 24 -6.64 43.56 0.08
CA CYS F 24 -7.58 42.59 0.61
C CYS F 24 -8.78 42.43 -0.30
N GLN F 25 -9.52 41.35 -0.06
CA GLN F 25 -10.71 41.05 -0.86
C GLN F 25 -11.85 42.00 -0.52
N ASP F 26 -12.23 42.06 0.76
CA ASP F 26 -13.38 42.86 1.19
C ASP F 26 -12.89 43.89 2.19
N GLY F 27 -13.10 43.66 3.49
CA GLY F 27 -12.67 44.57 4.53
C GLY F 27 -11.30 44.32 5.10
N GLY F 28 -10.62 43.27 4.65
CA GLY F 28 -9.29 42.97 5.15
C GLY F 28 -9.25 42.48 6.58
N ILE F 29 -10.27 41.74 7.01
CA ILE F 29 -10.38 41.34 8.41
C ILE F 29 -9.33 40.28 8.75
N VAL F 30 -9.18 39.27 7.89
CA VAL F 30 -8.23 38.20 8.16
C VAL F 30 -6.81 38.76 8.24
N SER F 31 -6.39 39.47 7.19
CA SER F 31 -5.05 40.06 7.19
C SER F 31 -4.87 41.02 8.35
N ALA F 32 -5.91 41.81 8.66
CA ALA F 32 -5.83 42.73 9.79
C ALA F 32 -5.62 41.97 11.09
N ALA F 33 -6.37 40.89 11.31
CA ALA F 33 -6.24 40.11 12.53
C ALA F 33 -4.86 39.48 12.63
N TYR F 34 -4.42 38.83 11.54
CA TYR F 34 -3.10 38.19 11.53
C TYR F 34 -2.01 39.20 11.84
N ILE F 35 -2.00 40.34 11.13
CA ILE F 35 -0.92 41.30 11.31
C ILE F 35 -0.95 41.88 12.71
N TYR F 36 -2.14 42.16 13.25
CA TYR F 36 -2.22 42.69 14.61
C TYR F 36 -1.64 41.70 15.61
N GLY F 37 -2.07 40.44 15.53
CA GLY F 37 -1.53 39.44 16.44
C GLY F 37 -0.02 39.36 16.37
N LEU F 38 0.52 39.15 15.17
CA LEU F 38 1.97 39.08 15.01
C LEU F 38 2.64 40.31 15.60
N GLU F 39 2.13 41.51 15.27
CA GLU F 39 2.76 42.74 15.71
C GLU F 39 2.66 42.95 17.23
N ASN F 40 1.69 42.30 17.89
CA ASN F 40 1.47 42.50 19.32
C ASN F 40 1.76 41.25 20.14
N GLY F 41 2.39 40.23 19.54
CA GLY F 41 2.74 39.04 20.28
C GLY F 41 1.59 38.15 20.67
N LEU F 42 0.38 38.40 20.15
CA LEU F 42 -0.73 37.49 20.38
C LEU F 42 -0.57 36.22 19.57
N LEU F 43 0.03 36.32 18.39
CA LEU F 43 0.31 35.19 17.53
C LEU F 43 1.80 35.20 17.17
N ASP F 44 2.35 34.02 16.92
CA ASP F 44 3.70 33.90 16.38
C ASP F 44 3.75 33.13 15.07
N GLY F 45 2.63 32.58 14.61
CA GLY F 45 2.55 32.01 13.29
C GLY F 45 1.11 32.06 12.81
N VAL F 46 0.94 32.13 11.49
CA VAL F 46 -0.40 32.13 10.90
C VAL F 46 -0.35 31.33 9.61
N ILE F 47 -1.38 30.50 9.41
CA ILE F 47 -1.52 29.74 8.18
C ILE F 47 -2.18 30.63 7.15
N VAL F 48 -1.54 30.73 5.97
CA VAL F 48 -2.05 31.62 4.89
C VAL F 48 -2.04 30.88 3.55
N ALA F 49 -2.69 31.45 2.53
CA ALA F 49 -2.70 30.82 1.19
C ALA F 49 -1.79 31.59 0.24
N ASP F 50 -0.66 31.01 -0.16
CA ASP F 50 0.21 31.69 -1.16
C ASP F 50 -0.34 31.36 -2.55
N LYS F 51 -0.28 32.31 -3.48
CA LYS F 51 -0.87 32.09 -4.83
C LYS F 51 0.21 32.23 -5.90
N ASP F 52 0.33 31.25 -6.81
CA ASP F 52 1.31 31.30 -7.91
C ASP F 52 0.82 32.33 -8.92
N ASP F 53 1.73 32.85 -9.76
CA ASP F 53 1.34 33.87 -10.78
C ASP F 53 0.06 33.42 -11.48
N LYS F 54 -0.17 32.12 -11.61
CA LYS F 54 -1.33 31.63 -12.34
C LYS F 54 -2.46 31.21 -11.40
N LEU F 55 -2.44 31.69 -10.16
CA LEU F 55 -3.50 31.53 -9.15
C LEU F 55 -3.56 30.15 -8.52
N GLN F 56 -2.46 29.39 -8.60
CA GLN F 56 -2.41 28.07 -7.91
C GLN F 56 -2.18 28.33 -6.42
N THR F 57 -2.76 27.55 -5.54
CA THR F 57 -2.56 27.88 -4.15
C THR F 57 -1.71 26.88 -3.40
N THR F 58 -0.88 27.39 -2.51
CA THR F 58 0.02 26.53 -1.72
C THR F 58 -0.05 26.96 -0.27
N PRO F 59 -0.39 26.06 0.68
CA PRO F 59 -0.42 26.43 2.10
C PRO F 59 0.94 26.82 2.63
N LYS F 60 0.97 27.63 3.70
CA LYS F 60 2.24 28.08 4.25
C LYS F 60 2.03 28.64 5.66
N VAL F 61 3.03 28.41 6.52
CA VAL F 61 3.10 29.01 7.84
C VAL F 61 3.83 30.34 7.72
N ALA F 62 3.32 31.37 8.39
CA ALA F 62 3.84 32.73 8.24
C ALA F 62 4.28 33.29 9.59
N THR F 63 5.47 33.89 9.61
CA THR F 63 6.00 34.47 10.87
C THR F 63 6.37 35.93 10.67
N THR F 64 6.11 36.49 9.49
CA THR F 64 6.43 37.88 9.20
C THR F 64 5.22 38.56 8.57
N VAL F 65 5.02 39.83 8.92
CA VAL F 65 3.89 40.58 8.37
C VAL F 65 3.97 40.60 6.85
N ASP F 66 5.17 40.81 6.31
CA ASP F 66 5.35 40.81 4.86
C ASP F 66 4.69 39.57 4.27
N GLU F 67 4.99 38.41 4.89
CA GLU F 67 4.39 37.14 4.41
C GLU F 67 2.85 37.26 4.39
N VAL F 68 2.28 37.77 5.48
CA VAL F 68 0.79 37.94 5.54
C VAL F 68 0.39 38.84 4.37
N LEU F 69 1.12 39.94 4.16
CA LEU F 69 0.78 40.88 3.07
C LEU F 69 0.91 40.16 1.73
N GLU F 70 1.94 39.32 1.58
CA GLU F 70 2.20 38.62 0.30
C GLU F 70 1.01 37.71 -0.07
N ALA F 71 0.12 37.45 0.89
CA ALA F 71 -0.97 36.49 0.60
C ALA F 71 -2.31 37.04 1.09
N ALA F 72 -2.81 38.09 0.45
CA ALA F 72 -4.14 38.67 0.82
C ALA F 72 -5.02 38.67 -0.42
N GLY F 73 -6.23 38.11 -0.31
CA GLY F 73 -7.12 38.01 -1.49
C GLY F 73 -7.74 36.64 -1.57
N THR F 74 -8.89 36.53 -2.25
CA THR F 74 -9.60 35.25 -2.31
C THR F 74 -9.19 34.51 -3.58
N LYS F 75 -8.69 33.29 -3.40
CA LYS F 75 -8.49 32.36 -4.51
C LYS F 75 -9.64 31.34 -4.42
N TYR F 76 -10.57 31.43 -5.36
CA TYR F 76 -11.75 30.51 -5.35
C TYR F 76 -11.27 29.15 -5.83
N THR F 77 -10.30 28.55 -5.15
CA THR F 77 -9.79 27.24 -5.49
C THR F 77 -9.30 26.59 -4.19
N VAL F 78 -9.34 25.27 -4.16
CA VAL F 78 -9.10 24.53 -2.92
C VAL F 78 -7.66 24.73 -2.47
N CYS F 79 -7.48 25.18 -1.24
CA CYS F 79 -6.16 25.28 -0.61
C CYS F 79 -6.18 24.56 0.73
N PRO F 80 -5.45 23.44 0.89
CA PRO F 80 -5.48 22.70 2.17
C PRO F 80 -4.72 23.41 3.26
N THR F 81 -5.39 24.30 4.00
CA THR F 81 -4.73 25.10 5.01
C THR F 81 -4.41 24.31 6.28
N ILE F 82 -5.19 23.28 6.57
CA ILE F 82 -4.95 22.49 7.78
C ILE F 82 -3.82 21.49 7.59
N SER F 83 -3.40 21.22 6.34
CA SER F 83 -2.34 20.26 6.11
C SER F 83 -1.03 20.66 6.74
N VAL F 84 -0.86 21.95 7.06
CA VAL F 84 0.40 22.45 7.61
C VAL F 84 0.30 22.72 9.10
N ILE F 85 -0.80 22.31 9.74
CA ILE F 85 -1.04 22.72 11.12
C ILE F 85 -0.03 22.07 12.07
N LYS F 86 0.34 20.82 11.81
CA LYS F 86 1.34 20.19 12.64
C LYS F 86 2.72 20.78 12.37
N SER F 87 3.11 20.83 11.09
CA SER F 87 4.37 21.46 10.73
C SER F 87 4.54 22.80 11.45
N ALA F 88 3.43 23.49 11.71
CA ALA F 88 3.50 24.81 12.33
C ALA F 88 4.01 24.73 13.77
N VAL F 89 3.55 23.73 14.52
CA VAL F 89 3.92 23.62 15.94
C VAL F 89 5.14 22.74 16.16
N ARG F 90 5.72 22.19 15.10
CA ARG F 90 6.88 21.31 15.23
C ARG F 90 8.17 22.02 14.84
N GLU F 91 8.52 21.97 13.55
CA GLU F 91 9.74 22.63 13.10
C GLU F 91 9.62 24.14 13.22
N TYR F 92 8.52 24.72 12.72
CA TYR F 92 8.35 26.17 12.82
C TYR F 92 8.30 26.62 14.28
N GLY F 93 7.89 25.74 15.18
CA GLY F 93 7.95 26.02 16.60
C GLY F 93 6.91 26.99 17.12
N CYS F 94 5.76 27.07 16.45
CA CYS F 94 4.72 28.00 16.88
C CYS F 94 4.04 27.50 18.15
N GLU F 95 3.69 28.44 19.03
CA GLU F 95 2.85 28.16 20.18
C GLU F 95 1.62 29.04 20.26
N LYS F 96 1.48 30.03 19.38
CA LYS F 96 0.29 30.87 19.29
C LYS F 96 -0.12 30.94 17.81
N LEU F 97 -0.58 29.81 17.28
CA LEU F 97 -0.84 29.73 15.85
C LEU F 97 -2.16 30.40 15.50
N GLY F 98 -2.19 31.01 14.31
CA GLY F 98 -3.41 31.48 13.70
C GLY F 98 -3.73 30.63 12.49
N VAL F 99 -4.98 30.20 12.39
CA VAL F 99 -5.43 29.34 11.31
C VAL F 99 -6.64 30.00 10.65
N VAL F 100 -6.67 29.97 9.33
CA VAL F 100 -7.81 30.43 8.55
C VAL F 100 -8.25 29.28 7.65
N GLY F 101 -9.54 29.27 7.33
CA GLY F 101 -10.05 28.24 6.45
C GLY F 101 -11.53 28.41 6.21
N THR F 102 -11.98 27.86 5.08
CA THR F 102 -13.40 27.79 4.81
C THR F 102 -14.10 27.03 5.94
N PRO F 103 -15.42 27.13 6.03
CA PRO F 103 -16.13 26.48 7.16
C PRO F 103 -15.75 25.02 7.34
N CYS F 104 -15.59 24.29 6.24
CA CYS F 104 -15.21 22.88 6.32
C CYS F 104 -13.86 22.72 7.02
N GLN F 105 -12.86 23.49 6.59
CA GLN F 105 -11.54 23.41 7.22
C GLN F 105 -11.60 23.80 8.68
N ILE F 106 -12.51 24.72 9.05
CA ILE F 106 -12.74 25.01 10.46
C ILE F 106 -13.34 23.79 11.16
N ILE F 107 -14.30 23.13 10.50
CA ILE F 107 -14.85 21.89 11.06
C ILE F 107 -13.74 20.88 11.30
N ALA F 108 -12.82 20.77 10.35
CA ALA F 108 -11.69 19.87 10.52
C ALA F 108 -10.82 20.29 11.70
N THR F 109 -10.68 21.60 11.92
CA THR F 109 -9.86 22.08 13.03
C THR F 109 -10.52 21.79 14.37
N ARG F 110 -11.85 21.92 14.44
CA ARG F 110 -12.56 21.69 15.69
C ARG F 110 -12.54 20.21 16.06
N LYS F 111 -12.77 19.32 15.09
CA LYS F 111 -12.63 17.89 15.35
C LYS F 111 -11.19 17.53 15.64
N LEU F 112 -10.25 18.11 14.88
CA LEU F 112 -8.84 17.91 15.12
C LEU F 112 -8.46 18.21 16.57
N MET F 113 -9.24 19.06 17.22
CA MET F 113 -8.92 19.48 18.61
C MET F 113 -9.63 18.58 19.63
N LYS F 114 -10.82 18.08 19.29
CA LYS F 114 -11.58 17.29 20.26
C LYS F 114 -11.10 15.85 20.32
N TYR F 115 -10.59 15.31 19.22
CA TYR F 115 -10.07 13.95 19.16
C TYR F 115 -8.66 13.99 18.60
N PRO F 116 -7.70 14.56 19.36
CA PRO F 116 -6.36 14.85 18.85
C PRO F 116 -5.44 13.63 18.76
N ILE F 117 -5.97 12.54 18.20
CA ILE F 117 -5.17 11.30 18.09
C ILE F 117 -3.83 11.60 17.45
N GLY F 118 -3.83 12.03 16.20
CA GLY F 118 -2.60 12.29 15.49
C GLY F 118 -2.06 13.69 15.69
N PHE F 119 -2.57 14.40 16.71
CA PHE F 119 -2.24 15.81 16.90
C PHE F 119 -1.75 16.04 18.32
N ARG F 120 -0.69 15.33 18.67
CA ARG F 120 -0.02 15.53 19.93
C ARG F 120 0.48 16.97 20.07
N HIS F 121 0.10 17.61 21.16
CA HIS F 121 0.58 18.95 21.50
C HIS F 121 0.23 19.99 20.44
N VAL F 122 -0.83 19.74 19.66
CA VAL F 122 -1.30 20.70 18.67
C VAL F 122 -2.40 21.57 19.28
N PRO F 123 -3.47 20.98 19.85
CA PRO F 123 -4.64 21.81 20.22
C PRO F 123 -4.33 23.02 21.07
N ASP F 124 -3.50 22.87 22.10
CA ASP F 124 -3.26 23.97 23.04
C ASP F 124 -2.59 25.16 22.37
N LYS F 125 -1.90 24.95 21.25
CA LYS F 125 -1.14 26.02 20.61
C LYS F 125 -1.95 26.83 19.61
N LEU F 126 -3.20 26.46 19.35
CA LEU F 126 -4.05 27.20 18.41
C LEU F 126 -4.60 28.44 19.12
N ALA F 127 -4.12 29.62 18.71
CA ALA F 127 -4.39 30.85 19.41
C ALA F 127 -5.54 31.66 18.82
N LEU F 128 -5.87 31.47 17.54
CA LEU F 128 -7.01 32.15 16.94
C LEU F 128 -7.42 31.40 15.68
N ILE F 129 -8.73 31.14 15.56
CA ILE F 129 -9.29 30.36 14.46
C ILE F 129 -10.23 31.28 13.70
N VAL F 130 -9.79 31.75 12.54
CA VAL F 130 -10.54 32.69 11.72
C VAL F 130 -11.23 31.92 10.60
N GLY F 131 -12.54 32.08 10.48
CA GLY F 131 -13.33 31.46 9.42
C GLY F 131 -13.75 32.50 8.40
N ILE F 132 -13.76 32.10 7.14
CA ILE F 132 -14.26 32.92 6.04
C ILE F 132 -15.50 32.24 5.47
N PHE F 133 -16.46 33.04 5.03
CA PHE F 133 -17.68 32.45 4.48
C PHE F 133 -17.33 31.63 3.23
N CYS F 134 -18.27 30.80 2.81
CA CYS F 134 -18.06 29.97 1.63
C CYS F 134 -19.35 29.33 1.15
N MET F 135 -19.64 29.47 -0.15
CA MET F 135 -20.80 28.84 -0.78
C MET F 135 -20.42 27.63 -1.62
N GLU F 136 -19.31 27.77 -2.35
CA GLU F 136 -18.86 26.66 -3.24
C GLU F 136 -17.39 26.85 -3.61
N ASN F 137 -16.68 25.73 -3.76
CA ASN F 137 -15.27 25.80 -4.21
C ASN F 137 -15.18 25.16 -5.58
N PHE F 138 -14.00 25.21 -6.17
CA PHE F 138 -13.79 24.68 -7.51
C PHE F 138 -12.42 24.03 -7.61
N PRO F 139 -12.30 22.98 -8.41
CA PRO F 139 -10.96 22.52 -8.79
C PRO F 139 -10.30 23.58 -9.65
N TYR F 140 -8.97 23.67 -9.56
CA TYR F 140 -8.27 24.74 -10.23
C TYR F 140 -8.58 24.77 -11.73
N ASN F 141 -8.45 23.62 -12.39
CA ASN F 141 -8.70 23.56 -13.83
C ASN F 141 -10.16 23.88 -14.16
N GLY F 142 -11.08 23.73 -13.20
CA GLY F 142 -12.44 24.16 -13.43
C GLY F 142 -12.56 25.67 -13.41
N MET F 143 -11.96 26.30 -12.41
CA MET F 143 -11.97 27.79 -12.39
C MET F 143 -11.21 28.29 -13.63
N LYS F 144 -10.16 27.56 -14.03
CA LYS F 144 -9.41 28.00 -15.21
C LYS F 144 -10.33 28.07 -16.41
N THR F 145 -11.25 27.11 -16.55
CA THR F 145 -12.10 27.06 -17.73
C THR F 145 -13.13 28.18 -17.71
N ILE F 146 -13.69 28.47 -16.53
CA ILE F 146 -14.68 29.54 -16.42
C ILE F 146 -14.04 30.87 -16.80
N ILE F 147 -12.96 31.24 -16.11
CA ILE F 147 -12.38 32.55 -16.34
C ILE F 147 -11.84 32.68 -17.75
N GLU F 148 -11.16 31.64 -18.24
CA GLU F 148 -10.44 31.79 -19.50
C GLU F 148 -11.32 31.56 -20.72
N GLU F 149 -12.19 30.55 -20.68
CA GLU F 149 -12.96 30.15 -21.85
C GLU F 149 -14.43 30.56 -21.78
N HIS F 150 -14.91 31.03 -20.63
CA HIS F 150 -16.25 31.58 -20.51
C HIS F 150 -16.26 33.08 -20.28
N CYS F 151 -15.19 33.62 -19.71
CA CYS F 151 -15.12 35.03 -19.36
C CYS F 151 -14.14 35.81 -20.24
N GLY F 152 -13.36 35.12 -21.07
CA GLY F 152 -12.37 35.79 -21.92
C GLY F 152 -11.04 36.12 -21.27
N ILE F 153 -11.07 36.68 -20.06
CA ILE F 153 -9.84 37.08 -19.38
C ILE F 153 -8.97 35.87 -19.10
N LYS F 154 -7.67 36.01 -19.31
CA LYS F 154 -6.71 34.95 -19.03
C LYS F 154 -6.30 35.00 -17.56
N MET F 155 -6.01 33.83 -17.00
CA MET F 155 -5.75 33.72 -15.57
C MET F 155 -4.71 34.74 -15.10
N GLU F 156 -3.57 34.79 -15.79
CA GLU F 156 -2.51 35.71 -15.39
C GLU F 156 -3.04 37.13 -15.27
N ASP F 157 -3.80 37.59 -16.26
CA ASP F 157 -4.33 38.95 -16.25
C ASP F 157 -5.47 39.12 -15.25
N VAL F 158 -5.85 38.08 -14.52
CA VAL F 158 -6.86 38.22 -13.48
C VAL F 158 -6.23 38.89 -12.27
N ALA F 159 -7.02 39.70 -11.58
CA ALA F 159 -6.53 40.40 -10.39
C ALA F 159 -7.47 40.22 -9.23
N LYS F 160 -8.76 40.04 -9.50
CA LYS F 160 -9.75 39.91 -8.45
C LYS F 160 -11.01 39.31 -9.04
N THR F 161 -11.55 38.28 -8.40
CA THR F 161 -12.83 37.69 -8.77
C THR F 161 -13.81 37.88 -7.62
N ASP F 162 -15.09 37.72 -7.92
CA ASP F 162 -16.12 37.91 -6.87
C ASP F 162 -17.44 37.29 -7.35
N ILE F 163 -18.08 36.51 -6.50
CA ILE F 163 -19.40 35.99 -6.93
C ILE F 163 -20.46 36.73 -6.11
N GLY F 164 -21.70 36.77 -6.61
CA GLY F 164 -22.80 37.48 -5.96
C GLY F 164 -23.40 38.40 -6.97
N LYS F 165 -24.38 39.19 -6.57
CA LYS F 165 -24.89 40.20 -7.52
C LYS F 165 -25.50 39.47 -8.73
N GLY F 166 -25.93 38.22 -8.55
CA GLY F 166 -26.57 37.47 -9.64
C GLY F 166 -25.63 36.57 -10.44
N LYS F 167 -24.31 36.75 -10.35
CA LYS F 167 -23.45 35.92 -11.23
C LYS F 167 -21.97 36.02 -10.86
N PHE F 168 -21.09 35.49 -11.72
CA PHE F 168 -19.64 35.51 -11.45
C PHE F 168 -19.05 36.80 -12.03
N TRP F 169 -17.99 37.30 -11.43
CA TRP F 169 -17.35 38.53 -11.89
C TRP F 169 -15.85 38.33 -11.87
N VAL F 170 -15.20 38.54 -13.02
CA VAL F 170 -13.74 38.52 -13.12
C VAL F 170 -13.29 39.94 -13.43
N TYR F 171 -12.39 40.46 -12.59
CA TYR F 171 -11.87 41.83 -12.74
C TYR F 171 -10.45 41.73 -13.28
N SER F 172 -10.20 42.39 -14.40
CA SER F 172 -8.90 42.32 -15.05
C SER F 172 -7.96 43.38 -14.49
N LYS F 173 -6.68 43.05 -14.43
CA LYS F 173 -5.66 44.04 -14.13
C LYS F 173 -5.82 45.24 -15.05
N TRP F 174 -5.84 44.99 -16.36
CA TRP F 174 -5.82 46.05 -17.35
C TRP F 174 -6.99 47.00 -17.20
N GLY F 175 -8.14 46.48 -16.77
CA GLY F 175 -9.25 47.35 -16.40
C GLY F 175 -10.64 46.83 -16.69
N ASP F 176 -10.76 45.79 -17.51
CA ASP F 176 -12.08 45.32 -17.90
C ASP F 176 -12.75 44.55 -16.76
N VAL F 177 -14.06 44.38 -16.88
CA VAL F 177 -14.85 43.68 -15.88
C VAL F 177 -15.90 42.85 -16.60
N LYS F 178 -15.79 41.53 -16.52
CA LYS F 178 -16.68 40.60 -17.21
C LYS F 178 -17.57 39.88 -16.21
N SER F 179 -18.77 39.50 -16.67
CA SER F 179 -19.73 38.80 -15.83
C SER F 179 -20.44 37.72 -16.64
N ILE F 180 -20.61 36.55 -16.03
CA ILE F 180 -21.32 35.44 -16.65
C ILE F 180 -22.28 34.86 -15.62
N LYS F 181 -23.49 34.52 -16.05
CA LYS F 181 -24.53 34.06 -15.14
C LYS F 181 -23.98 32.94 -14.24
N LEU F 182 -24.38 32.97 -12.97
CA LEU F 182 -23.91 31.96 -11.98
C LEU F 182 -24.48 30.58 -12.34
N LYS F 183 -25.43 30.54 -13.28
CA LYS F 183 -26.09 29.26 -13.63
C LYS F 183 -25.13 28.41 -14.48
N GLU F 184 -24.18 29.06 -15.16
CA GLU F 184 -23.23 28.32 -16.04
C GLU F 184 -21.97 27.97 -15.28
N THR F 185 -21.81 28.51 -14.07
CA THR F 185 -20.58 28.29 -13.30
C THR F 185 -20.74 27.04 -12.46
N HIS F 186 -21.93 26.44 -12.51
CA HIS F 186 -22.22 25.25 -11.68
C HIS F 186 -21.50 24.01 -12.24
N PRO F 187 -21.56 23.69 -13.54
CA PRO F 187 -20.96 22.45 -14.02
C PRO F 187 -19.53 22.23 -13.56
N TYR F 188 -18.84 23.28 -13.12
CA TYR F 188 -17.43 23.12 -12.79
C TYR F 188 -17.06 23.21 -11.30
N GLU F 189 -17.98 22.82 -10.43
CA GLU F 189 -17.72 23.01 -8.98
C GLU F 189 -17.36 21.69 -8.31
N GLN F 190 -16.62 21.76 -7.22
CA GLN F 190 -16.33 20.57 -6.43
C GLN F 190 -17.63 19.99 -5.89
N GLN F 191 -17.95 18.77 -6.32
CA GLN F 191 -19.23 18.18 -5.97
C GLN F 191 -19.27 17.73 -4.51
N SER F 192 -18.12 17.62 -3.85
CA SER F 192 -18.10 17.33 -2.43
C SER F 192 -18.54 18.51 -1.58
N CYS F 193 -18.81 19.64 -2.23
CA CYS F 193 -19.32 20.84 -1.50
C CYS F 193 -20.85 20.81 -1.48
N HIS F 194 -21.46 19.86 -2.20
CA HIS F 194 -22.94 19.78 -2.27
C HIS F 194 -23.47 19.06 -1.04
N VAL F 195 -22.59 18.68 -0.10
CA VAL F 195 -23.08 18.06 1.16
C VAL F 195 -22.60 18.93 2.32
N CYS F 196 -22.18 20.16 2.01
CA CYS F 196 -21.65 21.05 3.06
C CYS F 196 -22.77 21.93 3.59
N MET F 197 -22.92 22.03 4.91
CA MET F 197 -24.05 22.79 5.50
C MET F 197 -23.54 23.89 6.44
N ASP F 198 -22.36 24.44 6.17
CA ASP F 198 -21.86 25.58 7.00
C ASP F 198 -21.51 26.72 6.06
N TYR F 199 -22.25 27.83 6.15
CA TYR F 199 -22.03 28.97 5.27
C TYR F 199 -21.11 30.00 5.91
N THR F 200 -21.39 30.38 7.16
CA THR F 200 -20.72 31.49 7.82
C THR F 200 -19.54 31.04 8.67
N ALA F 201 -19.05 29.82 8.47
CA ALA F 201 -17.97 29.25 9.29
C ALA F 201 -18.39 29.26 10.77
N GLU F 202 -19.45 28.51 11.05
CA GLU F 202 -20.14 28.59 12.33
C GLU F 202 -19.30 28.12 13.52
N LEU F 203 -18.15 27.49 13.29
CA LEU F 203 -17.34 26.98 14.38
C LEU F 203 -16.02 27.72 14.58
N ALA F 204 -15.84 28.85 13.89
CA ALA F 204 -14.61 29.62 14.05
C ALA F 204 -14.69 30.51 15.28
N ASP F 205 -13.51 30.95 15.76
CA ASP F 205 -13.48 32.00 16.75
C ASP F 205 -14.11 33.28 16.19
N ILE F 206 -13.63 33.72 15.04
CA ILE F 206 -14.13 34.89 14.35
C ILE F 206 -14.44 34.49 12.91
N SER F 207 -15.64 34.78 12.45
CA SER F 207 -16.03 34.53 11.07
C SER F 207 -16.17 35.86 10.35
N THR F 208 -15.63 35.93 9.13
CA THR F 208 -15.66 37.15 8.34
C THR F 208 -16.06 36.82 6.92
N GLY F 209 -16.80 37.74 6.29
CA GLY F 209 -17.28 37.50 4.94
C GLY F 209 -17.55 38.79 4.20
N SER F 210 -18.03 38.63 2.97
CA SER F 210 -18.36 39.75 2.09
C SER F 210 -19.84 40.09 2.11
N VAL F 211 -20.71 39.09 1.91
CA VAL F 211 -22.13 39.36 1.77
C VAL F 211 -22.68 39.99 3.06
N GLY F 212 -23.76 40.75 2.91
CA GLY F 212 -24.34 41.50 4.00
C GLY F 212 -23.68 42.83 4.27
N SER F 213 -22.44 43.02 3.81
CA SER F 213 -21.69 44.25 4.00
C SER F 213 -21.37 44.88 2.65
N PRO F 214 -21.24 46.21 2.61
CA PRO F 214 -20.96 46.88 1.33
C PRO F 214 -19.54 46.60 0.85
N ASP F 215 -19.27 47.09 -0.35
CA ASP F 215 -17.95 46.91 -0.94
C ASP F 215 -16.89 47.54 -0.05
N GLY F 216 -15.79 46.83 0.14
CA GLY F 216 -14.75 47.26 1.04
C GLY F 216 -15.01 46.98 2.50
N TRP F 217 -16.13 46.32 2.83
CA TRP F 217 -16.49 46.03 4.21
C TRP F 217 -16.82 44.55 4.33
N SER F 218 -16.67 44.04 5.56
CA SER F 218 -16.81 42.62 5.83
C SER F 218 -17.79 42.38 6.96
N THR F 219 -18.72 41.45 6.75
CA THR F 219 -19.57 40.97 7.83
C THR F 219 -18.74 40.10 8.76
N VAL F 220 -18.71 40.44 10.04
CA VAL F 220 -17.84 39.79 11.01
C VAL F 220 -18.68 39.24 12.15
N PHE F 221 -18.72 37.92 12.26
CA PHE F 221 -19.33 37.25 13.41
C PHE F 221 -18.27 37.03 14.49
N ILE F 222 -18.61 37.38 15.73
CA ILE F 222 -17.76 37.13 16.89
C ILE F 222 -18.43 36.05 17.72
N ARG F 223 -17.79 34.89 17.83
CA ARG F 223 -18.43 33.69 18.34
C ARG F 223 -17.90 33.23 19.69
N THR F 224 -16.59 33.06 19.84
CA THR F 224 -16.03 32.47 21.04
C THR F 224 -15.43 33.55 21.95
N ALA F 225 -15.18 33.15 23.21
CA ALA F 225 -14.56 34.07 24.15
C ALA F 225 -13.17 34.45 23.70
N GLN F 226 -12.44 33.53 23.07
CA GLN F 226 -11.12 33.84 22.54
C GLN F 226 -11.21 34.83 21.40
N GLY F 227 -12.13 34.59 20.45
CA GLY F 227 -12.30 35.52 19.36
C GLY F 227 -12.79 36.89 19.82
N GLU F 228 -13.61 36.92 20.87
CA GLU F 228 -14.09 38.20 21.39
C GLU F 228 -12.94 39.01 21.99
N GLU F 229 -12.12 38.36 22.82
CA GLU F 229 -10.99 39.06 23.43
C GLU F 229 -10.02 39.56 22.38
N PHE F 230 -9.77 38.76 21.34
CA PHE F 230 -8.91 39.21 20.24
C PHE F 230 -9.56 40.36 19.48
N PHE F 231 -10.84 40.20 19.12
CA PHE F 231 -11.52 41.24 18.35
C PHE F 231 -11.58 42.55 19.12
N ASN F 232 -11.85 42.49 20.43
CA ASN F 232 -11.89 43.71 21.22
C ASN F 232 -10.52 44.38 21.28
N LYS F 233 -9.46 43.60 21.51
CA LYS F 233 -8.13 44.17 21.62
C LYS F 233 -7.76 44.95 20.35
N MET F 234 -8.15 44.44 19.19
CA MET F 234 -7.90 45.18 17.94
C MET F 234 -8.69 46.48 17.91
N VAL F 235 -9.93 46.47 18.37
CA VAL F 235 -10.77 47.66 18.32
C VAL F 235 -10.21 48.74 19.24
N GLU F 236 -9.77 48.36 20.46
CA GLU F 236 -9.20 49.34 21.37
C GLU F 236 -7.88 49.90 20.86
N ALA F 237 -7.20 49.19 19.96
CA ALA F 237 -5.96 49.68 19.37
C ALA F 237 -6.19 50.48 18.10
N GLY F 238 -7.38 50.41 17.51
CA GLY F 238 -7.67 51.14 16.30
C GLY F 238 -7.31 50.41 15.02
N ALA F 239 -7.14 49.09 15.07
CA ALA F 239 -6.83 48.33 13.86
C ALA F 239 -8.04 48.07 12.99
N LEU F 240 -9.25 48.33 13.49
CA LEU F 240 -10.48 48.08 12.76
C LEU F 240 -11.41 49.27 12.82
N GLU F 241 -12.23 49.42 11.79
CA GLU F 241 -13.34 50.36 11.75
C GLU F 241 -14.62 49.55 11.83
N VAL F 242 -15.52 49.94 12.73
CA VAL F 242 -16.64 49.09 13.12
C VAL F 242 -17.95 49.87 13.01
N LYS F 243 -18.92 49.29 12.31
CA LYS F 243 -20.27 49.80 12.21
C LYS F 243 -21.27 48.69 12.47
N PRO F 244 -22.36 48.95 13.20
CA PRO F 244 -23.35 47.89 13.42
C PRO F 244 -23.92 47.37 12.12
N ILE F 245 -24.16 46.05 12.08
CA ILE F 245 -24.70 45.42 10.89
C ILE F 245 -26.12 45.90 10.58
N GLU F 246 -26.80 46.50 11.56
CA GLU F 246 -28.13 47.04 11.30
C GLU F 246 -28.04 48.32 10.46
N GLU F 247 -27.07 49.18 10.78
CA GLU F 247 -26.91 50.46 10.10
C GLU F 247 -26.37 50.32 8.69
N VAL F 248 -26.06 49.12 8.22
CA VAL F 248 -25.35 48.91 6.97
C VAL F 248 -26.19 48.06 6.04
N LYS F 249 -25.95 48.23 4.73
CA LYS F 249 -26.72 47.55 3.70
C LYS F 249 -25.81 46.69 2.82
N PRO F 250 -26.32 45.57 2.28
CA PRO F 250 -27.69 45.04 2.41
C PRO F 250 -28.03 44.53 3.80
N GLY F 251 -27.05 44.08 4.58
CA GLY F 251 -27.27 43.74 5.96
C GLY F 251 -27.38 42.24 6.19
N LEU F 252 -27.60 41.90 7.46
CA LEU F 252 -27.66 40.50 7.88
C LEU F 252 -28.75 39.73 7.16
N GLY F 253 -29.78 40.42 6.65
CA GLY F 253 -30.85 39.72 5.96
C GLY F 253 -30.36 38.97 4.73
N LEU F 254 -29.29 39.45 4.10
CA LEU F 254 -28.75 38.76 2.94
C LEU F 254 -27.98 37.52 3.37
N VAL F 255 -27.10 37.67 4.35
CA VAL F 255 -26.36 36.49 4.87
C VAL F 255 -27.38 35.41 5.23
N GLU F 256 -28.46 35.78 5.89
CA GLU F 256 -29.45 34.80 6.33
C GLU F 256 -30.08 34.07 5.16
N LYS F 257 -30.36 34.78 4.06
CA LYS F 257 -30.99 34.14 2.91
C LYS F 257 -30.01 33.24 2.18
N LEU F 258 -28.76 33.69 2.02
CA LEU F 258 -27.76 32.86 1.37
C LEU F 258 -27.42 31.65 2.21
N SER F 259 -27.27 31.84 3.53
CA SER F 259 -26.97 30.72 4.41
C SER F 259 -28.06 29.66 4.35
N LEU F 260 -29.32 30.08 4.56
CA LEU F 260 -30.42 29.11 4.54
C LEU F 260 -30.73 28.62 3.14
N THR F 261 -30.25 29.30 2.10
CA THR F 261 -30.36 28.74 0.75
C THR F 261 -29.38 27.60 0.56
N LYS F 262 -28.14 27.78 1.01
CA LYS F 262 -27.17 26.69 0.96
C LYS F 262 -27.65 25.51 1.79
N LYS F 263 -28.03 25.76 3.04
CA LYS F 263 -28.42 24.67 3.93
C LYS F 263 -29.59 23.87 3.35
N GLU F 264 -30.64 24.56 2.89
CA GLU F 264 -31.80 23.86 2.37
C GLU F 264 -31.48 23.11 1.09
N LYS F 265 -30.59 23.66 0.25
CA LYS F 265 -30.24 23.01 -1.00
C LYS F 265 -29.36 21.79 -0.75
N ASN F 266 -28.33 21.94 0.10
CA ASN F 266 -27.42 20.83 0.33
C ASN F 266 -28.03 19.76 1.21
N ALA F 267 -28.92 20.14 2.14
CA ALA F 267 -29.59 19.13 2.95
C ALA F 267 -30.42 18.20 2.08
N LYS F 268 -30.92 18.69 0.95
CA LYS F 268 -31.65 17.83 0.02
C LYS F 268 -30.69 16.92 -0.74
N GLU F 269 -29.46 17.38 -1.00
CA GLU F 269 -28.45 16.50 -1.56
C GLU F 269 -28.08 15.40 -0.57
N ILE F 270 -27.90 15.76 0.70
CA ILE F 270 -27.59 14.76 1.72
C ILE F 270 -28.65 13.67 1.72
N GLU F 271 -29.93 14.06 1.68
CA GLU F 271 -31.00 13.07 1.71
C GLU F 271 -31.04 12.26 0.43
N HIS F 272 -30.60 12.83 -0.69
CA HIS F 272 -30.52 12.06 -1.93
C HIS F 272 -29.43 11.00 -1.86
N ARG F 273 -28.28 11.35 -1.30
CA ARG F 273 -27.19 10.38 -1.17
C ARG F 273 -27.60 9.24 -0.24
N LYS F 274 -28.15 9.58 0.93
CA LYS F 274 -28.68 8.55 1.83
C LYS F 274 -29.64 7.64 1.09
N GLU F 275 -30.44 8.19 0.18
CA GLU F 275 -31.48 7.41 -0.48
C GLU F 275 -30.89 6.37 -1.43
N ILE F 276 -29.82 6.72 -2.15
CA ILE F 276 -29.24 5.81 -3.13
C ILE F 276 -28.08 4.99 -2.55
N GLY F 277 -27.72 5.21 -1.29
CA GLY F 277 -26.74 4.38 -0.63
C GLY F 277 -25.34 4.94 -0.55
N LEU F 278 -25.16 6.26 -0.73
CA LEU F 278 -23.81 6.80 -0.62
C LEU F 278 -23.55 7.29 0.80
N PRO F 279 -22.30 7.26 1.24
CA PRO F 279 -21.99 7.68 2.62
C PRO F 279 -22.18 9.17 2.82
N VAL F 280 -22.65 9.54 4.01
CA VAL F 280 -22.78 10.98 4.36
C VAL F 280 -22.27 11.15 5.80
N PRO F 281 -21.58 12.26 6.14
CA PRO F 281 -21.02 12.44 7.48
C PRO F 281 -22.10 12.36 8.55
N TYR F 282 -21.74 11.78 9.69
CA TYR F 282 -22.66 11.64 10.82
C TYR F 282 -21.88 11.63 12.13
#